data_5GVK
#
_entry.id   5GVK
#
_cell.length_a   100.943
_cell.length_b   58.297
_cell.length_c   233.613
_cell.angle_alpha   90.000
_cell.angle_beta   90.020
_cell.angle_gamma   90.000
#
_symmetry.space_group_name_H-M   'C 1 2 1'
#
loop_
_entity.id
_entity.type
_entity.pdbx_description
1 polymer 'Serine hydroxymethyltransferase, putative'
2 non-polymer N-GLYCINE-[3-HYDROXY-2-METHYL-5-PHOSPHONOOXYMETHYL-PYRIDIN-4-YL-METHANE]
3 non-polymer 5-[3-[(4~{S})-6-azanyl-5-cyano-3-methyl-4-propan-2-yl-2~{H}-pyrano[2,3-c]pyrazol-4-yl]-5-cyano-phenyl]-~{N},~{N}-dimethyl-thiophene-2-sulfonamide
4 non-polymer 'CHLORIDE ION'
5 water water
#
_entity_poly.entity_id   1
_entity_poly.type   'polypeptide(L)'
_entity_poly.pdbx_seq_one_letter_code
;MFNNEPLEQIDKELHDILADEEKRQRETINLIASENLTNGAVRECLGNRVSNKYSEGYPKKRYYGGNDFIDKIEELCQKR
ALEAFNVSDEEWGVNVQPLSGSAANVQALYALVGVKGKIMGMHLCSGGHLTHGFFDEKKKVSITSDMFESKLYKCNSQGY
VDLDAVREMALSFKPKVIICGYTSYPRDIDYQQFRQICDEVNAYLFADISHISSFVACNILNNPFLHADVVTTTTHKILR
GPRSALIFFNKKRNPGIEQKINSAVFPSFQGGPHNNKIAAVACQLKEVHSPAFKEYTQQVLLNSKALAKALISKQIDLVT
NGTDNHLIVVDLRKFSITGSKLQETCNAINVSLNKNTIPSDVDCVSPSGVRIGTPAMTTRGAKEKDMEFIADVLARAIKI
TVDLQEQYGKKLVDFKKGLPGNAQLQQLKQEVVTWAGALPFP
;
_entity_poly.pdbx_strand_id   A,B,C
#
# COMPACT_ATOMS: atom_id res chain seq x y z
N MET A 1 6.96 -5.83 -21.48
CA MET A 1 8.45 -5.78 -21.52
C MET A 1 9.05 -6.98 -20.76
N PHE A 2 8.62 -8.17 -21.16
CA PHE A 2 9.02 -9.43 -20.53
C PHE A 2 9.09 -10.53 -21.59
N ASN A 3 9.51 -11.72 -21.16
CA ASN A 3 9.53 -12.88 -22.04
C ASN A 3 8.38 -13.86 -21.75
N ASN A 4 7.57 -14.16 -22.77
CA ASN A 4 6.41 -15.04 -22.58
C ASN A 4 6.52 -16.44 -23.23
N GLU A 5 7.70 -16.75 -23.78
CA GLU A 5 8.02 -18.08 -24.30
C GLU A 5 7.84 -19.11 -23.18
N PRO A 6 7.08 -20.22 -23.45
CA PRO A 6 6.94 -21.30 -22.46
C PRO A 6 8.29 -21.83 -21.98
N LEU A 7 8.27 -22.49 -20.82
CA LEU A 7 9.47 -22.96 -20.14
C LEU A 7 10.42 -23.74 -21.04
N GLU A 8 9.86 -24.69 -21.81
CA GLU A 8 10.63 -25.49 -22.76
C GLU A 8 11.47 -24.64 -23.74
N GLN A 9 10.84 -23.61 -24.31
CA GLN A 9 11.54 -22.69 -25.22
C GLN A 9 12.50 -21.72 -24.51
N ILE A 10 12.04 -21.07 -23.43
CA ILE A 10 12.83 -20.03 -22.72
C ILE A 10 14.07 -20.61 -22.03
N ASP A 11 13.95 -21.79 -21.45
CA ASP A 11 15.04 -22.42 -20.71
C ASP A 11 15.03 -23.92 -20.94
N LYS A 12 15.49 -24.33 -22.12
CA LYS A 12 15.58 -25.75 -22.49
C LYS A 12 16.47 -26.59 -21.56
N GLU A 13 17.61 -26.05 -21.13
CA GLU A 13 18.53 -26.74 -20.19
C GLU A 13 17.76 -27.24 -18.93
N LEU A 14 17.09 -26.29 -18.25
CA LEU A 14 16.36 -26.56 -17.02
C LEU A 14 15.14 -27.42 -17.26
N HIS A 15 14.42 -27.18 -18.36
CA HIS A 15 13.21 -27.96 -18.66
C HIS A 15 13.52 -29.44 -18.80
N ASP A 16 14.74 -29.76 -19.25
CA ASP A 16 15.18 -31.13 -19.41
C ASP A 16 15.34 -31.86 -18.10
N ILE A 17 16.12 -31.25 -17.19
CA ILE A 17 16.32 -31.78 -15.84
C ILE A 17 14.95 -32.05 -15.16
N LEU A 18 14.02 -31.13 -15.34
CA LEU A 18 12.64 -31.29 -14.83
C LEU A 18 11.88 -32.46 -15.46
N ALA A 19 12.03 -32.62 -16.77
CA ALA A 19 11.48 -33.79 -17.48
C ALA A 19 12.14 -35.08 -16.99
N ASP A 20 13.44 -35.00 -16.75
CA ASP A 20 14.23 -36.08 -16.17
C ASP A 20 13.78 -36.51 -14.77
N GLU A 21 13.61 -35.52 -13.89
CA GLU A 21 13.12 -35.70 -12.52
C GLU A 21 11.72 -36.32 -12.49
N GLU A 22 10.86 -35.86 -13.40
CA GLU A 22 9.50 -36.36 -13.53
C GLU A 22 9.46 -37.85 -13.91
N LYS A 23 10.38 -38.25 -14.80
CA LYS A 23 10.47 -39.65 -15.26
C LYS A 23 11.01 -40.51 -14.10
N ARG A 24 12.05 -40.02 -13.42
CA ARG A 24 12.60 -40.67 -12.24
C ARG A 24 11.54 -40.91 -11.15
N GLN A 25 10.70 -39.91 -10.88
CA GLN A 25 9.63 -40.01 -9.86
C GLN A 25 8.63 -41.09 -10.22
N ARG A 26 8.28 -41.10 -11.51
CA ARG A 26 7.32 -42.02 -12.10
C ARG A 26 7.80 -43.46 -12.03
N GLU A 27 9.12 -43.63 -12.08
CA GLU A 27 9.77 -44.91 -12.23
C GLU A 27 10.52 -45.35 -10.97
N THR A 28 10.20 -44.70 -9.85
CA THR A 28 10.78 -45.04 -8.54
C THR A 28 9.70 -45.68 -7.63
N ILE A 29 10.11 -46.66 -6.82
CA ILE A 29 9.32 -47.07 -5.65
C ILE A 29 9.73 -46.13 -4.50
N ASN A 30 8.85 -45.16 -4.21
CA ASN A 30 9.14 -44.11 -3.24
C ASN A 30 8.74 -44.52 -1.83
N LEU A 31 9.74 -44.80 -0.99
CA LEU A 31 9.51 -45.19 0.41
C LEU A 31 9.94 -44.13 1.42
N ILE A 32 10.19 -42.90 0.97
CA ILE A 32 10.51 -41.82 1.91
C ILE A 32 9.24 -41.51 2.71
N ALA A 33 9.32 -41.70 4.02
CA ALA A 33 8.15 -41.62 4.90
C ALA A 33 7.50 -40.23 4.86
N SER A 34 8.34 -39.20 4.73
CA SER A 34 7.93 -37.80 4.64
C SER A 34 7.55 -37.27 3.23
N GLU A 35 7.48 -38.13 2.23
CA GLU A 35 7.15 -37.63 0.88
C GLU A 35 5.79 -38.06 0.41
N ASN A 36 5.25 -37.28 -0.53
CA ASN A 36 3.99 -37.61 -1.15
C ASN A 36 3.96 -37.10 -2.59
N LEU A 37 2.81 -37.22 -3.25
CA LEU A 37 2.64 -36.71 -4.62
C LEU A 37 1.40 -35.85 -4.68
N THR A 38 1.59 -34.56 -4.93
CA THR A 38 0.51 -33.60 -5.06
C THR A 38 -0.21 -33.79 -6.39
N ASN A 39 -1.54 -33.72 -6.36
CA ASN A 39 -2.37 -33.72 -7.59
C ASN A 39 -2.14 -32.45 -8.42
N GLY A 40 -2.69 -32.42 -9.63
CA GLY A 40 -2.59 -31.25 -10.52
C GLY A 40 -3.20 -29.97 -9.95
N ALA A 41 -4.27 -30.12 -9.16
CA ALA A 41 -4.92 -29.00 -8.47
C ALA A 41 -3.97 -28.24 -7.54
N VAL A 42 -3.31 -28.96 -6.63
CA VAL A 42 -2.36 -28.35 -5.68
C VAL A 42 -1.23 -27.62 -6.43
N ARG A 43 -0.79 -28.19 -7.54
CA ARG A 43 0.27 -27.61 -8.36
C ARG A 43 -0.16 -26.42 -9.24
N GLU A 44 -1.43 -26.37 -9.63
CA GLU A 44 -2.01 -25.21 -10.31
C GLU A 44 -2.02 -23.98 -9.38
N CYS A 45 -2.25 -24.21 -8.09
CA CYS A 45 -2.22 -23.15 -7.07
C CYS A 45 -0.82 -22.61 -6.84
N LEU A 46 0.11 -23.54 -6.62
CA LEU A 46 1.51 -23.21 -6.39
C LEU A 46 2.11 -22.39 -7.50
N GLY A 47 1.57 -22.57 -8.71
CA GLY A 47 1.96 -21.82 -9.89
C GLY A 47 1.01 -20.69 -10.25
N ASN A 48 0.14 -20.28 -9.31
CA ASN A 48 -0.83 -19.19 -9.58
C ASN A 48 -0.21 -17.78 -9.42
N ARG A 49 -0.78 -16.80 -10.12
CA ARG A 49 -0.33 -15.39 -10.04
C ARG A 49 -0.52 -14.75 -8.66
N VAL A 50 -1.22 -15.44 -7.78
CA VAL A 50 -1.46 -15.02 -6.42
C VAL A 50 -0.15 -14.77 -5.63
N SER A 51 0.94 -15.45 -6.04
CA SER A 51 2.27 -15.25 -5.43
C SER A 51 2.92 -13.91 -5.78
N ASN A 52 2.29 -13.14 -6.66
CA ASN A 52 2.72 -11.75 -6.94
C ASN A 52 2.44 -10.77 -5.80
N LYS A 53 1.46 -11.11 -4.97
CA LYS A 53 0.97 -10.20 -3.95
C LYS A 53 1.79 -10.13 -2.68
N TYR A 54 2.16 -8.91 -2.28
CA TYR A 54 2.64 -8.64 -0.92
C TYR A 54 1.45 -8.39 0.01
N SER A 55 1.43 -9.09 1.13
CA SER A 55 0.31 -9.00 2.07
C SER A 55 0.72 -9.31 3.50
N GLU A 56 1.79 -8.66 3.94
CA GLU A 56 2.20 -8.67 5.33
C GLU A 56 1.08 -8.26 6.28
N GLY A 57 1.01 -8.91 7.42
CA GLY A 57 -0.09 -8.70 8.34
C GLY A 57 -1.08 -9.84 8.26
N TYR A 58 -2.32 -9.56 8.62
CA TYR A 58 -3.36 -10.59 8.66
C TYR A 58 -4.55 -10.10 7.85
N PRO A 59 -5.50 -10.99 7.50
CA PRO A 59 -6.64 -10.51 6.65
C PRO A 59 -7.42 -9.36 7.31
N LYS A 60 -7.69 -8.30 6.54
CA LYS A 60 -8.28 -6.98 6.99
C LYS A 60 -7.28 -6.02 7.66
N LYS A 61 -6.08 -6.53 7.98
CA LYS A 61 -5.08 -5.75 8.67
C LYS A 61 -3.73 -5.75 7.91
N ARG A 62 -3.83 -5.49 6.61
CA ARG A 62 -2.71 -5.57 5.68
C ARG A 62 -1.92 -4.26 5.56
N TYR A 63 -0.63 -4.39 5.29
CA TYR A 63 0.20 -3.21 5.09
C TYR A 63 0.26 -2.81 3.63
N TYR A 64 -0.64 -3.36 2.82
CA TYR A 64 -0.69 -3.08 1.38
C TYR A 64 -2.13 -2.98 0.87
N GLY A 65 -2.30 -2.20 -0.20
CA GLY A 65 -3.56 -2.10 -0.93
C GLY A 65 -3.79 -3.26 -1.90
N GLY A 66 -5.06 -3.50 -2.24
CA GLY A 66 -5.45 -4.52 -3.22
C GLY A 66 -5.35 -5.94 -2.71
N ASN A 67 -5.59 -6.12 -1.41
CA ASN A 67 -5.56 -7.42 -0.75
C ASN A 67 -6.92 -8.07 -0.46
N ASP A 68 -7.95 -7.66 -1.19
CA ASP A 68 -9.33 -8.13 -0.97
C ASP A 68 -9.49 -9.61 -1.31
N PHE A 69 -9.04 -10.03 -2.49
CA PHE A 69 -9.13 -11.44 -2.84
C PHE A 69 -8.14 -12.35 -2.04
N ILE A 70 -6.95 -11.82 -1.73
CA ILE A 70 -5.98 -12.51 -0.83
C ILE A 70 -6.54 -12.80 0.56
N ASP A 71 -7.27 -11.83 1.14
CA ASP A 71 -7.90 -12.02 2.46
C ASP A 71 -8.92 -13.16 2.42
N LYS A 72 -9.67 -13.27 1.33
CA LYS A 72 -10.62 -14.36 1.18
C LYS A 72 -9.93 -15.73 1.14
N ILE A 73 -8.81 -15.80 0.42
CA ILE A 73 -8.02 -17.02 0.33
C ILE A 73 -7.37 -17.34 1.65
N GLU A 74 -6.85 -16.35 2.37
CA GLU A 74 -6.24 -16.70 3.66
C GLU A 74 -7.29 -17.17 4.63
N GLU A 75 -8.46 -16.52 4.61
CA GLU A 75 -9.57 -16.86 5.53
C GLU A 75 -10.20 -18.21 5.28
N LEU A 76 -10.39 -18.55 4.01
CA LEU A 76 -10.84 -19.87 3.61
C LEU A 76 -9.88 -20.98 4.08
N CYS A 77 -8.56 -20.75 3.96
CA CYS A 77 -7.55 -21.75 4.37
C CYS A 77 -7.58 -22.04 5.86
N GLN A 78 -7.68 -20.99 6.68
CA GLN A 78 -7.78 -21.11 8.15
C GLN A 78 -9.05 -21.85 8.52
N LYS A 79 -10.15 -21.54 7.80
CA LYS A 79 -11.42 -22.21 7.99
C LYS A 79 -11.31 -23.72 7.69
N ARG A 80 -10.78 -24.04 6.51
CA ARG A 80 -10.65 -25.43 6.06
C ARG A 80 -9.70 -26.24 6.94
N ALA A 81 -8.73 -25.57 7.58
CA ALA A 81 -7.76 -26.20 8.48
C ALA A 81 -8.39 -26.64 9.79
N LEU A 82 -9.14 -25.74 10.39
CA LEU A 82 -9.86 -26.02 11.64
C LEU A 82 -10.96 -27.06 11.41
N GLU A 83 -11.59 -26.98 10.25
CA GLU A 83 -12.50 -28.02 9.76
C GLU A 83 -11.81 -29.39 9.77
N ALA A 84 -10.74 -29.52 8.96
CA ALA A 84 -9.98 -30.75 8.77
C ALA A 84 -9.53 -31.45 10.05
N PHE A 85 -9.20 -30.67 11.07
CA PHE A 85 -8.83 -31.27 12.35
C PHE A 85 -9.93 -31.31 13.40
N ASN A 86 -11.18 -31.14 12.96
CA ASN A 86 -12.36 -31.36 13.83
C ASN A 86 -12.25 -30.62 15.16
N VAL A 87 -11.98 -29.33 15.04
CA VAL A 87 -11.85 -28.41 16.14
C VAL A 87 -12.75 -27.23 15.82
N SER A 88 -13.38 -26.67 16.85
CA SER A 88 -14.28 -25.55 16.69
C SER A 88 -13.46 -24.27 16.57
N ASP A 89 -13.87 -23.39 15.65
CA ASP A 89 -13.18 -22.10 15.50
C ASP A 89 -13.26 -21.20 16.75
N GLU A 90 -14.09 -21.61 17.71
CA GLU A 90 -14.25 -20.87 18.98
C GLU A 90 -13.16 -21.28 19.96
N GLU A 91 -12.88 -22.58 20.05
CA GLU A 91 -11.84 -23.15 20.92
C GLU A 91 -10.37 -23.07 20.38
N TRP A 92 -10.20 -23.29 19.08
CA TRP A 92 -8.86 -23.38 18.48
C TRP A 92 -8.63 -22.32 17.42
N GLY A 93 -7.43 -21.76 17.40
CA GLY A 93 -7.02 -20.94 16.27
C GLY A 93 -5.86 -21.51 15.46
N VAL A 94 -5.66 -20.95 14.27
CA VAL A 94 -4.61 -21.40 13.40
C VAL A 94 -3.92 -20.24 12.65
N ASN A 95 -2.58 -20.29 12.65
CA ASN A 95 -1.79 -19.52 11.68
C ASN A 95 -1.36 -20.34 10.43
N VAL A 96 -1.74 -19.86 9.25
CA VAL A 96 -1.48 -20.55 7.98
C VAL A 96 -0.27 -19.96 7.24
N GLN A 97 0.46 -19.05 7.88
CA GLN A 97 1.54 -18.34 7.18
C GLN A 97 2.92 -19.02 7.22
N PRO A 98 3.22 -19.85 8.26
CA PRO A 98 4.60 -20.39 8.30
C PRO A 98 4.99 -21.12 7.03
N LEU A 99 6.18 -20.80 6.54
CA LEU A 99 6.63 -21.30 5.23
C LEU A 99 6.96 -22.78 5.19
N SER A 100 7.38 -23.34 6.31
CA SER A 100 7.69 -24.76 6.39
C SER A 100 7.65 -25.24 7.82
N GLY A 101 7.82 -26.55 8.00
CA GLY A 101 7.80 -27.16 9.29
C GLY A 101 8.76 -26.61 10.29
N SER A 102 10.00 -26.40 9.87
CA SER A 102 11.06 -25.97 10.79
C SER A 102 10.81 -24.53 11.24
N ALA A 103 10.35 -23.70 10.28
CA ALA A 103 9.90 -22.32 10.56
C ALA A 103 8.76 -22.29 11.59
N ALA A 104 7.67 -23.01 11.32
CA ALA A 104 6.51 -23.14 12.23
C ALA A 104 6.93 -23.52 13.63
N ASN A 105 7.81 -24.51 13.75
CA ASN A 105 8.24 -24.96 15.06
C ASN A 105 9.02 -23.88 15.82
N VAL A 106 9.88 -23.15 15.13
CA VAL A 106 10.75 -22.16 15.79
C VAL A 106 9.92 -20.97 16.22
N GLN A 107 9.03 -20.55 15.34
CA GLN A 107 8.08 -19.49 15.61
C GLN A 107 7.19 -19.86 16.82
N ALA A 108 6.58 -21.05 16.81
CA ALA A 108 5.71 -21.50 17.93
C ALA A 108 6.45 -21.61 19.26
N LEU A 109 7.66 -22.16 19.26
CA LEU A 109 8.43 -22.32 20.48
C LEU A 109 8.78 -20.97 21.10
N TYR A 110 9.12 -20.01 20.25
CA TYR A 110 9.47 -18.68 20.71
C TYR A 110 8.26 -17.94 21.30
N ALA A 111 7.10 -18.03 20.62
CA ALA A 111 5.84 -17.49 21.10
C ALA A 111 5.61 -17.91 22.54
N LEU A 112 5.87 -19.19 22.84
CA LEU A 112 5.65 -19.78 24.16
C LEU A 112 6.72 -19.46 25.18
N VAL A 113 8.00 -19.54 24.81
CA VAL A 113 9.08 -19.44 25.80
C VAL A 113 9.99 -18.22 25.71
N GLY A 114 10.19 -17.70 24.49
CA GLY A 114 11.14 -16.63 24.28
C GLY A 114 12.61 -17.04 24.35
N VAL A 115 13.49 -16.05 24.18
CA VAL A 115 14.91 -16.30 24.08
C VAL A 115 15.41 -16.75 25.44
N LYS A 116 16.27 -17.76 25.44
CA LYS A 116 16.78 -18.41 26.65
C LYS A 116 15.74 -19.32 27.31
N GLY A 117 14.49 -19.32 26.80
CA GLY A 117 13.41 -20.19 27.29
C GLY A 117 13.71 -21.69 27.23
N LYS A 118 13.11 -22.45 28.16
CA LYS A 118 13.43 -23.87 28.37
C LYS A 118 12.45 -24.79 27.64
N ILE A 119 13.00 -25.76 26.89
CA ILE A 119 12.18 -26.70 26.09
C ILE A 119 12.68 -28.15 26.22
N MET A 120 11.77 -29.09 26.05
CA MET A 120 12.11 -30.51 26.11
C MET A 120 11.63 -31.19 24.85
N GLY A 121 12.46 -32.08 24.33
CA GLY A 121 12.18 -32.76 23.08
C GLY A 121 12.83 -34.12 23.02
N MET A 122 12.28 -35.00 22.19
CA MET A 122 12.89 -36.29 21.93
C MET A 122 14.13 -36.10 21.08
N HIS A 123 15.15 -36.89 21.41
CA HIS A 123 16.45 -36.85 20.76
C HIS A 123 16.29 -37.33 19.33
N LEU A 124 17.07 -36.73 18.43
CA LEU A 124 17.05 -37.08 17.01
C LEU A 124 17.21 -38.58 16.76
N CYS A 125 18.24 -39.18 17.39
CA CYS A 125 18.53 -40.65 17.31
C CYS A 125 17.36 -41.54 17.72
N SER A 126 16.56 -41.05 18.66
CA SER A 126 15.39 -41.74 19.17
C SER A 126 14.11 -41.46 18.35
N GLY A 127 14.25 -40.63 17.33
CA GLY A 127 13.12 -40.32 16.44
C GLY A 127 12.59 -38.91 16.49
N GLY A 128 13.22 -38.05 17.29
CA GLY A 128 12.88 -36.64 17.39
C GLY A 128 13.36 -35.80 16.21
N HIS A 129 12.76 -34.62 16.02
CA HIS A 129 13.18 -33.73 14.95
C HIS A 129 14.28 -32.82 15.40
N LEU A 130 15.02 -32.29 14.43
CA LEU A 130 16.03 -31.25 14.67
C LEU A 130 15.50 -30.08 15.47
N THR A 131 14.29 -29.61 15.12
CA THR A 131 13.68 -28.42 15.72
C THR A 131 13.08 -28.69 17.11
N HIS A 132 13.34 -29.89 17.64
CA HIS A 132 12.89 -30.25 18.97
C HIS A 132 14.05 -30.11 19.97
N GLY A 133 14.96 -29.17 19.69
CA GLY A 133 16.02 -28.84 20.62
C GLY A 133 17.32 -29.58 20.40
N PHE A 134 17.47 -30.19 19.22
CA PHE A 134 18.63 -31.03 18.95
C PHE A 134 19.98 -30.33 19.05
N PHE A 135 20.87 -30.96 19.81
CA PHE A 135 22.27 -30.57 19.86
C PHE A 135 23.14 -31.81 20.07
N ASP A 136 24.46 -31.61 19.94
CA ASP A 136 25.51 -32.62 20.09
C ASP A 136 26.49 -32.08 21.12
N GLU A 137 27.29 -32.97 21.72
CA GLU A 137 28.41 -32.57 22.60
C GLU A 137 29.27 -31.43 22.00
N LYS A 138 29.52 -31.50 20.69
CA LYS A 138 30.35 -30.54 19.93
C LYS A 138 29.72 -29.17 19.64
N LYS A 139 28.46 -29.14 19.17
CA LYS A 139 27.83 -27.89 18.72
C LYS A 139 26.32 -27.86 18.93
N LYS A 140 25.78 -26.66 19.10
CA LYS A 140 24.33 -26.43 19.15
C LYS A 140 23.75 -26.43 17.74
N VAL A 141 23.43 -27.63 17.28
CA VAL A 141 23.12 -27.93 15.87
C VAL A 141 21.88 -27.18 15.33
N SER A 142 20.81 -27.21 16.10
CA SER A 142 19.61 -26.51 15.76
C SER A 142 19.56 -25.20 16.53
N ILE A 143 19.00 -24.16 15.93
CA ILE A 143 18.68 -22.91 16.64
C ILE A 143 17.83 -23.20 17.89
N THR A 144 17.03 -24.27 17.85
CA THR A 144 16.17 -24.63 18.99
C THR A 144 16.96 -25.09 20.20
N SER A 145 18.24 -25.41 20.02
CA SER A 145 19.12 -25.70 21.16
C SER A 145 19.97 -24.48 21.54
N ASP A 146 19.94 -23.45 20.70
CA ASP A 146 20.76 -22.25 20.89
C ASP A 146 19.99 -21.03 21.40
N MET A 147 18.94 -20.63 20.67
CA MET A 147 18.09 -19.53 21.10
C MET A 147 17.19 -19.93 22.26
N PHE A 148 17.13 -21.24 22.51
CA PHE A 148 16.43 -21.84 23.64
C PHE A 148 17.42 -22.67 24.45
N GLU A 149 17.08 -22.91 25.71
CA GLU A 149 17.81 -23.86 26.54
C GLU A 149 17.03 -25.17 26.48
N SER A 150 17.64 -26.19 25.87
CA SER A 150 16.95 -27.45 25.62
C SER A 150 17.65 -28.65 26.26
N LYS A 151 16.83 -29.65 26.60
CA LYS A 151 17.29 -30.91 27.14
C LYS A 151 16.51 -32.01 26.42
N LEU A 152 17.17 -33.14 26.13
CA LEU A 152 16.60 -34.14 25.21
C LEU A 152 16.33 -35.50 25.82
N TYR A 153 15.11 -36.01 25.62
CA TYR A 153 14.77 -37.33 26.14
C TYR A 153 14.89 -38.43 25.10
N LYS A 154 15.59 -39.50 25.48
CA LYS A 154 15.82 -40.65 24.63
C LYS A 154 14.80 -41.70 25.00
N CYS A 155 14.35 -42.45 24.00
CA CYS A 155 13.47 -43.62 24.18
C CYS A 155 14.25 -44.77 24.78
N ASN A 156 13.54 -45.75 25.34
CA ASN A 156 14.15 -46.97 25.89
C ASN A 156 14.81 -47.84 24.83
N SER A 157 15.58 -48.85 25.25
CA SER A 157 16.26 -49.78 24.33
C SER A 157 15.33 -50.52 23.35
N GLN A 158 14.07 -50.73 23.74
CA GLN A 158 13.06 -51.35 22.86
C GLN A 158 12.58 -50.37 21.79
N GLY A 159 12.97 -49.09 21.93
CA GLY A 159 12.61 -48.05 20.97
C GLY A 159 11.31 -47.31 21.21
N TYR A 160 10.71 -47.47 22.39
CA TYR A 160 9.44 -46.77 22.76
C TYR A 160 9.76 -45.58 23.66
N VAL A 161 8.98 -44.50 23.54
CA VAL A 161 9.07 -43.38 24.47
C VAL A 161 9.06 -43.89 25.92
N ASP A 162 10.03 -43.43 26.70
CA ASP A 162 10.07 -43.75 28.11
C ASP A 162 9.44 -42.61 28.88
N LEU A 163 8.14 -42.73 29.12
CA LEU A 163 7.35 -41.73 29.85
C LEU A 163 7.91 -41.43 31.24
N ASP A 164 8.41 -42.48 31.92
CA ASP A 164 9.11 -42.33 33.21
C ASP A 164 10.25 -41.33 33.13
N ALA A 165 11.13 -41.54 32.15
CA ALA A 165 12.26 -40.65 31.86
C ALA A 165 11.83 -39.20 31.58
N VAL A 166 10.73 -39.04 30.83
CA VAL A 166 10.17 -37.72 30.49
C VAL A 166 9.78 -36.91 31.75
N ARG A 167 9.03 -37.55 32.67
CA ARG A 167 8.71 -36.97 33.98
C ARG A 167 9.95 -36.65 34.83
N GLU A 168 10.81 -37.65 35.04
CA GLU A 168 12.09 -37.44 35.74
C GLU A 168 12.78 -36.18 35.21
N MET A 169 12.90 -36.10 33.87
CA MET A 169 13.49 -34.94 33.20
C MET A 169 12.70 -33.66 33.42
N ALA A 170 11.39 -33.72 33.23
CA ALA A 170 10.54 -32.55 33.45
C ALA A 170 10.59 -31.96 34.89
N LEU A 171 10.69 -32.83 35.90
CA LEU A 171 10.69 -32.40 37.32
C LEU A 171 11.96 -31.67 37.74
N SER A 172 13.13 -32.20 37.37
CA SER A 172 14.39 -31.53 37.69
C SER A 172 14.67 -30.31 36.79
N PHE A 173 14.41 -30.45 35.49
CA PHE A 173 14.77 -29.42 34.48
C PHE A 173 13.78 -28.25 34.40
N LYS A 174 12.50 -28.51 34.74
CA LYS A 174 11.43 -27.50 34.84
C LYS A 174 11.19 -26.70 33.53
N PRO A 175 10.93 -27.41 32.41
CA PRO A 175 10.81 -26.75 31.11
C PRO A 175 9.51 -25.95 31.04
N LYS A 176 9.42 -25.04 30.08
CA LYS A 176 8.17 -24.32 29.84
C LYS A 176 7.33 -24.96 28.73
N VAL A 177 7.99 -25.80 27.91
CA VAL A 177 7.35 -26.51 26.82
C VAL A 177 7.92 -27.93 26.77
N ILE A 178 7.05 -28.91 26.51
CA ILE A 178 7.48 -30.28 26.21
C ILE A 178 6.95 -30.66 24.83
N ILE A 179 7.87 -31.12 23.98
CA ILE A 179 7.53 -31.46 22.60
C ILE A 179 7.35 -32.97 22.49
N CYS A 180 6.24 -33.37 21.88
CA CYS A 180 5.99 -34.74 21.52
C CYS A 180 5.47 -34.72 20.09
N GLY A 181 5.38 -35.89 19.45
CA GLY A 181 5.09 -35.99 17.98
C GLY A 181 6.43 -35.88 17.22
N TYR A 182 6.70 -36.80 16.29
CA TYR A 182 8.09 -37.09 15.95
C TYR A 182 8.38 -37.29 14.48
N THR A 183 9.65 -37.42 14.14
CA THR A 183 10.02 -37.59 12.72
C THR A 183 10.20 -39.04 12.30
N SER A 184 10.78 -39.85 13.16
CA SER A 184 10.92 -41.27 12.82
C SER A 184 10.53 -42.19 13.96
N TYR A 185 9.38 -41.90 14.56
CA TYR A 185 8.76 -42.74 15.57
C TYR A 185 7.61 -43.54 14.94
N PRO A 186 7.71 -44.89 14.98
CA PRO A 186 6.70 -45.81 14.38
C PRO A 186 5.48 -46.13 15.28
N ARG A 187 5.49 -45.59 16.50
CA ARG A 187 4.34 -45.82 17.39
C ARG A 187 3.49 -44.56 17.70
N ASP A 188 2.24 -44.79 18.08
CA ASP A 188 1.34 -43.72 18.49
C ASP A 188 1.81 -43.14 19.83
N ILE A 189 1.23 -42.00 20.21
CA ILE A 189 1.69 -41.18 21.34
C ILE A 189 0.60 -41.05 22.43
N ASP A 190 1.01 -41.26 23.67
CA ASP A 190 0.11 -41.03 24.79
C ASP A 190 0.18 -39.55 25.16
N TYR A 191 -0.62 -38.77 24.45
CA TYR A 191 -0.74 -37.34 24.71
C TYR A 191 -1.30 -37.09 26.08
N GLN A 192 -2.30 -37.89 26.47
CA GLN A 192 -2.92 -37.75 27.80
C GLN A 192 -1.84 -37.76 28.86
N GLN A 193 -0.88 -38.68 28.74
CA GLN A 193 0.24 -38.78 29.68
C GLN A 193 1.15 -37.58 29.58
N PHE A 194 1.35 -37.08 28.37
CA PHE A 194 2.17 -35.90 28.21
C PHE A 194 1.50 -34.72 28.92
N ARG A 195 0.19 -34.61 28.74
CA ARG A 195 -0.63 -33.56 29.37
C ARG A 195 -0.54 -33.59 30.92
N GLN A 196 -0.67 -34.79 31.49
CA GLN A 196 -0.41 -35.05 32.91
C GLN A 196 0.95 -34.50 33.38
N ILE A 197 2.01 -34.73 32.59
CA ILE A 197 3.38 -34.36 33.00
C ILE A 197 3.59 -32.85 32.89
N CYS A 198 2.94 -32.25 31.90
CA CYS A 198 3.01 -30.81 31.68
C CYS A 198 2.25 -30.01 32.75
N ASP A 199 1.04 -30.46 33.08
CA ASP A 199 0.26 -29.97 34.23
C ASP A 199 1.05 -29.95 35.56
N GLU A 200 1.88 -30.97 35.76
CA GLU A 200 2.66 -31.14 36.98
C GLU A 200 3.75 -30.08 37.14
N VAL A 201 4.28 -29.59 36.03
CA VAL A 201 5.42 -28.66 36.01
C VAL A 201 5.02 -27.28 35.46
N ASN A 202 3.73 -27.15 35.11
CA ASN A 202 3.15 -25.95 34.45
C ASN A 202 3.81 -25.57 33.10
N ALA A 203 4.08 -26.60 32.31
CA ALA A 203 4.65 -26.46 30.96
C ALA A 203 3.56 -26.57 29.90
N TYR A 204 3.74 -25.84 28.80
CA TYR A 204 2.90 -26.01 27.62
C TYR A 204 3.11 -27.40 27.00
N LEU A 205 2.05 -27.97 26.44
CA LEU A 205 2.15 -29.20 25.66
C LEU A 205 2.12 -28.93 24.17
N PHE A 206 3.28 -29.17 23.55
CA PHE A 206 3.52 -28.99 22.12
C PHE A 206 3.46 -30.36 21.42
N ALA A 207 2.54 -30.50 20.48
CA ALA A 207 2.49 -31.69 19.64
C ALA A 207 2.76 -31.37 18.17
N ASP A 208 3.83 -31.97 17.64
CA ASP A 208 4.21 -31.78 16.24
C ASP A 208 3.77 -33.05 15.57
N ILE A 209 2.75 -32.94 14.73
CA ILE A 209 2.08 -34.10 14.16
C ILE A 209 2.28 -34.20 12.64
N SER A 210 3.34 -33.54 12.14
CA SER A 210 3.65 -33.47 10.71
C SER A 210 3.64 -34.83 10.02
N HIS A 211 4.26 -35.82 10.65
CA HIS A 211 4.29 -37.17 10.10
C HIS A 211 2.98 -37.94 10.13
N ILE A 212 2.11 -37.58 11.08
CA ILE A 212 0.93 -38.39 11.38
C ILE A 212 -0.38 -37.60 11.22
N SER A 213 -0.29 -36.43 10.60
CA SER A 213 -1.40 -35.46 10.57
C SER A 213 -2.69 -36.04 10.01
N SER A 214 -2.59 -36.74 8.89
CA SER A 214 -3.73 -37.40 8.26
C SER A 214 -4.47 -38.35 9.18
N PHE A 215 -3.73 -39.19 9.91
CA PHE A 215 -4.31 -40.08 10.92
C PHE A 215 -5.13 -39.32 11.96
N VAL A 216 -4.55 -38.24 12.50
CA VAL A 216 -5.20 -37.39 13.49
C VAL A 216 -6.49 -36.81 12.90
N ALA A 217 -6.40 -36.29 11.69
CA ALA A 217 -7.53 -35.71 10.97
C ALA A 217 -8.69 -36.68 10.73
N CYS A 218 -8.36 -37.92 10.41
CA CYS A 218 -9.34 -38.95 10.05
C CYS A 218 -9.73 -39.83 11.25
N ASN A 219 -9.30 -39.43 12.44
CA ASN A 219 -9.55 -40.15 13.70
C ASN A 219 -9.06 -41.60 13.80
N ILE A 220 -8.04 -41.93 13.01
CA ILE A 220 -7.42 -43.25 13.01
C ILE A 220 -6.42 -43.43 14.15
N LEU A 221 -5.68 -42.38 14.49
CA LEU A 221 -4.78 -42.44 15.66
C LEU A 221 -5.20 -41.46 16.77
N ASN A 222 -4.49 -41.46 17.89
CA ASN A 222 -4.74 -40.53 18.97
C ASN A 222 -4.84 -39.07 18.52
N ASN A 223 -5.75 -38.34 19.15
CA ASN A 223 -5.95 -36.92 18.84
C ASN A 223 -5.22 -36.03 19.84
N PRO A 224 -4.17 -35.33 19.39
CA PRO A 224 -3.47 -34.46 20.33
C PRO A 224 -4.26 -33.20 20.70
N PHE A 225 -5.26 -32.81 19.90
CA PHE A 225 -6.04 -31.59 20.15
C PHE A 225 -6.84 -31.66 21.45
N LEU A 226 -7.18 -32.88 21.87
CA LEU A 226 -7.84 -33.13 23.13
C LEU A 226 -7.02 -32.65 24.31
N HIS A 227 -5.69 -32.64 24.18
CA HIS A 227 -4.81 -32.32 25.32
C HIS A 227 -3.81 -31.18 25.09
N ALA A 228 -3.38 -31.02 23.84
CA ALA A 228 -2.28 -30.09 23.51
C ALA A 228 -2.64 -28.60 23.61
N ASP A 229 -1.65 -27.82 24.00
CA ASP A 229 -1.71 -26.37 23.89
C ASP A 229 -1.38 -25.89 22.47
N VAL A 230 -0.34 -26.49 21.88
CA VAL A 230 0.07 -26.15 20.54
C VAL A 230 0.17 -27.41 19.68
N VAL A 231 -0.44 -27.33 18.49
CA VAL A 231 -0.26 -28.37 17.49
C VAL A 231 0.32 -27.72 16.23
N THR A 232 1.49 -28.20 15.81
CA THR A 232 2.07 -27.83 14.49
C THR A 232 2.11 -29.03 13.56
N THR A 233 2.08 -28.73 12.28
CA THR A 233 2.18 -29.75 11.26
C THR A 233 2.53 -29.12 9.92
N THR A 234 3.36 -29.84 9.19
CA THR A 234 3.64 -29.51 7.79
C THR A 234 2.46 -29.95 6.95
N THR A 235 2.36 -29.44 5.72
CA THR A 235 1.29 -29.82 4.83
C THR A 235 1.71 -30.79 3.69
N HIS A 236 3.01 -31.09 3.59
CA HIS A 236 3.56 -31.83 2.43
C HIS A 236 3.75 -33.34 2.61
N LYS A 237 3.61 -33.83 3.84
CA LYS A 237 3.87 -35.23 4.07
C LYS A 237 2.60 -36.08 3.84
N ILE A 238 2.15 -36.75 4.89
CA ILE A 238 1.00 -37.65 4.78
C ILE A 238 -0.25 -36.88 4.38
N LEU A 239 -0.33 -35.61 4.80
CA LEU A 239 -1.41 -34.69 4.42
C LEU A 239 -1.53 -34.46 2.91
N ARG A 240 -0.41 -34.61 2.19
CA ARG A 240 -0.38 -34.55 0.70
C ARG A 240 -0.71 -33.15 0.15
N GLY A 241 -0.44 -32.11 0.93
CA GLY A 241 -0.53 -30.73 0.46
C GLY A 241 0.79 -30.20 -0.07
N PRO A 242 0.89 -28.86 -0.24
CA PRO A 242 2.15 -28.27 -0.71
C PRO A 242 3.16 -28.23 0.42
N ARG A 243 4.33 -27.68 0.15
CA ARG A 243 5.34 -27.55 1.18
C ARG A 243 5.04 -26.28 1.96
N SER A 244 4.49 -26.46 3.16
CA SER A 244 4.09 -25.36 4.03
C SER A 244 3.85 -25.91 5.41
N ALA A 245 3.50 -25.04 6.36
CA ALA A 245 3.13 -25.47 7.70
C ALA A 245 1.95 -24.71 8.38
N LEU A 246 1.41 -25.33 9.43
CA LEU A 246 0.29 -24.80 10.23
C LEU A 246 0.64 -24.81 11.70
N ILE A 247 0.32 -23.71 12.39
CA ILE A 247 0.38 -23.68 13.85
C ILE A 247 -1.04 -23.55 14.44
N PHE A 248 -1.43 -24.54 15.24
CA PHE A 248 -2.67 -24.55 15.98
C PHE A 248 -2.44 -24.20 17.45
N PHE A 249 -3.29 -23.31 17.97
CA PHE A 249 -3.18 -22.90 19.37
C PHE A 249 -4.54 -23.02 20.06
N ASN A 250 -4.51 -23.53 21.30
CA ASN A 250 -5.72 -23.67 22.10
C ASN A 250 -6.06 -22.35 22.81
N LYS A 251 -6.98 -21.59 22.21
CA LYS A 251 -7.49 -20.34 22.77
C LYS A 251 -8.11 -20.52 24.17
N LYS A 252 -8.89 -21.59 24.34
CA LYS A 252 -9.60 -21.90 25.59
C LYS A 252 -8.66 -22.21 26.77
N ARG A 253 -7.60 -22.95 26.51
CA ARG A 253 -6.63 -23.32 27.55
C ARG A 253 -5.72 -22.12 27.84
N ASN A 254 -5.50 -21.29 26.82
CA ASN A 254 -4.57 -20.16 26.93
C ASN A 254 -5.13 -18.94 26.20
N PRO A 255 -5.83 -18.04 26.93
CA PRO A 255 -6.29 -16.82 26.29
C PRO A 255 -5.07 -15.90 26.00
N GLY A 256 -5.10 -15.22 24.87
CA GLY A 256 -3.97 -14.38 24.45
C GLY A 256 -2.76 -15.16 23.92
N ILE A 257 -2.94 -16.46 23.68
CA ILE A 257 -1.99 -17.25 22.88
C ILE A 257 -2.11 -16.85 21.41
N GLU A 258 -3.31 -16.49 20.98
CA GLU A 258 -3.59 -16.12 19.60
C GLU A 258 -2.66 -15.02 19.11
N GLN A 259 -2.54 -13.97 19.93
CA GLN A 259 -1.74 -12.81 19.62
C GLN A 259 -0.25 -13.17 19.68
N LYS A 260 0.16 -13.94 20.70
CA LYS A 260 1.55 -14.44 20.83
C LYS A 260 2.05 -15.23 19.60
N ILE A 261 1.25 -16.19 19.13
CA ILE A 261 1.61 -17.03 17.99
C ILE A 261 1.62 -16.19 16.74
N ASN A 262 0.61 -15.35 16.56
CA ASN A 262 0.49 -14.55 15.36
C ASN A 262 1.59 -13.49 15.20
N SER A 263 2.03 -12.92 16.32
CA SER A 263 3.07 -11.90 16.27
C SER A 263 4.47 -12.56 16.17
N ALA A 264 4.62 -13.76 16.74
CA ALA A 264 5.77 -14.62 16.50
C ALA A 264 5.95 -14.94 15.01
N VAL A 265 4.85 -15.27 14.32
CA VAL A 265 4.94 -15.53 12.88
C VAL A 265 5.26 -14.24 12.12
N PHE A 266 4.47 -13.19 12.39
CA PHE A 266 4.71 -11.87 11.84
C PHE A 266 4.42 -10.85 12.91
N PRO A 267 5.34 -9.95 13.22
CA PRO A 267 6.54 -9.71 12.42
C PRO A 267 7.84 -10.21 13.06
N SER A 268 7.73 -11.12 14.03
CA SER A 268 8.92 -11.60 14.71
C SER A 268 9.91 -12.27 13.73
N PHE A 269 9.40 -13.14 12.84
CA PHE A 269 10.23 -14.02 12.00
C PHE A 269 10.04 -13.83 10.49
N GLN A 270 8.81 -13.67 10.03
CA GLN A 270 8.52 -13.63 8.61
C GLN A 270 8.12 -12.24 8.13
N GLY A 271 8.20 -12.02 6.82
CA GLY A 271 7.73 -10.85 6.11
C GLY A 271 6.50 -11.26 5.35
N GLY A 272 6.52 -11.08 4.03
CA GLY A 272 5.32 -11.34 3.20
C GLY A 272 4.95 -12.79 3.07
N PRO A 273 3.67 -13.15 3.27
CA PRO A 273 3.24 -14.55 3.14
C PRO A 273 3.35 -15.08 1.70
N HIS A 274 3.50 -16.38 1.57
CA HIS A 274 3.52 -16.99 0.24
C HIS A 274 2.12 -17.46 -0.12
N ASN A 275 1.43 -16.60 -0.87
CA ASN A 275 -0.02 -16.77 -1.12
C ASN A 275 -0.37 -17.98 -1.95
N ASN A 276 0.51 -18.37 -2.88
CA ASN A 276 0.37 -19.61 -3.64
C ASN A 276 0.41 -20.83 -2.72
N LYS A 277 1.24 -20.76 -1.69
CA LYS A 277 1.29 -21.80 -0.66
C LYS A 277 -0.06 -21.90 0.00
N ILE A 278 -0.55 -20.79 0.53
CA ILE A 278 -1.81 -20.72 1.28
C ILE A 278 -3.00 -21.19 0.41
N ALA A 279 -3.02 -20.71 -0.83
CA ALA A 279 -3.98 -21.15 -1.81
C ALA A 279 -3.96 -22.68 -1.98
N ALA A 280 -2.76 -23.27 -2.08
CA ALA A 280 -2.62 -24.72 -2.22
C ALA A 280 -3.01 -25.49 -0.97
N VAL A 281 -2.66 -24.94 0.19
CA VAL A 281 -3.04 -25.55 1.45
C VAL A 281 -4.57 -25.59 1.52
N ALA A 282 -5.22 -24.51 1.08
CA ALA A 282 -6.68 -24.43 1.13
C ALA A 282 -7.30 -25.55 0.31
N CYS A 283 -6.83 -25.69 -0.92
CA CYS A 283 -7.27 -26.73 -1.87
C CYS A 283 -7.12 -28.15 -1.33
N GLN A 284 -5.99 -28.43 -0.67
CA GLN A 284 -5.74 -29.78 -0.19
C GLN A 284 -6.59 -30.10 1.03
N LEU A 285 -6.81 -29.07 1.85
CA LEU A 285 -7.59 -29.23 3.07
C LEU A 285 -9.06 -29.58 2.84
N LYS A 286 -9.62 -29.16 1.70
CA LYS A 286 -10.97 -29.61 1.32
C LYS A 286 -10.97 -31.13 1.13
N GLU A 287 -9.99 -31.62 0.38
CA GLU A 287 -9.80 -33.06 0.16
C GLU A 287 -9.53 -33.81 1.46
N VAL A 288 -8.80 -33.23 2.40
CA VAL A 288 -8.54 -33.87 3.72
C VAL A 288 -9.83 -34.26 4.46
N HIS A 289 -10.84 -33.38 4.41
CA HIS A 289 -12.11 -33.56 5.16
C HIS A 289 -13.07 -34.64 4.63
N SER A 290 -13.03 -34.87 3.32
CA SER A 290 -13.88 -35.87 2.65
C SER A 290 -13.64 -37.32 3.17
N PRO A 291 -14.71 -38.17 3.15
CA PRO A 291 -14.51 -39.57 3.57
C PRO A 291 -13.60 -40.36 2.62
N ALA A 292 -13.42 -39.83 1.40
CA ALA A 292 -12.53 -40.40 0.39
C ALA A 292 -11.04 -40.39 0.78
N PHE A 293 -10.59 -39.33 1.44
CA PHE A 293 -9.20 -39.18 1.88
C PHE A 293 -8.95 -40.03 3.10
N LYS A 294 -10.01 -40.21 3.90
CA LYS A 294 -10.03 -41.10 5.04
C LYS A 294 -9.74 -42.52 4.57
N GLU A 295 -10.26 -42.86 3.40
CA GLU A 295 -10.03 -44.18 2.79
C GLU A 295 -8.54 -44.35 2.48
N TYR A 296 -7.98 -43.34 1.81
CA TYR A 296 -6.55 -43.28 1.49
C TYR A 296 -5.69 -43.44 2.76
N THR A 297 -6.03 -42.69 3.81
CA THR A 297 -5.25 -42.72 5.04
C THR A 297 -5.29 -44.12 5.66
N GLN A 298 -6.47 -44.75 5.60
CA GLN A 298 -6.64 -46.11 6.09
C GLN A 298 -5.82 -47.08 5.28
N GLN A 299 -5.77 -46.87 3.97
CA GLN A 299 -4.94 -47.68 3.09
C GLN A 299 -3.45 -47.56 3.46
N VAL A 300 -3.04 -46.36 3.89
CA VAL A 300 -1.65 -46.10 4.30
C VAL A 300 -1.28 -47.02 5.45
N LEU A 301 -2.06 -47.00 6.52
CA LEU A 301 -1.87 -47.92 7.64
C LEU A 301 -1.93 -49.39 7.22
N LEU A 302 -2.89 -49.73 6.35
CA LEU A 302 -3.06 -51.13 5.89
C LEU A 302 -1.82 -51.61 5.17
N ASN A 303 -1.24 -50.74 4.33
CA ASN A 303 0.03 -51.00 3.62
C ASN A 303 1.22 -51.06 4.56
N SER A 304 1.21 -50.20 5.57
CA SER A 304 2.28 -50.13 6.56
C SER A 304 2.34 -51.34 7.48
N LYS A 305 1.16 -51.81 7.88
CA LYS A 305 1.02 -53.02 8.68
C LYS A 305 1.50 -54.22 7.87
N ALA A 306 1.00 -54.32 6.64
CA ALA A 306 1.35 -55.42 5.73
C ALA A 306 2.82 -55.43 5.43
N LEU A 307 3.42 -54.26 5.19
CA LEU A 307 4.83 -54.18 4.82
C LEU A 307 5.71 -54.59 5.99
N ALA A 308 5.35 -54.11 7.18
CA ALA A 308 5.98 -54.57 8.42
C ALA A 308 5.95 -56.08 8.55
N LYS A 309 4.78 -56.68 8.29
CA LYS A 309 4.56 -58.12 8.42
C LYS A 309 5.43 -58.88 7.43
N ALA A 310 5.40 -58.44 6.16
CA ALA A 310 6.19 -59.08 5.10
C ALA A 310 7.69 -59.02 5.39
N LEU A 311 8.16 -57.92 5.98
CA LEU A 311 9.58 -57.79 6.27
C LEU A 311 10.01 -58.71 7.41
N ILE A 312 9.17 -58.80 8.46
CA ILE A 312 9.38 -59.73 9.58
C ILE A 312 9.38 -61.19 9.11
N SER A 313 8.46 -61.51 8.21
CA SER A 313 8.37 -62.83 7.57
C SER A 313 9.64 -63.23 6.80
N LYS A 314 10.42 -62.23 6.39
CA LYS A 314 11.74 -62.41 5.75
C LYS A 314 12.88 -62.13 6.73
N GLN A 315 12.62 -62.27 8.03
CA GLN A 315 13.65 -62.17 9.07
C GLN A 315 14.43 -60.84 9.11
N ILE A 316 13.71 -59.76 8.78
CA ILE A 316 14.23 -58.40 8.90
C ILE A 316 13.64 -57.82 10.18
N ASP A 317 14.53 -57.34 11.05
CA ASP A 317 14.19 -56.67 12.30
C ASP A 317 13.71 -55.23 12.12
N LEU A 318 12.71 -54.87 12.95
CA LEU A 318 12.07 -53.58 12.98
C LEU A 318 12.13 -53.00 14.39
N VAL A 319 12.35 -51.70 14.47
CA VAL A 319 12.37 -50.97 15.72
C VAL A 319 10.95 -50.99 16.25
N THR A 320 10.82 -51.36 17.52
CA THR A 320 9.52 -51.64 18.17
C THR A 320 8.81 -52.88 17.60
N ASN A 321 9.47 -53.60 16.67
CA ASN A 321 8.94 -54.81 16.00
C ASN A 321 7.64 -54.64 15.22
N GLY A 322 7.35 -53.41 14.84
CA GLY A 322 6.19 -53.12 14.03
C GLY A 322 5.94 -51.63 14.01
N THR A 323 4.70 -51.28 13.71
CA THR A 323 4.31 -49.90 13.49
C THR A 323 2.81 -49.67 13.77
N ASP A 324 2.51 -48.50 14.35
CA ASP A 324 1.13 -48.07 14.51
C ASP A 324 0.69 -47.13 13.41
N ASN A 325 1.65 -46.67 12.62
CA ASN A 325 1.39 -45.61 11.65
C ASN A 325 1.93 -45.98 10.28
N HIS A 326 2.26 -44.94 9.49
CA HIS A 326 2.72 -44.99 8.09
C HIS A 326 4.20 -45.40 7.87
N LEU A 327 4.98 -45.49 8.96
CA LEU A 327 6.41 -45.64 8.85
C LEU A 327 7.00 -46.81 9.63
N ILE A 328 8.10 -47.33 9.10
CA ILE A 328 8.87 -48.40 9.74
C ILE A 328 10.34 -48.00 9.75
N VAL A 329 11.03 -48.39 10.81
CA VAL A 329 12.49 -48.27 10.87
C VAL A 329 13.05 -49.68 10.90
N VAL A 330 13.89 -49.99 9.90
CA VAL A 330 14.49 -51.29 9.74
C VAL A 330 15.85 -51.24 10.43
N ASP A 331 16.05 -52.13 11.39
CA ASP A 331 17.31 -52.28 12.09
C ASP A 331 18.15 -53.23 11.23
N LEU A 332 19.30 -52.74 10.76
CA LEU A 332 20.15 -53.51 9.86
C LEU A 332 21.37 -54.18 10.54
N ARG A 333 21.37 -54.23 11.88
CA ARG A 333 22.53 -54.76 12.59
C ARG A 333 22.86 -56.22 12.24
N LYS A 334 21.86 -57.08 12.17
CA LYS A 334 22.10 -58.52 11.89
C LYS A 334 22.77 -58.76 10.52
N PHE A 335 22.71 -57.74 9.66
CA PHE A 335 23.29 -57.84 8.34
C PHE A 335 24.68 -57.17 8.29
N SER A 336 25.07 -56.59 9.42
CA SER A 336 26.33 -55.82 9.56
C SER A 336 26.57 -54.75 8.43
N ILE A 337 25.48 -54.16 7.93
CA ILE A 337 25.53 -53.07 6.95
C ILE A 337 24.90 -51.80 7.54
N THR A 338 25.28 -50.65 6.96
CA THR A 338 24.78 -49.34 7.36
C THR A 338 23.55 -48.94 6.54
N GLY A 339 22.84 -47.93 7.04
CA GLY A 339 21.73 -47.34 6.31
C GLY A 339 22.25 -46.63 5.06
N SER A 340 23.38 -45.93 5.23
CA SER A 340 24.05 -45.20 4.15
C SER A 340 24.34 -46.09 2.95
N LYS A 341 24.88 -47.29 3.20
CA LYS A 341 25.14 -48.25 2.13
C LYS A 341 23.84 -48.70 1.45
N LEU A 342 22.79 -48.94 2.26
CA LEU A 342 21.50 -49.42 1.75
C LEU A 342 20.75 -48.38 0.98
N GLN A 343 20.91 -47.12 1.39
CA GLN A 343 20.36 -46.01 0.63
C GLN A 343 20.93 -45.96 -0.81
N GLU A 344 22.26 -46.16 -0.93
CA GLU A 344 22.94 -46.15 -2.23
C GLU A 344 22.41 -47.27 -3.13
N THR A 345 22.40 -48.50 -2.59
CA THR A 345 21.89 -49.67 -3.31
C THR A 345 20.45 -49.43 -3.78
N CYS A 346 19.60 -48.89 -2.89
CA CYS A 346 18.22 -48.60 -3.23
C CYS A 346 18.11 -47.49 -4.29
N ASN A 347 18.96 -46.47 -4.17
CA ASN A 347 18.99 -45.42 -5.20
C ASN A 347 19.39 -46.01 -6.57
N ALA A 348 20.37 -46.92 -6.59
CA ALA A 348 20.79 -47.62 -7.83
C ALA A 348 19.66 -48.45 -8.50
N ILE A 349 18.67 -48.85 -7.71
CA ILE A 349 17.52 -49.59 -8.22
C ILE A 349 16.22 -48.79 -8.33
N ASN A 350 16.28 -47.47 -8.22
CA ASN A 350 15.06 -46.62 -8.13
C ASN A 350 14.15 -46.88 -6.91
N VAL A 351 14.76 -47.10 -5.75
CA VAL A 351 13.99 -47.21 -4.53
C VAL A 351 14.43 -46.04 -3.66
N SER A 352 13.49 -45.15 -3.40
CA SER A 352 13.79 -43.99 -2.59
C SER A 352 13.49 -44.27 -1.13
N LEU A 353 14.52 -44.13 -0.30
CA LEU A 353 14.37 -44.27 1.13
C LEU A 353 15.41 -43.39 1.78
N ASN A 354 15.47 -43.37 3.11
CA ASN A 354 16.55 -42.69 3.80
C ASN A 354 17.14 -43.51 4.93
N LYS A 355 18.42 -43.28 5.17
CA LYS A 355 19.10 -43.84 6.31
C LYS A 355 18.51 -43.24 7.56
N ASN A 356 18.48 -44.03 8.61
CA ASN A 356 17.91 -43.61 9.87
C ASN A 356 18.68 -44.25 11.02
N THR A 357 18.81 -43.50 12.12
CA THR A 357 19.42 -44.01 13.33
C THR A 357 18.51 -45.07 13.99
N ILE A 358 19.08 -45.84 14.90
CA ILE A 358 18.33 -46.72 15.78
C ILE A 358 18.72 -46.36 17.25
N PRO A 359 17.98 -46.87 18.27
CA PRO A 359 18.26 -46.51 19.67
C PRO A 359 19.69 -46.81 20.12
N SER A 360 20.25 -47.94 19.70
CA SER A 360 21.64 -48.29 19.99
C SER A 360 22.69 -47.31 19.38
N ASP A 361 22.37 -46.65 18.27
CA ASP A 361 23.33 -45.77 17.57
C ASP A 361 23.79 -44.59 18.44
N VAL A 362 25.08 -44.32 18.38
CA VAL A 362 25.73 -43.25 19.15
C VAL A 362 26.33 -42.22 18.16
N ASP A 363 26.52 -42.65 16.91
CA ASP A 363 27.10 -41.82 15.87
C ASP A 363 26.10 -41.65 14.71
N CYS A 364 25.82 -40.39 14.37
CA CYS A 364 24.83 -40.01 13.34
C CYS A 364 25.29 -40.27 11.91
N VAL A 365 26.59 -40.10 11.66
CA VAL A 365 27.25 -40.68 10.49
C VAL A 365 27.51 -42.14 10.90
N SER A 366 27.52 -43.06 9.93
CA SER A 366 27.52 -44.52 10.21
C SER A 366 26.31 -44.98 11.10
N PRO A 367 25.06 -44.87 10.58
CA PRO A 367 23.86 -45.31 11.31
C PRO A 367 23.38 -46.72 10.92
N SER A 368 22.57 -47.33 11.78
CA SER A 368 22.25 -48.75 11.63
C SER A 368 20.90 -49.09 11.03
N GLY A 369 20.20 -48.10 10.48
CA GLY A 369 18.93 -48.38 9.86
C GLY A 369 18.55 -47.56 8.66
N VAL A 370 17.45 -47.97 8.05
CA VAL A 370 16.78 -47.15 7.09
C VAL A 370 15.39 -46.87 7.64
N ARG A 371 14.76 -45.78 7.20
CA ARG A 371 13.36 -45.55 7.47
C ARG A 371 12.56 -45.70 6.16
N ILE A 372 11.39 -46.30 6.24
CA ILE A 372 10.47 -46.41 5.12
C ILE A 372 9.07 -45.99 5.55
N GLY A 373 8.25 -45.65 4.57
CA GLY A 373 6.87 -45.30 4.84
C GLY A 373 6.02 -45.51 3.65
N THR A 374 4.72 -45.69 3.88
CA THR A 374 3.78 -45.99 2.80
C THR A 374 2.97 -44.87 2.10
N PRO A 375 2.96 -43.61 2.61
CA PRO A 375 2.02 -42.62 2.02
C PRO A 375 2.13 -42.40 0.50
N ALA A 376 3.36 -42.29 -0.02
CA ALA A 376 3.57 -42.08 -1.46
C ALA A 376 3.03 -43.23 -2.34
N MET A 377 3.46 -44.47 -2.04
CA MET A 377 3.07 -45.62 -2.85
C MET A 377 1.58 -45.96 -2.73
N THR A 378 1.01 -45.61 -1.58
CA THR A 378 -0.41 -45.73 -1.34
C THR A 378 -1.17 -44.75 -2.23
N THR A 379 -0.57 -43.57 -2.44
CA THR A 379 -1.11 -42.54 -3.34
C THR A 379 -1.14 -43.07 -4.78
N ARG A 380 -0.15 -43.89 -5.13
CA ARG A 380 -0.06 -44.47 -6.46
C ARG A 380 -0.94 -45.70 -6.68
N GLY A 381 -1.70 -46.09 -5.65
CA GLY A 381 -2.67 -47.17 -5.75
C GLY A 381 -2.23 -48.55 -5.28
N ALA A 382 -1.04 -48.66 -4.71
CA ALA A 382 -0.54 -49.92 -4.18
C ALA A 382 -1.32 -50.38 -2.93
N LYS A 383 -1.69 -51.64 -2.93
CA LYS A 383 -2.48 -52.22 -1.88
C LYS A 383 -1.61 -53.18 -1.09
N GLU A 384 -2.20 -53.85 -0.10
CA GLU A 384 -1.46 -54.76 0.80
C GLU A 384 -0.70 -55.89 0.10
N LYS A 385 -1.30 -56.43 -0.95
CA LYS A 385 -0.69 -57.45 -1.82
C LYS A 385 0.64 -57.00 -2.41
N ASP A 386 0.70 -55.70 -2.76
CA ASP A 386 1.87 -55.08 -3.37
C ASP A 386 3.04 -54.97 -2.40
N MET A 387 2.73 -55.02 -1.11
CA MET A 387 3.71 -54.81 -0.05
C MET A 387 4.72 -55.93 0.07
N GLU A 388 4.30 -57.16 -0.24
CA GLU A 388 5.18 -58.33 -0.29
C GLU A 388 6.27 -58.09 -1.34
N PHE A 389 5.85 -57.58 -2.50
CA PHE A 389 6.80 -57.17 -3.55
C PHE A 389 7.86 -56.15 -3.08
N ILE A 390 7.42 -55.11 -2.37
CA ILE A 390 8.32 -54.05 -1.85
C ILE A 390 9.28 -54.65 -0.81
N ALA A 391 8.72 -55.45 0.10
CA ALA A 391 9.51 -56.26 0.99
C ALA A 391 10.54 -57.15 0.26
N ASP A 392 10.12 -57.82 -0.82
CA ASP A 392 11.03 -58.67 -1.65
C ASP A 392 12.21 -57.85 -2.22
N VAL A 393 11.89 -56.70 -2.82
CA VAL A 393 12.89 -55.79 -3.38
C VAL A 393 13.85 -55.28 -2.27
N LEU A 394 13.30 -54.91 -1.12
CA LEU A 394 14.14 -54.45 0.01
C LEU A 394 15.06 -55.55 0.50
N ALA A 395 14.51 -56.76 0.62
CA ALA A 395 15.24 -57.95 0.99
C ALA A 395 16.44 -58.21 0.03
N ARG A 396 16.14 -58.22 -1.26
CA ARG A 396 17.17 -58.45 -2.29
C ARG A 396 18.21 -57.34 -2.28
N ALA A 397 17.77 -56.11 -2.03
CA ALA A 397 18.70 -54.99 -1.91
C ALA A 397 19.61 -55.16 -0.72
N ILE A 398 19.07 -55.70 0.39
CA ILE A 398 19.89 -55.90 1.58
C ILE A 398 20.98 -56.92 1.28
N LYS A 399 20.58 -58.05 0.70
CA LYS A 399 21.48 -59.10 0.26
C LYS A 399 22.60 -58.59 -0.69
N ILE A 400 22.21 -57.88 -1.76
CA ILE A 400 23.19 -57.29 -2.68
C ILE A 400 24.18 -56.37 -1.96
N THR A 401 23.67 -55.64 -0.96
CA THR A 401 24.51 -54.77 -0.16
C THR A 401 25.54 -55.53 0.68
N VAL A 402 25.14 -56.71 1.13
CA VAL A 402 26.01 -57.59 1.91
C VAL A 402 27.15 -58.14 1.01
N ASP A 403 26.76 -58.61 -0.17
CA ASP A 403 27.68 -59.13 -1.19
C ASP A 403 28.68 -58.09 -1.64
N LEU A 404 28.17 -56.91 -2.01
CA LEU A 404 29.02 -55.81 -2.48
C LEU A 404 30.01 -55.32 -1.43
N GLN A 405 29.61 -55.38 -0.15
CA GLN A 405 30.48 -55.00 0.95
C GLN A 405 31.59 -56.03 1.12
N GLU A 406 31.24 -57.30 0.89
CA GLU A 406 32.17 -58.41 0.94
C GLU A 406 33.29 -58.25 -0.09
N GLN A 407 32.89 -57.88 -1.32
CA GLN A 407 33.81 -57.67 -2.44
C GLN A 407 34.68 -56.42 -2.32
N TYR A 408 34.05 -55.29 -1.97
CA TYR A 408 34.69 -53.99 -2.04
C TYR A 408 35.13 -53.38 -0.71
N GLY A 409 34.64 -53.93 0.41
CA GLY A 409 35.01 -53.47 1.75
C GLY A 409 34.00 -52.56 2.44
N LYS A 410 34.35 -52.13 3.65
CA LYS A 410 33.47 -51.36 4.53
C LYS A 410 33.37 -49.87 4.17
N LYS A 411 34.33 -49.34 3.41
CA LYS A 411 34.31 -47.92 3.02
C LYS A 411 33.24 -47.63 1.96
N LEU A 412 32.52 -46.52 2.13
CA LEU A 412 31.37 -46.15 1.28
C LEU A 412 31.81 -45.83 -0.15
N VAL A 413 32.95 -45.15 -0.28
CA VAL A 413 33.55 -44.85 -1.59
C VAL A 413 33.93 -46.16 -2.29
N ASP A 414 34.51 -47.08 -1.53
CA ASP A 414 34.81 -48.41 -2.02
C ASP A 414 33.54 -49.16 -2.42
N PHE A 415 32.52 -49.05 -1.56
CA PHE A 415 31.23 -49.70 -1.77
C PHE A 415 30.53 -49.27 -3.08
N LYS A 416 30.53 -47.97 -3.36
CA LYS A 416 29.86 -47.40 -4.56
C LYS A 416 30.48 -47.87 -5.88
N LYS A 417 31.76 -48.21 -5.85
CA LYS A 417 32.52 -48.78 -6.97
C LYS A 417 31.79 -50.00 -7.52
N GLY A 418 31.15 -50.76 -6.62
CA GLY A 418 30.40 -51.97 -6.98
C GLY A 418 29.05 -51.81 -7.66
N LEU A 419 28.45 -50.63 -7.56
CA LEU A 419 27.06 -50.42 -8.02
C LEU A 419 26.91 -50.33 -9.55
N PRO A 420 27.75 -49.55 -10.25
CA PRO A 420 27.49 -49.49 -11.69
C PRO A 420 27.80 -50.80 -12.40
N GLY A 421 26.94 -51.15 -13.36
CA GLY A 421 27.04 -52.38 -14.13
C GLY A 421 26.73 -53.72 -13.47
N ASN A 422 26.41 -53.71 -12.16
CA ASN A 422 26.04 -54.93 -11.41
C ASN A 422 24.82 -55.59 -12.04
N ALA A 423 24.99 -56.84 -12.45
CA ALA A 423 23.96 -57.61 -13.15
C ALA A 423 22.66 -57.78 -12.34
N GLN A 424 22.78 -58.02 -11.03
CA GLN A 424 21.59 -58.16 -10.16
C GLN A 424 20.85 -56.83 -9.94
N LEU A 425 21.60 -55.77 -9.64
CA LEU A 425 21.05 -54.42 -9.53
C LEU A 425 20.30 -53.96 -10.78
N GLN A 426 20.87 -54.26 -11.95
CA GLN A 426 20.23 -53.97 -13.24
C GLN A 426 18.90 -54.72 -13.41
N GLN A 427 18.89 -56.02 -13.11
CA GLN A 427 17.67 -56.84 -13.17
C GLN A 427 16.64 -56.36 -12.13
N LEU A 428 17.13 -55.99 -10.95
CA LEU A 428 16.26 -55.47 -9.90
C LEU A 428 15.68 -54.10 -10.27
N LYS A 429 16.52 -53.18 -10.75
CA LYS A 429 16.06 -51.87 -11.24
C LYS A 429 14.99 -52.05 -12.33
N GLN A 430 15.27 -52.93 -13.29
CA GLN A 430 14.36 -53.26 -14.38
C GLN A 430 13.03 -53.70 -13.78
N GLU A 431 13.07 -54.60 -12.80
CA GLU A 431 11.88 -55.01 -12.05
C GLU A 431 11.15 -53.83 -11.37
N VAL A 432 11.91 -52.98 -10.68
CA VAL A 432 11.36 -51.79 -10.00
C VAL A 432 10.68 -50.83 -10.99
N VAL A 433 11.46 -50.41 -11.99
CA VAL A 433 11.06 -49.47 -13.04
C VAL A 433 9.81 -49.98 -13.77
N THR A 434 9.81 -51.27 -14.15
CA THR A 434 8.68 -51.91 -14.85
C THR A 434 7.41 -51.74 -14.05
N TRP A 435 7.46 -52.07 -12.76
CA TRP A 435 6.28 -51.98 -11.94
C TRP A 435 5.91 -50.55 -11.57
N ALA A 436 6.91 -49.75 -11.16
CA ALA A 436 6.68 -48.35 -10.78
C ALA A 436 6.08 -47.51 -11.90
N GLY A 437 6.62 -47.67 -13.12
CA GLY A 437 6.24 -46.86 -14.28
C GLY A 437 4.81 -47.01 -14.73
N ALA A 438 4.17 -48.10 -14.31
CA ALA A 438 2.79 -48.47 -14.67
C ALA A 438 1.73 -47.93 -13.74
N LEU A 439 2.12 -47.55 -12.53
CA LEU A 439 1.19 -47.12 -11.50
C LEU A 439 0.58 -45.77 -11.81
N PRO A 440 -0.68 -45.51 -11.34
CA PRO A 440 -1.26 -44.17 -11.46
C PRO A 440 -0.31 -43.09 -10.90
N PHE A 441 -0.15 -42.03 -11.69
CA PHE A 441 0.82 -40.98 -11.40
C PHE A 441 0.17 -39.59 -11.52
N PRO A 442 -0.04 -38.91 -10.37
CA PRO A 442 -0.63 -37.58 -10.42
C PRO A 442 0.39 -36.55 -10.90
N MET B 1 -4.75 -43.60 -6.22
CA MET B 1 -5.74 -43.31 -5.14
C MET B 1 -5.76 -41.81 -4.80
N PHE B 2 -5.84 -41.01 -5.85
CA PHE B 2 -5.92 -39.54 -5.75
C PHE B 2 -7.05 -38.99 -6.62
N ASN B 3 -7.43 -37.74 -6.39
CA ASN B 3 -8.37 -37.03 -7.27
C ASN B 3 -7.64 -36.11 -8.26
N ASN B 4 -7.77 -36.38 -9.56
CA ASN B 4 -6.99 -35.65 -10.57
C ASN B 4 -7.72 -34.60 -11.41
N GLU B 5 -9.00 -34.36 -11.12
CA GLU B 5 -9.79 -33.28 -11.73
C GLU B 5 -9.05 -31.94 -11.63
N PRO B 6 -9.14 -31.08 -12.68
CA PRO B 6 -8.52 -29.74 -12.60
C PRO B 6 -9.16 -28.86 -11.53
N LEU B 7 -8.40 -27.87 -11.09
CA LEU B 7 -8.76 -27.01 -9.96
C LEU B 7 -10.16 -26.41 -10.05
N GLU B 8 -10.53 -25.98 -11.26
CA GLU B 8 -11.88 -25.48 -11.52
C GLU B 8 -12.96 -26.48 -11.09
N GLN B 9 -12.82 -27.74 -11.53
CA GLN B 9 -13.76 -28.79 -11.15
C GLN B 9 -13.64 -29.23 -9.68
N ILE B 10 -12.41 -29.50 -9.20
CA ILE B 10 -12.17 -29.99 -7.81
C ILE B 10 -12.55 -28.99 -6.73
N ASP B 11 -12.24 -27.71 -6.96
CA ASP B 11 -12.54 -26.67 -5.99
C ASP B 11 -13.02 -25.41 -6.68
N LYS B 12 -14.31 -25.41 -7.01
CA LYS B 12 -14.97 -24.28 -7.70
C LYS B 12 -14.92 -22.98 -6.88
N GLU B 13 -15.22 -23.08 -5.58
CA GLU B 13 -15.11 -21.95 -4.64
C GLU B 13 -13.76 -21.21 -4.73
N LEU B 14 -12.67 -21.98 -4.62
CA LEU B 14 -11.31 -21.42 -4.62
C LEU B 14 -10.91 -20.95 -6.00
N HIS B 15 -11.26 -21.70 -7.03
CA HIS B 15 -10.91 -21.28 -8.40
C HIS B 15 -11.52 -19.92 -8.75
N ASP B 16 -12.64 -19.56 -8.10
CA ASP B 16 -13.31 -18.29 -8.38
C ASP B 16 -12.51 -17.10 -7.88
N ILE B 17 -12.06 -17.19 -6.63
CA ILE B 17 -11.24 -16.17 -5.99
C ILE B 17 -9.95 -15.91 -6.78
N LEU B 18 -9.28 -16.98 -7.20
CA LEU B 18 -8.07 -16.87 -8.04
C LEU B 18 -8.36 -16.22 -9.41
N ALA B 19 -9.49 -16.56 -10.01
CA ALA B 19 -9.97 -15.88 -11.23
C ALA B 19 -10.34 -14.42 -10.91
N ASP B 20 -10.94 -14.21 -9.74
CA ASP B 20 -11.21 -12.87 -9.21
C ASP B 20 -9.94 -12.05 -9.00
N GLU B 21 -8.95 -12.65 -8.33
CA GLU B 21 -7.64 -12.05 -8.05
C GLU B 21 -6.87 -11.75 -9.33
N GLU B 22 -6.93 -12.67 -10.29
CA GLU B 22 -6.30 -12.50 -11.58
C GLU B 22 -6.82 -11.27 -12.33
N LYS B 23 -8.15 -11.09 -12.35
CA LYS B 23 -8.78 -9.94 -13.01
C LYS B 23 -8.34 -8.61 -12.34
N ARG B 24 -8.38 -8.57 -11.00
CA ARG B 24 -7.87 -7.44 -10.22
C ARG B 24 -6.42 -7.02 -10.61
N GLN B 25 -5.52 -7.99 -10.77
CA GLN B 25 -4.12 -7.70 -11.11
C GLN B 25 -4.00 -7.04 -12.47
N ARG B 26 -4.81 -7.53 -13.40
CA ARG B 26 -4.86 -7.08 -14.79
C ARG B 26 -5.38 -5.65 -14.88
N GLU B 27 -6.30 -5.30 -13.97
CA GLU B 27 -7.02 -4.04 -13.99
C GLU B 27 -6.52 -3.05 -12.92
N THR B 28 -5.31 -3.26 -12.42
CA THR B 28 -4.73 -2.41 -11.38
C THR B 28 -3.46 -1.69 -11.89
N ILE B 29 -3.32 -0.43 -11.46
CA ILE B 29 -2.05 0.28 -11.55
C ILE B 29 -1.27 -0.10 -10.25
N ASN B 30 -0.30 -0.98 -10.44
CA ASN B 30 0.42 -1.56 -9.30
C ASN B 30 1.68 -0.79 -8.99
N LEU B 31 1.60 0.00 -7.92
CA LEU B 31 2.70 0.86 -7.51
C LEU B 31 3.40 0.35 -6.28
N ILE B 32 3.07 -0.87 -5.81
CA ILE B 32 3.81 -1.50 -4.71
C ILE B 32 5.25 -1.75 -5.16
N ALA B 33 6.18 -1.13 -4.44
CA ALA B 33 7.58 -1.00 -4.86
C ALA B 33 8.26 -2.35 -4.86
N SER B 34 7.81 -3.21 -3.95
CA SER B 34 8.33 -4.58 -3.78
C SER B 34 7.59 -5.64 -4.61
N GLU B 35 6.65 -5.26 -5.47
CA GLU B 35 5.95 -6.26 -6.27
C GLU B 35 6.41 -6.30 -7.70
N ASN B 36 6.09 -7.42 -8.36
CA ASN B 36 6.35 -7.60 -9.77
C ASN B 36 5.35 -8.62 -10.33
N LEU B 37 5.54 -8.99 -11.59
CA LEU B 37 4.71 -9.99 -12.25
C LEU B 37 5.63 -11.00 -12.89
N THR B 38 5.51 -12.25 -12.43
CA THR B 38 6.31 -13.37 -12.91
C THR B 38 5.77 -13.92 -14.23
N ASN B 39 6.65 -14.19 -15.18
CA ASN B 39 6.25 -14.79 -16.46
C ASN B 39 5.73 -16.23 -16.30
N GLY B 40 5.14 -16.78 -17.37
CA GLY B 40 4.62 -18.18 -17.39
C GLY B 40 5.64 -19.26 -17.02
N ALA B 41 6.90 -19.04 -17.42
CA ALA B 41 8.00 -19.96 -17.15
C ALA B 41 8.33 -20.09 -15.67
N VAL B 42 8.49 -18.96 -14.98
CA VAL B 42 8.73 -18.95 -13.53
C VAL B 42 7.60 -19.65 -12.77
N ARG B 43 6.36 -19.39 -13.16
CA ARG B 43 5.19 -20.04 -12.55
C ARG B 43 5.00 -21.52 -12.92
N GLU B 44 5.54 -21.94 -14.06
CA GLU B 44 5.58 -23.37 -14.40
C GLU B 44 6.54 -24.16 -13.52
N CYS B 45 7.63 -23.54 -13.08
CA CYS B 45 8.59 -24.17 -12.16
C CYS B 45 8.00 -24.32 -10.77
N LEU B 46 7.38 -23.24 -10.29
CA LEU B 46 6.72 -23.20 -8.98
C LEU B 46 5.64 -24.25 -8.79
N GLY B 47 5.00 -24.63 -9.91
CA GLY B 47 4.00 -25.68 -9.93
C GLY B 47 4.52 -27.04 -10.40
N ASN B 48 5.85 -27.21 -10.46
CA ASN B 48 6.45 -28.47 -10.97
C ASN B 48 6.53 -29.56 -9.90
N ARG B 49 6.55 -30.82 -10.32
CA ARG B 49 6.58 -31.98 -9.40
C ARG B 49 7.84 -32.08 -8.53
N VAL B 50 8.82 -31.26 -8.84
CA VAL B 50 10.06 -31.16 -8.10
C VAL B 50 9.84 -30.80 -6.60
N SER B 51 8.71 -30.16 -6.28
CA SER B 51 8.34 -29.86 -4.88
C SER B 51 7.97 -31.10 -4.05
N ASN B 52 7.80 -32.24 -4.72
CA ASN B 52 7.62 -33.55 -4.02
C ASN B 52 8.85 -34.05 -3.29
N LYS B 53 10.02 -33.58 -3.71
CA LYS B 53 11.27 -34.16 -3.22
C LYS B 53 11.77 -33.58 -1.91
N TYR B 54 12.06 -34.45 -0.94
CA TYR B 54 12.80 -34.09 0.29
C TYR B 54 14.29 -34.23 -0.01
N SER B 55 15.01 -33.16 0.26
CA SER B 55 16.42 -33.11 -0.10
C SER B 55 17.22 -32.25 0.84
N GLU B 56 17.02 -32.49 2.15
CA GLU B 56 17.84 -31.86 3.20
C GLU B 56 19.32 -32.06 2.98
N GLY B 57 20.08 -31.01 3.26
CA GLY B 57 21.52 -31.00 3.02
C GLY B 57 21.83 -30.15 1.79
N TYR B 58 22.87 -30.53 1.08
CA TYR B 58 23.41 -29.78 -0.05
C TYR B 58 23.73 -30.75 -1.18
N PRO B 59 23.84 -30.27 -2.45
CA PRO B 59 24.05 -31.24 -3.56
C PRO B 59 25.22 -32.22 -3.27
N LYS B 60 25.00 -33.51 -3.59
CA LYS B 60 25.96 -34.62 -3.30
C LYS B 60 26.10 -35.04 -1.82
N LYS B 61 25.39 -34.34 -0.94
CA LYS B 61 25.43 -34.61 0.50
C LYS B 61 24.00 -34.64 1.10
N ARG B 62 23.12 -35.36 0.42
CA ARG B 62 21.71 -35.46 0.75
C ARG B 62 21.39 -36.53 1.82
N TYR B 63 20.38 -36.25 2.63
CA TYR B 63 19.93 -37.21 3.63
C TYR B 63 18.83 -38.12 3.08
N TYR B 64 18.65 -38.10 1.76
CA TYR B 64 17.65 -38.93 1.09
C TYR B 64 18.21 -39.44 -0.23
N GLY B 65 17.73 -40.62 -0.65
CA GLY B 65 17.95 -41.11 -2.01
C GLY B 65 17.07 -40.38 -3.02
N GLY B 66 17.43 -40.48 -4.29
CA GLY B 66 16.57 -40.00 -5.37
C GLY B 66 16.78 -38.55 -5.73
N ASN B 67 17.91 -38.00 -5.27
CA ASN B 67 18.23 -36.59 -5.43
C ASN B 67 19.22 -36.21 -6.53
N ASP B 68 19.40 -37.08 -7.53
CA ASP B 68 20.33 -36.82 -8.63
C ASP B 68 19.91 -35.63 -9.50
N PHE B 69 18.66 -35.59 -9.92
CA PHE B 69 18.18 -34.47 -10.73
C PHE B 69 18.01 -33.16 -9.92
N ILE B 70 17.63 -33.30 -8.65
CA ILE B 70 17.54 -32.18 -7.68
C ILE B 70 18.90 -31.50 -7.44
N ASP B 71 19.96 -32.31 -7.35
CA ASP B 71 21.33 -31.79 -7.26
C ASP B 71 21.73 -30.96 -8.48
N LYS B 72 21.28 -31.36 -9.67
CA LYS B 72 21.57 -30.60 -10.90
C LYS B 72 20.83 -29.27 -10.92
N ILE B 73 19.55 -29.28 -10.54
CA ILE B 73 18.77 -28.04 -10.38
C ILE B 73 19.38 -27.11 -9.33
N GLU B 74 19.82 -27.63 -8.17
CA GLU B 74 20.37 -26.72 -7.17
C GLU B 74 21.69 -26.14 -7.63
N GLU B 75 22.53 -26.98 -8.26
CA GLU B 75 23.83 -26.53 -8.82
C GLU B 75 23.72 -25.49 -9.91
N LEU B 76 22.79 -25.70 -10.83
CA LEU B 76 22.48 -24.71 -11.86
C LEU B 76 22.05 -23.35 -11.28
N CYS B 77 21.22 -23.38 -10.22
CA CYS B 77 20.72 -22.16 -9.58
C CYS B 77 21.84 -21.32 -8.94
N GLN B 78 22.72 -21.98 -8.18
CA GLN B 78 23.88 -21.30 -7.54
C GLN B 78 24.83 -20.73 -8.57
N LYS B 79 25.04 -21.49 -9.66
CA LYS B 79 25.87 -21.03 -10.77
C LYS B 79 25.29 -19.75 -11.38
N ARG B 80 24.00 -19.78 -11.69
CA ARG B 80 23.32 -18.65 -12.33
C ARG B 80 23.22 -17.42 -11.42
N ALA B 81 23.20 -17.64 -10.10
CA ALA B 81 23.18 -16.54 -9.13
C ALA B 81 24.51 -15.80 -9.17
N LEU B 82 25.59 -16.55 -9.03
CA LEU B 82 26.95 -16.01 -9.08
C LEU B 82 27.24 -15.33 -10.42
N GLU B 83 26.78 -15.94 -11.51
CA GLU B 83 26.85 -15.30 -12.82
C GLU B 83 26.10 -13.95 -12.85
N ALA B 84 24.80 -13.96 -12.50
CA ALA B 84 23.95 -12.75 -12.48
C ALA B 84 24.55 -11.55 -11.77
N PHE B 85 25.19 -11.80 -10.63
CA PHE B 85 25.84 -10.71 -9.90
C PHE B 85 27.33 -10.54 -10.21
N ASN B 86 27.75 -11.07 -11.36
CA ASN B 86 29.14 -10.87 -11.87
C ASN B 86 30.21 -11.06 -10.79
N VAL B 87 30.14 -12.21 -10.14
CA VAL B 87 31.08 -12.59 -9.12
C VAL B 87 31.62 -13.95 -9.55
N SER B 88 32.91 -14.14 -9.31
CA SER B 88 33.54 -15.39 -9.68
C SER B 88 33.23 -16.41 -8.61
N ASP B 89 32.91 -17.64 -9.03
CA ASP B 89 32.62 -18.75 -8.10
C ASP B 89 33.77 -19.06 -7.14
N GLU B 90 34.94 -18.45 -7.41
CA GLU B 90 36.14 -18.63 -6.59
C GLU B 90 36.13 -17.70 -5.38
N GLU B 91 35.76 -16.44 -5.59
CA GLU B 91 35.69 -15.41 -4.54
C GLU B 91 34.40 -15.45 -3.67
N TRP B 92 33.28 -15.75 -4.31
CA TRP B 92 31.95 -15.64 -3.70
C TRP B 92 31.19 -16.95 -3.71
N GLY B 93 30.49 -17.24 -2.61
CA GLY B 93 29.56 -18.37 -2.60
C GLY B 93 28.12 -17.94 -2.39
N VAL B 94 27.21 -18.87 -2.65
CA VAL B 94 25.79 -18.61 -2.51
C VAL B 94 25.02 -19.82 -1.96
N ASN B 95 24.20 -19.54 -0.95
CA ASN B 95 23.14 -20.46 -0.54
C ASN B 95 21.80 -20.06 -1.19
N VAL B 96 21.18 -21.01 -1.90
CA VAL B 96 19.93 -20.77 -2.64
C VAL B 96 18.69 -21.37 -1.93
N GLN B 97 18.86 -21.83 -0.69
CA GLN B 97 17.75 -22.50 0.00
C GLN B 97 16.84 -21.60 0.85
N PRO B 98 17.28 -20.38 1.25
CA PRO B 98 16.40 -19.63 2.16
C PRO B 98 15.04 -19.36 1.55
N LEU B 99 14.01 -19.57 2.37
CA LEU B 99 12.65 -19.54 1.88
C LEU B 99 12.10 -18.16 1.54
N SER B 100 12.65 -17.11 2.16
CA SER B 100 12.23 -15.75 1.85
C SER B 100 13.23 -14.79 2.44
N GLY B 101 13.06 -13.51 2.12
CA GLY B 101 13.98 -12.48 2.57
C GLY B 101 14.23 -12.41 4.06
N SER B 102 13.16 -12.57 4.84
CA SER B 102 13.28 -12.45 6.29
C SER B 102 14.05 -13.64 6.87
N ALA B 103 13.73 -14.84 6.40
CA ALA B 103 14.47 -16.06 6.77
C ALA B 103 15.97 -15.93 6.48
N ALA B 104 16.30 -15.57 5.23
CA ALA B 104 17.69 -15.32 4.79
C ALA B 104 18.46 -14.38 5.71
N ASN B 105 17.83 -13.27 6.10
CA ASN B 105 18.49 -12.27 6.94
C ASN B 105 18.81 -12.79 8.33
N VAL B 106 17.88 -13.52 8.92
CA VAL B 106 18.01 -14.01 10.30
C VAL B 106 19.08 -15.09 10.34
N GLN B 107 19.01 -15.99 9.38
CA GLN B 107 20.00 -16.99 9.11
C GLN B 107 21.39 -16.35 8.93
N ALA B 108 21.55 -15.44 7.95
CA ALA B 108 22.87 -14.82 7.72
C ALA B 108 23.41 -14.05 8.91
N LEU B 109 22.52 -13.39 9.66
CA LEU B 109 22.95 -12.62 10.82
C LEU B 109 23.47 -13.55 11.91
N TYR B 110 22.77 -14.65 12.12
CA TYR B 110 23.17 -15.64 13.12
C TYR B 110 24.51 -16.32 12.78
N ALA B 111 24.67 -16.72 11.51
CA ALA B 111 25.94 -17.23 10.98
C ALA B 111 27.10 -16.34 11.43
N LEU B 112 26.90 -15.03 11.33
CA LEU B 112 27.93 -14.03 11.62
C LEU B 112 28.12 -13.70 13.08
N VAL B 113 27.04 -13.64 13.85
CA VAL B 113 27.12 -13.11 15.22
C VAL B 113 26.68 -14.06 16.35
N GLY B 114 25.85 -15.05 16.02
CA GLY B 114 25.21 -15.90 17.02
C GLY B 114 24.26 -15.19 17.99
N VAL B 115 23.74 -15.97 18.93
CA VAL B 115 22.76 -15.48 19.90
C VAL B 115 23.45 -14.47 20.79
N LYS B 116 22.72 -13.40 21.13
CA LYS B 116 23.22 -12.25 21.90
C LYS B 116 24.15 -11.34 21.08
N GLY B 117 24.56 -11.79 19.90
CA GLY B 117 25.45 -11.02 19.00
C GLY B 117 24.98 -9.60 18.71
N LYS B 118 25.93 -8.70 18.43
CA LYS B 118 25.63 -7.28 18.20
C LYS B 118 25.51 -6.89 16.72
N ILE B 119 24.44 -6.16 16.41
CA ILE B 119 24.12 -5.76 15.03
C ILE B 119 23.62 -4.30 14.94
N MET B 120 23.85 -3.70 13.78
CA MET B 120 23.43 -2.34 13.51
C MET B 120 22.65 -2.35 12.23
N GLY B 121 21.52 -1.68 12.25
CA GLY B 121 20.66 -1.59 11.09
C GLY B 121 19.98 -0.23 11.09
N MET B 122 19.50 0.18 9.91
CA MET B 122 18.70 1.39 9.81
C MET B 122 17.34 1.13 10.44
N HIS B 123 16.83 2.14 11.13
CA HIS B 123 15.53 2.13 11.77
C HIS B 123 14.45 2.06 10.70
N LEU B 124 13.37 1.34 11.04
CA LEU B 124 12.22 1.13 10.15
C LEU B 124 11.66 2.44 9.58
N CYS B 125 11.41 3.41 10.47
CA CYS B 125 10.88 4.76 10.14
C CYS B 125 11.76 5.53 9.16
N SER B 126 13.07 5.25 9.18
CA SER B 126 14.00 5.87 8.26
C SER B 126 14.15 5.07 6.97
N GLY B 127 13.44 3.95 6.86
CA GLY B 127 13.49 3.12 5.66
C GLY B 127 14.17 1.77 5.77
N GLY B 128 14.66 1.44 6.95
CA GLY B 128 15.21 0.09 7.22
C GLY B 128 14.14 -1.00 7.22
N HIS B 129 14.57 -2.25 7.10
CA HIS B 129 13.65 -3.40 7.19
C HIS B 129 13.42 -3.86 8.62
N LEU B 130 12.36 -4.64 8.83
CA LEU B 130 12.10 -5.25 10.15
C LEU B 130 13.25 -6.13 10.60
N THR B 131 13.81 -6.92 9.66
CA THR B 131 14.92 -7.82 9.97
C THR B 131 16.29 -7.14 10.16
N HIS B 132 16.31 -5.81 10.20
CA HIS B 132 17.55 -5.07 10.41
C HIS B 132 17.71 -4.65 11.88
N GLY B 133 17.05 -5.38 12.76
CA GLY B 133 17.14 -5.16 14.19
C GLY B 133 16.02 -4.35 14.80
N PHE B 134 14.91 -4.22 14.07
CA PHE B 134 13.79 -3.38 14.51
C PHE B 134 13.18 -3.72 15.86
N PHE B 135 13.05 -2.69 16.70
CA PHE B 135 12.26 -2.76 17.93
C PHE B 135 11.63 -1.40 18.25
N ASP B 136 10.85 -1.37 19.34
CA ASP B 136 10.24 -0.17 19.89
C ASP B 136 10.49 -0.18 21.40
N GLU B 137 10.35 0.99 22.04
CA GLU B 137 10.46 1.09 23.51
C GLU B 137 9.55 0.07 24.24
N LYS B 138 8.38 -0.19 23.65
CA LYS B 138 7.40 -1.15 24.18
C LYS B 138 7.77 -2.64 23.98
N LYS B 139 8.11 -3.03 22.75
CA LYS B 139 8.37 -4.46 22.44
C LYS B 139 9.51 -4.70 21.43
N LYS B 140 10.23 -5.80 21.62
CA LYS B 140 11.22 -6.28 20.66
C LYS B 140 10.53 -6.94 19.46
N VAL B 141 10.12 -6.10 18.52
CA VAL B 141 9.21 -6.45 17.42
C VAL B 141 9.75 -7.56 16.49
N SER B 142 11.01 -7.44 16.08
CA SER B 142 11.67 -8.44 15.29
C SER B 142 12.52 -9.33 16.19
N ILE B 143 12.64 -10.60 15.82
CA ILE B 143 13.59 -11.52 16.47
C ILE B 143 15.01 -10.96 16.36
N THR B 144 15.26 -10.15 15.33
CA THR B 144 16.57 -9.58 15.09
C THR B 144 16.94 -8.55 16.16
N SER B 145 15.96 -8.14 16.97
CA SER B 145 16.25 -7.27 18.12
C SER B 145 16.23 -8.07 19.41
N ASP B 146 15.81 -9.34 19.32
CA ASP B 146 15.67 -10.18 20.49
C ASP B 146 16.75 -11.26 20.65
N MET B 147 16.97 -12.03 19.58
CA MET B 147 17.99 -13.08 19.59
C MET B 147 19.37 -12.47 19.39
N PHE B 148 19.37 -11.23 18.88
CA PHE B 148 20.55 -10.40 18.76
C PHE B 148 20.35 -9.18 19.63
N GLU B 149 21.46 -8.50 19.95
CA GLU B 149 21.43 -7.17 20.57
C GLU B 149 21.59 -6.19 19.43
N SER B 150 20.60 -5.31 19.27
CA SER B 150 20.57 -4.40 18.13
C SER B 150 20.59 -2.94 18.54
N LYS B 151 21.08 -2.10 17.63
CA LYS B 151 21.04 -0.65 17.76
C LYS B 151 20.68 -0.09 16.38
N LEU B 152 19.85 0.95 16.37
CA LEU B 152 19.25 1.45 15.12
C LEU B 152 19.64 2.88 14.79
N TYR B 153 20.20 3.05 13.59
CA TYR B 153 20.60 4.39 13.14
C TYR B 153 19.54 5.01 12.26
N LYS B 154 19.31 6.30 12.49
CA LYS B 154 18.31 7.08 11.75
C LYS B 154 18.98 7.90 10.68
N CYS B 155 18.25 8.15 9.60
CA CYS B 155 18.66 9.10 8.57
C CYS B 155 18.44 10.53 9.07
N ASN B 156 19.10 11.50 8.42
CA ASN B 156 18.89 12.95 8.69
C ASN B 156 17.50 13.45 8.32
N SER B 157 17.18 14.68 8.73
CA SER B 157 15.87 15.28 8.47
C SER B 157 15.51 15.40 6.97
N GLN B 158 16.53 15.48 6.11
CA GLN B 158 16.34 15.49 4.65
C GLN B 158 15.97 14.10 4.12
N GLY B 159 16.22 13.07 4.93
CA GLY B 159 15.92 11.67 4.57
C GLY B 159 17.08 10.80 4.07
N TYR B 160 18.31 11.32 4.13
CA TYR B 160 19.52 10.63 3.66
C TYR B 160 20.22 9.91 4.80
N VAL B 161 20.88 8.79 4.51
CA VAL B 161 21.76 8.13 5.49
C VAL B 161 22.78 9.13 6.07
N ASP B 162 22.77 9.28 7.39
CA ASP B 162 23.78 10.08 8.08
C ASP B 162 24.97 9.20 8.47
N LEU B 163 25.98 9.20 7.60
CA LEU B 163 27.18 8.36 7.74
C LEU B 163 27.95 8.69 9.02
N ASP B 164 27.97 9.97 9.36
CA ASP B 164 28.53 10.47 10.64
C ASP B 164 27.91 9.75 11.85
N ALA B 165 26.58 9.69 11.88
CA ALA B 165 25.86 9.02 12.97
C ALA B 165 26.18 7.52 13.02
N VAL B 166 26.29 6.89 11.84
CA VAL B 166 26.64 5.45 11.74
C VAL B 166 27.96 5.15 12.45
N ARG B 167 28.98 5.93 12.12
CA ARG B 167 30.30 5.86 12.77
C ARG B 167 30.25 6.15 14.27
N GLU B 168 29.68 7.29 14.66
CA GLU B 168 29.45 7.61 16.08
C GLU B 168 28.86 6.40 16.82
N MET B 169 27.85 5.76 16.22
CA MET B 169 27.22 4.57 16.79
C MET B 169 28.13 3.37 16.86
N ALA B 170 28.74 3.02 15.72
CA ALA B 170 29.70 1.91 15.66
C ALA B 170 30.86 1.96 16.67
N LEU B 171 31.38 3.17 16.95
CA LEU B 171 32.48 3.36 17.89
C LEU B 171 32.05 3.10 19.34
N SER B 172 30.89 3.63 19.74
CA SER B 172 30.30 3.38 21.08
C SER B 172 29.80 1.94 21.26
N PHE B 173 29.03 1.47 20.28
CA PHE B 173 28.32 0.19 20.36
C PHE B 173 29.19 -1.03 20.02
N LYS B 174 30.17 -0.85 19.14
CA LYS B 174 31.13 -1.91 18.72
C LYS B 174 30.42 -3.16 18.15
N PRO B 175 29.57 -2.99 17.10
CA PRO B 175 28.78 -4.12 16.59
C PRO B 175 29.64 -5.14 15.87
N LYS B 176 29.10 -6.34 15.71
CA LYS B 176 29.78 -7.36 14.93
C LYS B 176 29.35 -7.32 13.46
N VAL B 177 28.18 -6.73 13.19
CA VAL B 177 27.66 -6.60 11.84
C VAL B 177 27.01 -5.23 11.67
N ILE B 178 27.24 -4.59 10.52
CA ILE B 178 26.49 -3.37 10.15
C ILE B 178 25.68 -3.63 8.89
N ILE B 179 24.38 -3.39 9.00
CA ILE B 179 23.45 -3.65 7.89
C ILE B 179 23.19 -2.37 7.10
N CYS B 180 23.36 -2.46 5.77
CA CYS B 180 22.92 -1.42 4.85
C CYS B 180 22.14 -2.05 3.70
N GLY B 181 21.48 -1.23 2.88
CA GLY B 181 20.52 -1.73 1.84
C GLY B 181 19.15 -1.89 2.51
N TYR B 182 18.11 -1.31 1.93
CA TYR B 182 16.91 -0.95 2.70
C TYR B 182 15.59 -1.26 2.02
N THR B 183 14.48 -1.05 2.73
CA THR B 183 13.17 -1.38 2.14
C THR B 183 12.51 -0.21 1.46
N SER B 184 12.65 0.98 2.02
CA SER B 184 12.00 2.14 1.45
C SER B 184 12.92 3.35 1.49
N TYR B 185 14.12 3.15 0.96
CA TYR B 185 15.12 4.18 0.83
C TYR B 185 15.27 4.48 -0.66
N PRO B 186 14.97 5.73 -1.05
CA PRO B 186 14.97 6.14 -2.46
C PRO B 186 16.33 6.57 -3.01
N ARG B 187 17.40 6.48 -2.21
CA ARG B 187 18.73 6.83 -2.74
C ARG B 187 19.74 5.65 -2.78
N ASP B 188 20.80 5.81 -3.58
CA ASP B 188 21.88 4.84 -3.66
C ASP B 188 22.73 4.88 -2.38
N ILE B 189 23.57 3.86 -2.19
CA ILE B 189 24.28 3.64 -0.92
C ILE B 189 25.80 3.74 -1.12
N ASP B 190 26.45 4.45 -0.20
CA ASP B 190 27.90 4.50 -0.17
C ASP B 190 28.43 3.31 0.63
N TYR B 191 28.49 2.16 -0.04
CA TYR B 191 29.03 0.94 0.54
C TYR B 191 30.47 1.10 0.94
N GLN B 192 31.29 1.76 0.08
CA GLN B 192 32.72 1.98 0.36
C GLN B 192 32.91 2.64 1.72
N GLN B 193 32.07 3.63 2.02
CA GLN B 193 32.11 4.31 3.31
C GLN B 193 31.65 3.40 4.44
N PHE B 194 30.67 2.55 4.16
CA PHE B 194 30.24 1.56 5.16
C PHE B 194 31.38 0.60 5.48
N ARG B 195 32.08 0.16 4.43
CA ARG B 195 33.29 -0.64 4.52
C ARG B 195 34.39 -0.04 5.42
N GLN B 196 34.66 1.27 5.27
CA GLN B 196 35.63 1.96 6.14
C GLN B 196 35.19 1.99 7.62
N ILE B 197 33.88 2.11 7.86
CA ILE B 197 33.36 2.16 9.25
C ILE B 197 33.37 0.76 9.87
N CYS B 198 33.08 -0.25 9.06
CA CYS B 198 33.15 -1.65 9.48
C CYS B 198 34.58 -2.06 9.85
N ASP B 199 35.55 -1.67 9.02
CA ASP B 199 36.98 -1.89 9.26
C ASP B 199 37.54 -1.29 10.56
N GLU B 200 37.07 -0.11 10.95
CA GLU B 200 37.50 0.55 12.19
C GLU B 200 37.08 -0.22 13.43
N VAL B 201 35.96 -0.94 13.32
CA VAL B 201 35.35 -1.64 14.45
C VAL B 201 35.54 -3.17 14.32
N ASN B 202 36.03 -3.61 13.16
CA ASN B 202 36.20 -5.05 12.79
C ASN B 202 34.85 -5.79 12.70
N ALA B 203 33.84 -5.06 12.19
CA ALA B 203 32.49 -5.59 11.98
C ALA B 203 32.35 -6.10 10.55
N TYR B 204 31.48 -7.08 10.37
CA TYR B 204 31.09 -7.53 9.03
C TYR B 204 30.22 -6.48 8.34
N LEU B 205 30.35 -6.39 7.01
CA LEU B 205 29.52 -5.52 6.18
C LEU B 205 28.42 -6.32 5.51
N PHE B 206 27.21 -6.07 5.98
CA PHE B 206 25.99 -6.73 5.55
C PHE B 206 25.22 -5.78 4.63
N ALA B 207 25.09 -6.16 3.36
CA ALA B 207 24.26 -5.42 2.42
C ALA B 207 23.06 -6.25 1.96
N ASP B 208 21.86 -5.71 2.16
CA ASP B 208 20.62 -6.36 1.79
C ASP B 208 20.12 -5.55 0.63
N ILE B 209 20.16 -6.14 -0.56
CA ILE B 209 19.90 -5.43 -1.81
C ILE B 209 18.58 -5.90 -2.47
N SER B 210 17.69 -6.50 -1.65
CA SER B 210 16.40 -7.06 -2.10
C SER B 210 15.62 -6.10 -3.00
N HIS B 211 15.49 -4.84 -2.58
CA HIS B 211 14.80 -3.83 -3.37
C HIS B 211 15.50 -3.36 -4.64
N ILE B 212 16.82 -3.42 -4.64
CA ILE B 212 17.61 -2.81 -5.71
C ILE B 212 18.50 -3.81 -6.46
N SER B 213 18.17 -5.10 -6.33
CA SER B 213 19.07 -6.17 -6.80
C SER B 213 19.34 -6.11 -8.30
N SER B 214 18.31 -5.80 -9.08
CA SER B 214 18.41 -5.70 -10.52
C SER B 214 19.39 -4.62 -10.95
N PHE B 215 19.33 -3.48 -10.27
CA PHE B 215 20.28 -2.39 -10.49
C PHE B 215 21.72 -2.87 -10.29
N VAL B 216 21.97 -3.54 -9.17
CA VAL B 216 23.30 -4.04 -8.84
C VAL B 216 23.78 -5.03 -9.91
N ALA B 217 22.89 -5.94 -10.29
CA ALA B 217 23.16 -6.96 -11.30
C ALA B 217 23.53 -6.40 -12.67
N CYS B 218 22.89 -5.30 -13.04
CA CYS B 218 23.02 -4.69 -14.36
C CYS B 218 24.02 -3.52 -14.39
N ASN B 219 24.75 -3.32 -13.29
CA ASN B 219 25.71 -2.20 -13.13
C ASN B 219 25.15 -0.77 -13.35
N ILE B 220 23.92 -0.55 -12.88
CA ILE B 220 23.23 0.74 -12.96
C ILE B 220 23.35 1.50 -11.63
N LEU B 221 23.44 0.79 -10.52
CA LEU B 221 23.78 1.43 -9.22
C LEU B 221 25.06 0.84 -8.62
N ASN B 222 25.52 1.40 -7.51
CA ASN B 222 26.70 0.90 -6.81
C ASN B 222 26.67 -0.62 -6.61
N ASN B 223 27.84 -1.26 -6.78
CA ASN B 223 28.00 -2.69 -6.53
C ASN B 223 28.49 -2.96 -5.11
N PRO B 224 27.62 -3.50 -4.24
CA PRO B 224 28.05 -3.80 -2.88
C PRO B 224 29.05 -4.97 -2.80
N PHE B 225 29.09 -5.83 -3.83
CA PHE B 225 29.98 -6.99 -3.85
C PHE B 225 31.47 -6.60 -3.79
N LEU B 226 31.80 -5.43 -4.33
CA LEU B 226 33.14 -4.87 -4.21
C LEU B 226 33.59 -4.74 -2.76
N HIS B 227 32.65 -4.48 -1.84
CA HIS B 227 33.01 -4.20 -0.43
C HIS B 227 32.42 -5.14 0.63
N ALA B 228 31.20 -5.65 0.38
CA ALA B 228 30.47 -6.41 1.41
C ALA B 228 31.00 -7.82 1.69
N ASP B 229 30.92 -8.21 2.94
CA ASP B 229 31.18 -9.59 3.35
C ASP B 229 30.01 -10.54 3.02
N VAL B 230 28.79 -10.05 3.27
CA VAL B 230 27.56 -10.79 3.01
C VAL B 230 26.61 -9.92 2.20
N VAL B 231 25.99 -10.53 1.18
CA VAL B 231 24.94 -9.90 0.42
C VAL B 231 23.70 -10.80 0.40
N THR B 232 22.57 -10.29 0.90
CA THR B 232 21.29 -11.01 0.80
C THR B 232 20.36 -10.28 -0.15
N THR B 233 19.50 -11.06 -0.79
CA THR B 233 18.45 -10.51 -1.61
C THR B 233 17.32 -11.50 -1.80
N THR B 234 16.11 -10.95 -1.84
CA THR B 234 14.91 -11.67 -2.24
C THR B 234 14.95 -11.84 -3.73
N THR B 235 14.17 -12.78 -4.26
CA THR B 235 14.13 -13.01 -5.68
C THR B 235 12.86 -12.47 -6.35
N HIS B 236 11.89 -12.00 -5.54
CA HIS B 236 10.52 -11.65 -6.01
C HIS B 236 10.23 -10.20 -6.33
N LYS B 237 11.19 -9.32 -6.08
CA LYS B 237 10.90 -7.90 -6.24
C LYS B 237 11.38 -7.45 -7.61
N ILE B 238 12.28 -6.47 -7.62
CA ILE B 238 12.82 -5.95 -8.88
C ILE B 238 13.44 -7.06 -9.72
N LEU B 239 14.03 -8.06 -9.05
CA LEU B 239 14.63 -9.22 -9.72
C LEU B 239 13.63 -10.01 -10.54
N ARG B 240 12.36 -9.93 -10.14
CA ARG B 240 11.24 -10.54 -10.87
C ARG B 240 11.29 -12.07 -10.90
N GLY B 241 11.83 -12.65 -9.83
CA GLY B 241 11.80 -14.10 -9.65
C GLY B 241 10.62 -14.58 -8.83
N PRO B 242 10.70 -15.83 -8.33
CA PRO B 242 9.66 -16.33 -7.45
C PRO B 242 9.87 -15.75 -6.06
N ARG B 243 9.05 -16.15 -5.10
CA ARG B 243 9.26 -15.68 -3.74
C ARG B 243 10.30 -16.58 -3.06
N SER B 244 11.51 -16.08 -2.92
CA SER B 244 12.64 -16.83 -2.38
C SER B 244 13.74 -15.87 -2.09
N ALA B 245 14.84 -16.37 -1.52
CA ALA B 245 15.98 -15.52 -1.14
C ALA B 245 17.37 -16.21 -1.30
N LEU B 246 18.38 -15.34 -1.37
CA LEU B 246 19.75 -15.70 -1.67
C LEU B 246 20.69 -15.10 -0.66
N ILE B 247 21.58 -15.91 -0.10
CA ILE B 247 22.67 -15.38 0.71
C ILE B 247 24.00 -15.54 -0.05
N PHE B 248 24.67 -14.39 -0.26
CA PHE B 248 25.99 -14.32 -0.87
C PHE B 248 27.07 -14.07 0.20
N PHE B 249 28.15 -14.85 0.13
CA PHE B 249 29.21 -14.75 1.12
C PHE B 249 30.59 -14.66 0.46
N ASN B 250 31.38 -13.70 0.94
CA ASN B 250 32.74 -13.48 0.45
C ASN B 250 33.73 -14.47 1.08
N LYS B 251 34.06 -15.52 0.32
CA LYS B 251 35.02 -16.54 0.74
C LYS B 251 36.44 -15.98 0.90
N LYS B 252 36.83 -15.08 0.00
CA LYS B 252 38.18 -14.50 -0.05
C LYS B 252 38.47 -13.59 1.15
N ARG B 253 37.49 -12.77 1.50
CA ARG B 253 37.59 -11.86 2.63
C ARG B 253 37.42 -12.66 3.95
N ASN B 254 36.65 -13.75 3.90
CA ASN B 254 36.32 -14.53 5.11
C ASN B 254 36.29 -16.05 4.81
N PRO B 255 37.47 -16.72 4.87
CA PRO B 255 37.45 -18.18 4.65
C PRO B 255 36.67 -18.91 5.75
N GLY B 256 35.96 -19.97 5.37
CA GLY B 256 35.09 -20.70 6.29
C GLY B 256 33.78 -19.99 6.67
N ILE B 257 33.45 -18.89 5.99
CA ILE B 257 32.11 -18.31 6.04
C ILE B 257 31.13 -19.24 5.33
N GLU B 258 31.63 -19.94 4.30
CA GLU B 258 30.85 -20.89 3.51
C GLU B 258 30.12 -21.92 4.38
N GLN B 259 30.90 -22.54 5.28
CA GLN B 259 30.38 -23.54 6.20
C GLN B 259 29.40 -22.87 7.16
N LYS B 260 29.80 -21.72 7.73
CA LYS B 260 28.97 -20.96 8.69
C LYS B 260 27.58 -20.57 8.13
N ILE B 261 27.55 -20.00 6.92
CA ILE B 261 26.31 -19.59 6.28
C ILE B 261 25.50 -20.84 6.03
N ASN B 262 26.14 -21.86 5.43
CA ASN B 262 25.43 -23.06 5.02
C ASN B 262 24.83 -23.82 6.19
N SER B 263 25.52 -23.82 7.33
CA SER B 263 25.04 -24.57 8.49
C SER B 263 23.93 -23.78 9.21
N ALA B 264 23.99 -22.45 9.11
CA ALA B 264 22.91 -21.55 9.55
C ALA B 264 21.60 -21.80 8.79
N VAL B 265 21.69 -21.93 7.48
CA VAL B 265 20.51 -22.25 6.67
C VAL B 265 20.06 -23.67 7.00
N PHE B 266 20.99 -24.63 7.00
CA PHE B 266 20.68 -26.01 7.40
C PHE B 266 21.88 -26.62 8.11
N PRO B 267 21.70 -27.17 9.31
CA PRO B 267 20.40 -27.45 9.92
C PRO B 267 19.99 -26.50 11.05
N SER B 268 20.63 -25.34 11.13
CA SER B 268 20.32 -24.42 12.20
C SER B 268 18.84 -23.97 12.18
N PHE B 269 18.33 -23.62 10.99
CA PHE B 269 17.01 -22.99 10.82
C PHE B 269 15.99 -23.77 9.98
N GLN B 270 16.36 -24.18 8.76
CA GLN B 270 15.45 -24.86 7.85
C GLN B 270 15.64 -26.38 7.87
N GLY B 271 14.68 -27.08 7.26
CA GLY B 271 14.68 -28.48 7.00
C GLY B 271 14.73 -28.67 5.49
N GLY B 272 13.74 -29.33 4.92
CA GLY B 272 13.74 -29.61 3.49
C GLY B 272 13.65 -28.38 2.60
N PRO B 273 14.57 -28.23 1.62
CA PRO B 273 14.46 -27.09 0.68
C PRO B 273 13.17 -27.13 -0.14
N HIS B 274 12.74 -25.97 -0.63
CA HIS B 274 11.63 -25.92 -1.56
C HIS B 274 12.14 -25.88 -3.00
N ASN B 275 12.23 -27.06 -3.60
CA ASN B 275 12.88 -27.24 -4.89
C ASN B 275 12.25 -26.53 -6.05
N ASN B 276 10.92 -26.39 -6.02
CA ASN B 276 10.15 -25.60 -6.98
C ASN B 276 10.56 -24.13 -7.01
N LYS B 277 10.85 -23.58 -5.83
CA LYS B 277 11.45 -22.25 -5.68
C LYS B 277 12.81 -22.22 -6.33
N ILE B 278 13.68 -23.17 -5.96
CA ILE B 278 15.07 -23.23 -6.42
C ILE B 278 15.08 -23.29 -7.96
N ALA B 279 14.23 -24.14 -8.53
CA ALA B 279 14.01 -24.23 -9.95
C ALA B 279 13.52 -22.89 -10.55
N ALA B 280 12.57 -22.22 -9.91
CA ALA B 280 12.03 -20.98 -10.45
C ALA B 280 13.08 -19.89 -10.45
N VAL B 281 13.84 -19.84 -9.36
CA VAL B 281 14.94 -18.89 -9.21
C VAL B 281 15.89 -19.11 -10.39
N ALA B 282 16.22 -20.38 -10.68
CA ALA B 282 17.20 -20.70 -11.72
C ALA B 282 16.75 -20.10 -13.04
N CYS B 283 15.48 -20.35 -13.37
CA CYS B 283 14.89 -19.87 -14.61
C CYS B 283 14.93 -18.35 -14.71
N GLN B 284 14.71 -17.66 -13.59
CA GLN B 284 14.68 -16.22 -13.61
C GLN B 284 16.09 -15.64 -13.71
N LEU B 285 17.03 -16.24 -12.98
CA LEU B 285 18.42 -15.78 -13.02
C LEU B 285 19.06 -15.87 -14.41
N LYS B 286 18.59 -16.81 -15.25
CA LYS B 286 19.00 -16.83 -16.64
C LYS B 286 18.66 -15.50 -17.28
N GLU B 287 17.38 -15.13 -17.19
CA GLU B 287 16.87 -13.87 -17.72
C GLU B 287 17.61 -12.65 -17.17
N VAL B 288 17.93 -12.65 -15.88
CA VAL B 288 18.64 -11.52 -15.25
C VAL B 288 19.92 -11.14 -16.01
N HIS B 289 20.72 -12.14 -16.39
CA HIS B 289 22.02 -11.94 -17.03
C HIS B 289 21.98 -11.35 -18.45
N SER B 290 20.92 -11.67 -19.20
CA SER B 290 20.69 -11.17 -20.56
C SER B 290 20.71 -9.63 -20.68
N PRO B 291 21.13 -9.08 -21.87
CA PRO B 291 21.07 -7.63 -22.07
C PRO B 291 19.63 -7.08 -22.11
N ALA B 292 18.67 -7.96 -22.42
CA ALA B 292 17.25 -7.63 -22.48
C ALA B 292 16.67 -7.22 -21.12
N PHE B 293 17.10 -7.91 -20.05
CA PHE B 293 16.66 -7.60 -18.69
C PHE B 293 17.28 -6.30 -18.19
N LYS B 294 18.50 -6.02 -18.65
CA LYS B 294 19.13 -4.73 -18.41
C LYS B 294 18.24 -3.63 -18.98
N GLU B 295 17.69 -3.87 -20.17
CA GLU B 295 16.83 -2.87 -20.82
C GLU B 295 15.62 -2.58 -19.92
N TYR B 296 14.99 -3.66 -19.43
CA TYR B 296 13.85 -3.56 -18.52
C TYR B 296 14.22 -2.76 -17.27
N THR B 297 15.34 -3.12 -16.64
CA THR B 297 15.82 -2.48 -15.42
C THR B 297 16.08 -1.00 -15.65
N GLN B 298 16.65 -0.67 -16.83
CA GLN B 298 16.91 0.71 -17.24
C GLN B 298 15.62 1.48 -17.38
N GLN B 299 14.60 0.82 -17.92
CA GLN B 299 13.26 1.42 -18.03
C GLN B 299 12.65 1.69 -16.65
N VAL B 300 12.92 0.82 -15.66
CA VAL B 300 12.43 0.99 -14.28
C VAL B 300 12.89 2.34 -13.73
N LEU B 301 14.20 2.60 -13.79
CA LEU B 301 14.80 3.85 -13.31
C LEU B 301 14.29 5.05 -14.11
N LEU B 302 14.27 4.92 -15.43
CA LEU B 302 13.77 5.98 -16.32
C LEU B 302 12.32 6.35 -15.97
N ASN B 303 11.51 5.35 -15.62
CA ASN B 303 10.11 5.57 -15.22
C ASN B 303 9.99 6.23 -13.87
N SER B 304 10.83 5.78 -12.94
CA SER B 304 10.90 6.31 -11.60
C SER B 304 11.37 7.77 -11.56
N LYS B 305 12.34 8.08 -12.42
CA LYS B 305 12.84 9.43 -12.61
C LYS B 305 11.70 10.32 -13.12
N ALA B 306 11.02 9.85 -14.16
CA ALA B 306 9.94 10.58 -14.80
C ALA B 306 8.76 10.75 -13.88
N LEU B 307 8.46 9.72 -13.08
CA LEU B 307 7.32 9.74 -12.18
C LEU B 307 7.57 10.70 -11.03
N ALA B 308 8.80 10.71 -10.55
CA ALA B 308 9.25 11.70 -9.57
C ALA B 308 9.11 13.12 -10.09
N LYS B 309 9.56 13.34 -11.33
CA LYS B 309 9.54 14.65 -11.99
C LYS B 309 8.10 15.17 -12.11
N ALA B 310 7.21 14.32 -12.63
CA ALA B 310 5.80 14.66 -12.80
C ALA B 310 5.05 14.94 -11.48
N LEU B 311 5.40 14.20 -10.43
CA LEU B 311 4.79 14.44 -9.12
C LEU B 311 5.22 15.80 -8.55
N ILE B 312 6.53 16.11 -8.64
CA ILE B 312 7.05 17.44 -8.28
C ILE B 312 6.40 18.58 -9.10
N SER B 313 6.21 18.34 -10.40
CA SER B 313 5.50 19.27 -11.30
C SER B 313 4.06 19.58 -10.87
N LYS B 314 3.45 18.67 -10.11
CA LYS B 314 2.12 18.86 -9.50
C LYS B 314 2.23 19.17 -8.01
N GLN B 315 3.38 19.69 -7.58
CA GLN B 315 3.52 20.24 -6.22
C GLN B 315 3.30 19.21 -5.10
N ILE B 316 3.72 17.99 -5.36
CA ILE B 316 3.74 16.92 -4.38
C ILE B 316 5.20 16.78 -3.93
N ASP B 317 5.39 16.75 -2.61
CA ASP B 317 6.69 16.57 -1.97
C ASP B 317 7.16 15.10 -1.87
N LEU B 318 8.44 14.90 -2.17
CA LEU B 318 9.09 13.62 -2.10
C LEU B 318 10.23 13.64 -1.07
N VAL B 319 10.34 12.56 -0.30
CA VAL B 319 11.46 12.34 0.60
C VAL B 319 12.75 12.35 -0.21
N THR B 320 13.73 13.15 0.24
CA THR B 320 14.98 13.42 -0.50
C THR B 320 14.76 14.18 -1.83
N ASN B 321 13.53 14.64 -2.09
CA ASN B 321 13.14 15.35 -3.34
C ASN B 321 13.47 14.65 -4.67
N GLY B 322 13.46 13.33 -4.66
CA GLY B 322 13.72 12.57 -5.86
C GLY B 322 14.09 11.15 -5.51
N THR B 323 14.60 10.46 -6.53
CA THR B 323 14.95 9.06 -6.43
C THR B 323 16.17 8.68 -7.30
N ASP B 324 17.03 7.82 -6.77
CA ASP B 324 18.09 7.19 -7.56
C ASP B 324 17.71 5.83 -8.09
N ASN B 325 16.51 5.34 -7.76
CA ASN B 325 16.15 3.94 -8.04
C ASN B 325 14.69 3.83 -8.48
N HIS B 326 14.13 2.63 -8.26
CA HIS B 326 12.77 2.26 -8.61
C HIS B 326 11.69 2.87 -7.70
N LEU B 327 12.08 3.45 -6.57
CA LEU B 327 11.11 3.82 -5.53
C LEU B 327 11.11 5.30 -5.15
N ILE B 328 9.92 5.78 -4.82
CA ILE B 328 9.67 7.14 -4.36
C ILE B 328 8.85 7.04 -3.08
N VAL B 329 9.18 7.84 -2.08
CA VAL B 329 8.29 8.04 -0.93
C VAL B 329 7.70 9.47 -1.01
N VAL B 330 6.37 9.56 -1.00
CA VAL B 330 5.64 10.83 -1.05
C VAL B 330 5.33 11.29 0.36
N ASP B 331 5.70 12.54 0.65
CA ASP B 331 5.45 13.20 1.92
C ASP B 331 4.09 13.86 1.79
N LEU B 332 3.13 13.36 2.56
CA LEU B 332 1.76 13.82 2.46
C LEU B 332 1.40 14.97 3.43
N ARG B 333 2.39 15.49 4.16
CA ARG B 333 2.14 16.49 5.20
C ARG B 333 1.38 17.76 4.77
N LYS B 334 1.72 18.33 3.61
CA LYS B 334 1.06 19.57 3.11
C LYS B 334 -0.42 19.39 2.78
N PHE B 335 -0.86 18.14 2.71
CA PHE B 335 -2.25 17.86 2.41
C PHE B 335 -3.03 17.54 3.68
N SER B 336 -2.31 17.50 4.81
CA SER B 336 -2.84 17.10 6.12
C SER B 336 -3.65 15.78 6.11
N ILE B 337 -3.19 14.83 5.28
CA ILE B 337 -3.73 13.47 5.23
C ILE B 337 -2.68 12.41 5.55
N THR B 338 -3.17 11.24 5.97
CA THR B 338 -2.33 10.08 6.27
C THR B 338 -2.10 9.21 5.03
N GLY B 339 -1.03 8.42 5.06
CA GLY B 339 -0.80 7.39 4.04
C GLY B 339 -1.91 6.34 4.04
N SER B 340 -2.37 5.96 5.25
CA SER B 340 -3.46 4.99 5.42
C SER B 340 -4.72 5.42 4.67
N LYS B 341 -5.13 6.68 4.82
CA LYS B 341 -6.27 7.21 4.05
C LYS B 341 -6.06 7.12 2.53
N LEU B 342 -4.84 7.43 2.06
CA LEU B 342 -4.53 7.44 0.64
C LEU B 342 -4.47 6.04 0.07
N GLN B 343 -3.96 5.11 0.86
CA GLN B 343 -4.01 3.69 0.51
C GLN B 343 -5.44 3.18 0.21
N GLU B 344 -6.41 3.58 1.04
CA GLU B 344 -7.81 3.18 0.87
C GLU B 344 -8.40 3.83 -0.36
N THR B 345 -8.15 5.13 -0.53
CA THR B 345 -8.58 5.86 -1.73
C THR B 345 -8.03 5.17 -2.99
N CYS B 346 -6.75 4.84 -2.97
CA CYS B 346 -6.11 4.20 -4.11
C CYS B 346 -6.61 2.76 -4.32
N ASN B 347 -6.87 2.06 -3.21
CA ASN B 347 -7.47 0.71 -3.28
C ASN B 347 -8.86 0.82 -3.96
N ALA B 348 -9.62 1.86 -3.61
CA ALA B 348 -10.97 2.11 -4.18
C ALA B 348 -10.94 2.40 -5.69
N ILE B 349 -9.80 2.88 -6.20
CA ILE B 349 -9.64 3.14 -7.62
C ILE B 349 -8.77 2.11 -8.37
N ASN B 350 -8.42 1.01 -7.71
CA ASN B 350 -7.52 0.01 -8.31
C ASN B 350 -6.04 0.47 -8.48
N VAL B 351 -5.59 1.32 -7.57
CA VAL B 351 -4.19 1.70 -7.54
C VAL B 351 -3.60 1.04 -6.31
N SER B 352 -2.67 0.13 -6.55
CA SER B 352 -2.01 -0.57 -5.46
C SER B 352 -0.79 0.17 -4.97
N LEU B 353 -0.80 0.53 -3.69
CA LEU B 353 0.37 1.14 -3.08
C LEU B 353 0.38 0.80 -1.60
N ASN B 354 1.37 1.30 -0.86
CA ASN B 354 1.36 1.14 0.59
C ASN B 354 1.73 2.41 1.33
N LYS B 355 1.15 2.53 2.51
CA LYS B 355 1.49 3.58 3.45
C LYS B 355 2.93 3.40 3.88
N ASN B 356 3.61 4.50 4.12
CA ASN B 356 5.00 4.48 4.49
C ASN B 356 5.29 5.63 5.44
N THR B 357 6.25 5.41 6.34
CA THR B 357 6.71 6.48 7.24
C THR B 357 7.54 7.51 6.47
N ILE B 358 7.71 8.69 7.08
CA ILE B 358 8.69 9.69 6.64
C ILE B 358 9.59 10.01 7.85
N PRO B 359 10.77 10.66 7.62
CA PRO B 359 11.68 11.06 8.71
C PRO B 359 11.04 11.73 9.93
N SER B 360 10.10 12.66 9.71
CA SER B 360 9.44 13.39 10.80
C SER B 360 8.56 12.53 11.74
N ASP B 361 8.09 11.37 11.26
CA ASP B 361 7.16 10.51 12.01
C ASP B 361 7.76 9.91 13.28
N VAL B 362 6.95 9.88 14.34
CA VAL B 362 7.33 9.24 15.61
C VAL B 362 6.31 8.14 15.97
N ASP B 363 5.40 7.84 15.04
CA ASP B 363 4.36 6.83 15.24
C ASP B 363 4.02 6.08 13.95
N CYS B 364 4.22 4.76 13.98
CA CYS B 364 3.94 3.85 12.85
C CYS B 364 2.45 3.66 12.55
N VAL B 365 1.61 3.89 13.56
CA VAL B 365 0.17 4.12 13.36
C VAL B 365 0.04 5.60 12.99
N SER B 366 -0.77 5.88 11.97
CA SER B 366 -0.88 7.21 11.33
C SER B 366 0.48 7.73 10.74
N PRO B 367 1.00 7.04 9.69
CA PRO B 367 2.21 7.54 9.03
C PRO B 367 1.89 8.64 8.02
N SER B 368 2.91 9.42 7.66
CA SER B 368 2.72 10.61 6.85
C SER B 368 3.00 10.46 5.35
N GLY B 369 3.25 9.23 4.89
CA GLY B 369 3.54 9.04 3.47
C GLY B 369 2.96 7.81 2.81
N VAL B 370 3.11 7.76 1.50
CA VAL B 370 2.92 6.52 0.78
C VAL B 370 4.23 6.22 0.06
N ARG B 371 4.56 4.94 -0.09
CA ARG B 371 5.68 4.58 -0.94
C ARG B 371 5.15 4.05 -2.27
N ILE B 372 5.83 4.40 -3.37
CA ILE B 372 5.49 3.93 -4.70
C ILE B 372 6.75 3.48 -5.45
N GLY B 373 6.55 2.68 -6.50
CA GLY B 373 7.67 2.15 -7.27
C GLY B 373 7.27 1.67 -8.63
N THR B 374 8.22 1.71 -9.57
CA THR B 374 7.94 1.39 -10.98
C THR B 374 8.13 -0.04 -11.50
N PRO B 375 8.72 -0.99 -10.71
CA PRO B 375 9.03 -2.29 -11.35
C PRO B 375 7.88 -3.04 -12.00
N ALA B 376 6.74 -3.13 -11.33
CA ALA B 376 5.58 -3.81 -11.88
C ALA B 376 5.08 -3.19 -13.20
N MET B 377 4.80 -1.88 -13.17
CA MET B 377 4.25 -1.18 -14.33
C MET B 377 5.24 -1.12 -15.48
N THR B 378 6.53 -1.06 -15.12
CA THR B 378 7.59 -1.10 -16.10
C THR B 378 7.52 -2.46 -16.77
N THR B 379 7.28 -3.49 -15.96
CA THR B 379 7.14 -4.87 -16.46
C THR B 379 5.96 -4.96 -17.46
N ARG B 380 4.89 -4.22 -17.17
CA ARG B 380 3.72 -4.23 -18.03
C ARG B 380 3.80 -3.36 -19.30
N GLY B 381 4.95 -2.75 -19.54
CA GLY B 381 5.18 -2.03 -20.78
C GLY B 381 4.94 -0.54 -20.75
N ALA B 382 4.70 0.02 -19.56
CA ALA B 382 4.60 1.47 -19.40
C ALA B 382 5.98 2.15 -19.50
N LYS B 383 5.98 3.31 -20.17
CA LYS B 383 7.18 4.07 -20.43
C LYS B 383 7.05 5.44 -19.77
N GLU B 384 8.04 6.31 -19.99
CA GLU B 384 8.07 7.65 -19.35
C GLU B 384 6.82 8.51 -19.52
N LYS B 385 6.29 8.53 -20.74
CA LYS B 385 5.04 9.23 -21.10
C LYS B 385 3.88 8.82 -20.22
N ASP B 386 3.85 7.53 -19.89
CA ASP B 386 2.78 6.96 -19.09
C ASP B 386 2.82 7.48 -17.65
N MET B 387 4.00 7.95 -17.24
CA MET B 387 4.23 8.34 -15.83
C MET B 387 3.48 9.60 -15.44
N GLU B 388 3.20 10.46 -16.43
CA GLU B 388 2.40 11.67 -16.22
C GLU B 388 0.99 11.28 -15.83
N PHE B 389 0.43 10.30 -16.55
CA PHE B 389 -0.89 9.74 -16.24
C PHE B 389 -0.98 9.15 -14.80
N ILE B 390 0.02 8.35 -14.42
CA ILE B 390 0.06 7.75 -13.08
C ILE B 390 0.09 8.87 -12.04
N ALA B 391 1.04 9.81 -12.22
CA ALA B 391 1.10 11.02 -11.43
C ALA B 391 -0.23 11.78 -11.33
N ASP B 392 -0.91 11.97 -12.48
CA ASP B 392 -2.26 12.60 -12.52
C ASP B 392 -3.27 11.87 -11.62
N VAL B 393 -3.28 10.53 -11.73
CA VAL B 393 -4.21 9.69 -10.95
C VAL B 393 -3.93 9.83 -9.45
N LEU B 394 -2.64 9.78 -9.06
CA LEU B 394 -2.28 9.95 -7.65
C LEU B 394 -2.64 11.33 -7.15
N ALA B 395 -2.42 12.34 -8.00
CA ALA B 395 -2.76 13.72 -7.70
C ALA B 395 -4.26 13.83 -7.40
N ARG B 396 -5.06 13.29 -8.32
CA ARG B 396 -6.51 13.29 -8.17
C ARG B 396 -6.92 12.49 -6.92
N ALA B 397 -6.20 11.40 -6.66
CA ALA B 397 -6.44 10.58 -5.47
C ALA B 397 -6.16 11.34 -4.19
N ILE B 398 -5.12 12.17 -4.19
CA ILE B 398 -4.81 12.97 -3.01
C ILE B 398 -5.95 13.97 -2.79
N LYS B 399 -6.35 14.63 -3.87
CA LYS B 399 -7.45 15.60 -3.82
C LYS B 399 -8.74 14.98 -3.24
N ILE B 400 -9.17 13.85 -3.81
CA ILE B 400 -10.37 13.18 -3.33
C ILE B 400 -10.27 12.83 -1.84
N THR B 401 -9.07 12.43 -1.40
CA THR B 401 -8.82 12.11 0.00
C THR B 401 -8.98 13.34 0.91
N VAL B 402 -8.62 14.50 0.39
CA VAL B 402 -8.73 15.77 1.12
C VAL B 402 -10.21 16.16 1.28
N ASP B 403 -10.99 16.00 0.21
CA ASP B 403 -12.42 16.26 0.21
C ASP B 403 -13.16 15.33 1.13
N LEU B 404 -12.81 14.04 1.06
CA LEU B 404 -13.47 13.02 1.87
C LEU B 404 -13.18 13.19 3.35
N GLN B 405 -11.96 13.61 3.69
CA GLN B 405 -11.61 13.92 5.06
C GLN B 405 -12.38 15.15 5.58
N GLU B 406 -12.55 16.14 4.71
CA GLU B 406 -13.28 17.36 5.01
C GLU B 406 -14.75 17.04 5.36
N GLN B 407 -15.37 16.17 4.56
CA GLN B 407 -16.75 15.74 4.77
C GLN B 407 -16.91 14.82 5.99
N TYR B 408 -16.13 13.76 6.05
CA TYR B 408 -16.35 12.69 7.00
C TYR B 408 -15.48 12.73 8.25
N GLY B 409 -14.40 13.51 8.22
CA GLY B 409 -13.51 13.68 9.38
C GLY B 409 -12.25 12.84 9.36
N LYS B 410 -11.50 12.93 10.46
CA LYS B 410 -10.15 12.36 10.57
C LYS B 410 -10.10 10.85 10.90
N LYS B 411 -11.18 10.30 11.44
CA LYS B 411 -11.18 8.86 11.81
C LYS B 411 -11.30 8.00 10.56
N LEU B 412 -10.53 6.90 10.53
CA LEU B 412 -10.41 6.06 9.32
C LEU B 412 -11.70 5.33 8.99
N VAL B 413 -12.36 4.81 10.03
CA VAL B 413 -13.70 4.20 9.90
C VAL B 413 -14.69 5.21 9.31
N ASP B 414 -14.61 6.46 9.76
CA ASP B 414 -15.41 7.55 9.22
C ASP B 414 -15.05 7.82 7.76
N PHE B 415 -13.75 7.92 7.50
CA PHE B 415 -13.23 8.22 6.17
C PHE B 415 -13.71 7.21 5.11
N LYS B 416 -13.71 5.93 5.47
CA LYS B 416 -14.09 4.84 4.55
C LYS B 416 -15.55 4.92 4.10
N LYS B 417 -16.40 5.49 4.95
CA LYS B 417 -17.82 5.70 4.69
C LYS B 417 -18.04 6.46 3.39
N GLY B 418 -17.15 7.44 3.13
CA GLY B 418 -17.19 8.24 1.91
C GLY B 418 -16.88 7.56 0.59
N LEU B 419 -16.14 6.44 0.62
CA LEU B 419 -15.61 5.80 -0.59
C LEU B 419 -16.63 5.11 -1.54
N PRO B 420 -17.53 4.24 -1.00
CA PRO B 420 -18.39 3.53 -1.95
C PRO B 420 -19.39 4.43 -2.71
N GLY B 421 -19.49 4.18 -4.01
CA GLY B 421 -20.38 4.96 -4.89
C GLY B 421 -20.06 6.43 -5.17
N ASN B 422 -18.92 6.93 -4.66
CA ASN B 422 -18.43 8.28 -4.92
C ASN B 422 -18.22 8.44 -6.42
N ALA B 423 -18.85 9.48 -6.98
CA ALA B 423 -18.88 9.72 -8.41
C ALA B 423 -17.48 9.82 -9.05
N GLN B 424 -16.58 10.59 -8.42
CA GLN B 424 -15.23 10.82 -8.97
C GLN B 424 -14.30 9.63 -8.79
N LEU B 425 -14.44 8.91 -7.67
CA LEU B 425 -13.75 7.64 -7.45
C LEU B 425 -14.14 6.58 -8.49
N GLN B 426 -15.44 6.51 -8.80
CA GLN B 426 -15.98 5.62 -9.83
C GLN B 426 -15.40 5.97 -11.18
N GLN B 427 -15.40 7.27 -11.48
CA GLN B 427 -14.86 7.80 -12.73
C GLN B 427 -13.35 7.60 -12.82
N LEU B 428 -12.67 7.78 -11.69
CA LEU B 428 -11.23 7.52 -11.64
C LEU B 428 -10.90 6.04 -11.82
N LYS B 429 -11.62 5.15 -11.12
CA LYS B 429 -11.41 3.70 -11.22
C LYS B 429 -11.59 3.21 -12.65
N GLN B 430 -12.64 3.70 -13.29
CA GLN B 430 -12.98 3.36 -14.66
C GLN B 430 -11.85 3.79 -15.60
N GLU B 431 -11.31 4.98 -15.35
CA GLU B 431 -10.12 5.49 -16.05
C GLU B 431 -8.91 4.57 -15.81
N VAL B 432 -8.71 4.15 -14.56
CA VAL B 432 -7.62 3.24 -14.18
C VAL B 432 -7.73 1.87 -14.88
N VAL B 433 -8.92 1.26 -14.76
CA VAL B 433 -9.25 -0.04 -15.35
C VAL B 433 -9.08 -0.04 -16.88
N THR B 434 -9.61 0.99 -17.55
CA THR B 434 -9.60 1.07 -19.01
C THR B 434 -8.17 1.03 -19.51
N TRP B 435 -7.30 1.76 -18.82
CA TRP B 435 -5.91 1.78 -19.19
C TRP B 435 -5.20 0.48 -18.78
N ALA B 436 -5.32 0.11 -17.50
CA ALA B 436 -4.57 -1.06 -16.95
C ALA B 436 -4.92 -2.38 -17.60
N GLY B 437 -6.23 -2.62 -17.78
CA GLY B 437 -6.76 -3.83 -18.40
C GLY B 437 -6.29 -4.07 -19.83
N ALA B 438 -5.82 -3.01 -20.49
CA ALA B 438 -5.35 -3.06 -21.88
C ALA B 438 -3.87 -3.42 -22.05
N LEU B 439 -3.08 -3.20 -21.00
CA LEU B 439 -1.62 -3.42 -21.03
C LEU B 439 -1.21 -4.90 -21.08
N PRO B 440 -0.02 -5.19 -21.67
CA PRO B 440 0.55 -6.54 -21.59
C PRO B 440 0.57 -7.09 -20.16
N PHE B 441 0.21 -8.36 -20.04
CA PHE B 441 0.06 -9.02 -18.76
C PHE B 441 0.59 -10.46 -18.87
N PRO B 442 1.74 -10.74 -18.20
CA PRO B 442 2.22 -12.13 -18.17
C PRO B 442 1.31 -13.02 -17.31
N MET C 1 -38.02 77.79 -3.89
CA MET C 1 -38.91 77.51 -5.06
C MET C 1 -38.81 76.02 -5.42
N PHE C 2 -39.13 75.17 -4.44
CA PHE C 2 -39.06 73.71 -4.57
C PHE C 2 -40.19 73.03 -3.78
N ASN C 3 -40.35 71.72 -4.00
CA ASN C 3 -41.23 70.89 -3.18
C ASN C 3 -40.48 70.07 -2.10
N ASN C 4 -40.82 70.29 -0.82
CA ASN C 4 -40.19 69.52 0.27
C ASN C 4 -41.09 68.52 1.00
N GLU C 5 -42.22 68.18 0.37
CA GLU C 5 -43.07 67.07 0.83
C GLU C 5 -42.29 65.76 0.87
N PRO C 6 -42.39 64.98 1.98
CA PRO C 6 -41.74 63.65 2.08
C PRO C 6 -42.11 62.72 0.93
N LEU C 7 -41.20 61.80 0.59
CA LEU C 7 -41.31 60.92 -0.57
C LEU C 7 -42.68 60.26 -0.72
N GLU C 8 -43.21 59.72 0.39
CA GLU C 8 -44.56 59.13 0.42
C GLU C 8 -45.65 60.07 -0.12
N GLN C 9 -45.57 61.35 0.24
CA GLN C 9 -46.52 62.36 -0.24
C GLN C 9 -46.22 62.84 -1.66
N ILE C 10 -44.96 63.18 -1.95
CA ILE C 10 -44.58 63.77 -3.25
C ILE C 10 -44.73 62.77 -4.40
N ASP C 11 -44.33 61.53 -4.18
CA ASP C 11 -44.45 60.47 -5.16
C ASP C 11 -44.86 59.19 -4.48
N LYS C 12 -46.19 59.04 -4.31
CA LYS C 12 -46.81 57.87 -3.70
C LYS C 12 -46.60 56.60 -4.53
N GLU C 13 -46.74 56.70 -5.86
CA GLU C 13 -46.52 55.55 -6.79
C GLU C 13 -45.15 54.86 -6.56
N LEU C 14 -44.08 55.67 -6.52
CA LEU C 14 -42.73 55.18 -6.30
C LEU C 14 -42.57 54.66 -4.89
N HIS C 15 -43.12 55.38 -3.91
CA HIS C 15 -42.96 54.99 -2.52
C HIS C 15 -43.49 53.60 -2.28
N ASP C 16 -44.56 53.21 -3.00
CA ASP C 16 -45.18 51.88 -2.88
C ASP C 16 -44.22 50.78 -3.27
N ILE C 17 -43.64 50.91 -4.47
CA ILE C 17 -42.67 49.96 -5.00
C ILE C 17 -41.48 49.76 -4.04
N LEU C 18 -40.94 50.87 -3.54
CA LEU C 18 -39.86 50.82 -2.53
C LEU C 18 -40.26 50.12 -1.22
N ALA C 19 -41.50 50.35 -0.78
CA ALA C 19 -42.03 49.67 0.41
C ALA C 19 -42.20 48.17 0.12
N ASP C 20 -42.63 47.88 -1.10
CA ASP C 20 -42.70 46.52 -1.61
C ASP C 20 -41.34 45.81 -1.64
N GLU C 21 -40.35 46.46 -2.26
CA GLU C 21 -38.97 45.98 -2.33
C GLU C 21 -38.39 45.76 -0.94
N GLU C 22 -38.67 46.68 -0.02
CA GLU C 22 -38.26 46.56 1.37
C GLU C 22 -38.83 45.29 2.05
N LYS C 23 -40.10 45.00 1.83
CA LYS C 23 -40.75 43.78 2.36
C LYS C 23 -40.14 42.50 1.73
N ARG C 24 -40.09 42.45 0.39
CA ARG C 24 -39.43 41.37 -0.34
C ARG C 24 -38.03 41.07 0.22
N GLN C 25 -37.27 42.11 0.59
CA GLN C 25 -35.89 41.96 1.07
C GLN C 25 -35.84 41.30 2.44
N ARG C 26 -36.74 41.75 3.32
CA ARG C 26 -36.88 41.26 4.69
C ARG C 26 -37.32 39.81 4.73
N GLU C 27 -38.03 39.39 3.69
CA GLU C 27 -38.68 38.10 3.61
C GLU C 27 -38.03 37.15 2.60
N THR C 28 -36.79 37.45 2.21
CA THR C 28 -36.05 36.63 1.26
C THR C 28 -34.85 35.97 1.97
N ILE C 29 -34.59 34.71 1.63
CA ILE C 29 -33.26 34.12 1.90
C ILE C 29 -32.32 34.53 0.74
N ASN C 30 -31.45 35.48 1.04
CA ASN C 30 -30.61 36.08 0.01
C ASN C 30 -29.30 35.33 -0.14
N LEU C 31 -29.17 34.55 -1.21
CA LEU C 31 -27.95 33.78 -1.46
C LEU C 31 -27.10 34.32 -2.63
N ILE C 32 -27.42 35.51 -3.13
CA ILE C 32 -26.57 36.16 -4.13
C ILE C 32 -25.24 36.51 -3.47
N ALA C 33 -24.18 35.95 -4.02
CA ALA C 33 -22.85 35.96 -3.41
C ALA C 33 -22.28 37.37 -3.35
N SER C 34 -22.65 38.18 -4.34
CA SER C 34 -22.27 39.59 -4.44
C SER C 34 -23.16 40.60 -3.70
N GLU C 35 -24.17 40.16 -2.97
CA GLU C 35 -25.03 41.12 -2.29
C GLU C 35 -24.81 41.15 -0.80
N ASN C 36 -25.17 42.29 -0.22
CA ASN C 36 -25.12 42.46 1.21
C ASN C 36 -26.20 43.46 1.63
N LEU C 37 -26.21 43.85 2.89
CA LEU C 37 -27.18 44.82 3.41
C LEU C 37 -26.45 45.89 4.19
N THR C 38 -26.55 47.12 3.71
CA THR C 38 -25.94 48.28 4.34
C THR C 38 -26.73 48.67 5.60
N ASN C 39 -26.01 49.03 6.66
CA ASN C 39 -26.64 49.62 7.86
C ASN C 39 -27.27 50.99 7.56
N GLY C 40 -27.94 51.58 8.56
CA GLY C 40 -28.63 52.89 8.42
C GLY C 40 -27.65 54.07 8.23
N ALA C 41 -26.47 53.94 8.83
CA ALA C 41 -25.41 54.92 8.72
C ALA C 41 -24.84 55.09 7.32
N VAL C 42 -24.59 53.98 6.61
CA VAL C 42 -24.12 54.01 5.21
C VAL C 42 -25.20 54.63 4.32
N ARG C 43 -26.46 54.31 4.60
CA ARG C 43 -27.60 54.86 3.87
C ARG C 43 -27.88 56.35 4.13
N GLU C 44 -27.53 56.82 5.33
CA GLU C 44 -27.66 58.24 5.67
C GLU C 44 -26.60 59.08 4.95
N CYS C 45 -25.40 58.54 4.75
CA CYS C 45 -24.37 59.17 3.92
C CYS C 45 -24.80 59.27 2.48
N LEU C 46 -25.29 58.15 1.95
CA LEU C 46 -25.74 58.05 0.56
C LEU C 46 -26.84 59.04 0.23
N GLY C 47 -27.67 59.36 1.23
CA GLY C 47 -28.72 60.34 1.10
C GLY C 47 -28.32 61.75 1.52
N ASN C 48 -27.02 62.00 1.74
CA ASN C 48 -26.55 63.31 2.28
C ASN C 48 -26.36 64.42 1.23
N ARG C 49 -26.61 65.66 1.64
CA ARG C 49 -26.49 66.85 0.76
C ARG C 49 -25.13 67.04 0.09
N VAL C 50 -24.12 66.33 0.56
CA VAL C 50 -22.78 66.31 0.00
C VAL C 50 -22.80 65.98 -1.52
N SER C 51 -23.82 65.24 -1.96
CA SER C 51 -23.97 64.87 -3.38
C SER C 51 -24.35 66.06 -4.28
N ASN C 52 -24.66 67.20 -3.69
CA ASN C 52 -24.83 68.46 -4.44
C ASN C 52 -23.53 69.01 -5.03
N LYS C 53 -22.39 68.66 -4.42
CA LYS C 53 -21.13 69.32 -4.75
C LYS C 53 -20.45 68.78 -5.98
N TYR C 54 -20.09 69.67 -6.91
CA TYR C 54 -19.13 69.38 -7.99
C TYR C 54 -17.74 69.57 -7.46
N SER C 55 -16.88 68.57 -7.67
CA SER C 55 -15.51 68.62 -7.17
C SER C 55 -14.55 67.78 -7.97
N GLU C 56 -14.60 67.96 -9.30
CA GLU C 56 -13.59 67.37 -10.19
C GLU C 56 -12.18 67.77 -9.78
N GLY C 57 -11.24 66.85 -9.97
CA GLY C 57 -9.89 67.00 -9.48
C GLY C 57 -9.72 66.19 -8.21
N TYR C 58 -8.66 66.48 -7.46
CA TYR C 58 -8.32 65.76 -6.23
C TYR C 58 -8.32 66.74 -5.06
N PRO C 59 -8.26 66.26 -3.80
CA PRO C 59 -8.28 67.24 -2.67
C PRO C 59 -7.14 68.29 -2.74
N LYS C 60 -7.50 69.55 -2.46
CA LYS C 60 -6.64 70.76 -2.63
C LYS C 60 -6.43 71.20 -4.09
N LYS C 61 -6.85 70.37 -5.04
CA LYS C 61 -6.61 70.60 -6.46
C LYS C 61 -7.92 70.58 -7.26
N ARG C 62 -8.94 71.23 -6.72
CA ARG C 62 -10.27 71.27 -7.28
C ARG C 62 -10.45 72.33 -8.38
N TYR C 63 -11.37 72.05 -9.29
CA TYR C 63 -11.73 72.99 -10.32
C TYR C 63 -12.95 73.81 -9.92
N TYR C 64 -13.26 73.80 -8.64
CA TYR C 64 -14.41 74.51 -8.09
C TYR C 64 -14.10 75.06 -6.71
N GLY C 65 -14.77 76.18 -6.37
CA GLY C 65 -14.78 76.72 -5.01
C GLY C 65 -15.73 75.97 -4.08
N GLY C 66 -15.50 76.09 -2.77
CA GLY C 66 -16.40 75.55 -1.75
C GLY C 66 -16.20 74.08 -1.45
N ASN C 67 -14.98 73.60 -1.69
CA ASN C 67 -14.64 72.19 -1.48
C ASN C 67 -13.80 71.91 -0.24
N ASP C 68 -13.80 72.83 0.74
CA ASP C 68 -13.06 72.65 1.99
C ASP C 68 -13.53 71.40 2.78
N PHE C 69 -14.84 71.23 2.94
CA PHE C 69 -15.32 70.06 3.67
C PHE C 69 -15.30 68.75 2.88
N ILE C 70 -15.57 68.84 1.57
CA ILE C 70 -15.44 67.70 0.61
C ILE C 70 -14.02 67.15 0.58
N ASP C 71 -13.02 68.04 0.62
CA ASP C 71 -11.60 67.62 0.68
C ASP C 71 -11.30 66.77 1.90
N LYS C 72 -11.87 67.15 3.05
CA LYS C 72 -11.70 66.39 4.30
C LYS C 72 -12.34 65.00 4.22
N ILE C 73 -13.57 64.94 3.70
CA ILE C 73 -14.25 63.67 3.42
C ILE C 73 -13.47 62.82 2.42
N GLU C 74 -12.96 63.41 1.34
CA GLU C 74 -12.23 62.56 0.40
C GLU C 74 -10.94 62.05 1.02
N GLU C 75 -10.31 62.89 1.86
CA GLU C 75 -9.02 62.51 2.52
C GLU C 75 -9.16 61.43 3.61
N LEU C 76 -10.23 61.55 4.40
CA LEU C 76 -10.55 60.56 5.42
C LEU C 76 -10.84 59.17 4.83
N CYS C 77 -11.54 59.14 3.68
CA CYS C 77 -11.84 57.89 2.96
C CYS C 77 -10.58 57.16 2.53
N GLN C 78 -9.64 57.91 1.92
CA GLN C 78 -8.35 57.35 1.46
C GLN C 78 -7.54 56.84 2.65
N LYS C 79 -7.57 57.60 3.76
CA LYS C 79 -6.91 57.19 5.00
C LYS C 79 -7.49 55.85 5.49
N ARG C 80 -8.82 55.79 5.59
CA ARG C 80 -9.50 54.61 6.08
C ARG C 80 -9.39 53.40 5.15
N ALA C 81 -9.14 53.62 3.85
CA ALA C 81 -8.96 52.51 2.89
C ALA C 81 -7.64 51.81 3.04
N LEU C 82 -6.58 52.61 3.16
CA LEU C 82 -5.23 52.09 3.37
C LEU C 82 -5.11 51.48 4.78
N GLU C 83 -5.79 52.10 5.74
CA GLU C 83 -5.98 51.51 7.07
C GLU C 83 -6.57 50.09 6.96
N ALA C 84 -7.78 49.99 6.40
CA ALA C 84 -8.56 48.75 6.30
C ALA C 84 -7.84 47.59 5.63
N PHE C 85 -6.98 47.90 4.66
CA PHE C 85 -6.18 46.85 4.02
C PHE C 85 -4.75 46.72 4.54
N ASN C 86 -4.51 47.31 5.71
CA ASN C 86 -3.23 47.19 6.44
C ASN C 86 -2.03 47.45 5.53
N VAL C 87 -2.10 48.56 4.82
CA VAL C 87 -1.01 49.00 3.97
C VAL C 87 -0.57 50.37 4.46
N SER C 88 0.72 50.65 4.28
CA SER C 88 1.30 51.90 4.71
C SER C 88 1.07 52.94 3.62
N ASP C 89 0.56 54.12 4.01
CA ASP C 89 0.30 55.21 3.05
C ASP C 89 1.55 55.66 2.26
N GLU C 90 2.69 55.07 2.63
CA GLU C 90 3.98 55.37 2.01
C GLU C 90 4.23 54.48 0.79
N GLU C 91 3.90 53.20 0.93
CA GLU C 91 4.08 52.18 -0.13
C GLU C 91 2.92 52.10 -1.15
N TRP C 92 1.70 52.32 -0.66
CA TRP C 92 0.49 52.12 -1.45
C TRP C 92 -0.33 53.39 -1.52
N GLY C 93 -0.95 53.64 -2.67
CA GLY C 93 -1.96 54.70 -2.77
C GLY C 93 -3.36 54.22 -3.11
N VAL C 94 -4.34 55.07 -2.90
CA VAL C 94 -5.70 54.71 -3.27
C VAL C 94 -6.48 55.84 -3.97
N ASN C 95 -7.10 55.48 -5.11
CA ASN C 95 -8.17 56.30 -5.69
C ASN C 95 -9.61 55.88 -5.22
N VAL C 96 -10.34 56.84 -4.65
CA VAL C 96 -11.68 56.60 -4.06
C VAL C 96 -12.85 57.14 -4.90
N GLN C 97 -12.54 57.55 -6.12
CA GLN C 97 -13.54 58.17 -6.98
C GLN C 97 -14.30 57.24 -7.93
N PRO C 98 -13.73 56.03 -8.26
CA PRO C 98 -14.46 55.17 -9.21
C PRO C 98 -15.89 54.83 -8.76
N LEU C 99 -16.82 54.93 -9.69
CA LEU C 99 -18.25 54.87 -9.37
C LEU C 99 -18.73 53.45 -9.10
N SER C 100 -18.11 52.47 -9.76
CA SER C 100 -18.41 51.07 -9.52
C SER C 100 -17.27 50.17 -9.97
N GLY C 101 -17.36 48.88 -9.63
CA GLY C 101 -16.33 47.92 -9.95
C GLY C 101 -15.91 47.81 -11.40
N SER C 102 -16.87 47.97 -12.33
CA SER C 102 -16.54 47.84 -13.75
C SER C 102 -15.74 49.04 -14.26
N ALA C 103 -16.15 50.25 -13.83
CA ALA C 103 -15.43 51.51 -14.11
C ALA C 103 -13.99 51.47 -13.60
N ALA C 104 -13.81 51.17 -12.30
CA ALA C 104 -12.51 50.98 -11.64
C ALA C 104 -11.57 50.07 -12.41
N ASN C 105 -12.03 48.88 -12.79
CA ASN C 105 -11.18 47.99 -13.60
C ASN C 105 -10.79 48.56 -14.96
N VAL C 106 -11.73 49.22 -15.64
CA VAL C 106 -11.43 49.76 -16.98
C VAL C 106 -10.41 50.88 -16.85
N GLN C 107 -10.64 51.77 -15.89
CA GLN C 107 -9.75 52.82 -15.53
C GLN C 107 -8.34 52.28 -15.18
N ALA C 108 -8.26 51.33 -14.24
CA ALA C 108 -6.96 50.79 -13.84
C ALA C 108 -6.22 50.10 -14.99
N LEU C 109 -6.95 49.37 -15.82
CA LEU C 109 -6.32 48.66 -16.93
C LEU C 109 -5.75 49.63 -17.94
N TYR C 110 -6.51 50.69 -18.20
CA TYR C 110 -6.08 51.71 -19.14
C TYR C 110 -4.82 52.43 -18.66
N ALA C 111 -4.81 52.83 -17.38
CA ALA C 111 -3.63 53.39 -16.74
C ALA C 111 -2.39 52.55 -17.03
N LEU C 112 -2.52 51.23 -16.87
CA LEU C 112 -1.40 50.31 -16.97
C LEU C 112 -0.97 50.05 -18.39
N VAL C 113 -1.93 49.89 -19.31
CA VAL C 113 -1.60 49.41 -20.66
C VAL C 113 -1.98 50.32 -21.81
N GLY C 114 -3.01 51.14 -21.63
CA GLY C 114 -3.50 52.01 -22.70
C GLY C 114 -4.23 51.31 -23.86
N VAL C 115 -4.64 52.11 -24.83
CA VAL C 115 -5.38 51.61 -25.99
C VAL C 115 -4.49 50.62 -26.76
N LYS C 116 -5.10 49.52 -27.21
CA LYS C 116 -4.41 48.40 -27.88
C LYS C 116 -3.58 47.51 -26.94
N GLY C 117 -3.40 47.94 -25.68
CA GLY C 117 -2.60 47.20 -24.68
C GLY C 117 -3.08 45.77 -24.48
N LYS C 118 -2.15 44.90 -24.11
CA LYS C 118 -2.42 43.46 -23.94
C LYS C 118 -2.71 43.09 -22.48
N ILE C 119 -3.82 42.37 -22.27
CA ILE C 119 -4.27 41.94 -20.92
C ILE C 119 -4.67 40.45 -20.90
N MET C 120 -4.55 39.85 -19.73
CA MET C 120 -4.87 38.44 -19.53
C MET C 120 -5.79 38.35 -18.34
N GLY C 121 -6.88 37.63 -18.54
CA GLY C 121 -7.88 37.42 -17.51
C GLY C 121 -8.44 36.03 -17.60
N MET C 122 -9.08 35.58 -16.52
CA MET C 122 -9.81 34.33 -16.51
C MET C 122 -11.13 34.50 -17.23
N HIS C 123 -11.49 33.44 -17.94
CA HIS C 123 -12.70 33.38 -18.73
C HIS C 123 -13.90 33.44 -17.81
N LEU C 124 -14.97 34.09 -18.29
CA LEU C 124 -16.23 34.21 -17.55
C LEU C 124 -16.76 32.86 -17.09
N CYS C 125 -16.80 31.88 -18.01
CA CYS C 125 -17.26 30.50 -17.73
C CYS C 125 -16.47 29.81 -16.64
N SER C 126 -15.18 30.14 -16.54
CA SER C 126 -14.31 29.64 -15.48
C SER C 126 -14.42 30.45 -14.16
N GLY C 127 -15.17 31.55 -14.19
CA GLY C 127 -15.42 32.35 -12.99
C GLY C 127 -14.81 33.74 -12.93
N GLY C 128 -14.27 34.20 -14.05
CA GLY C 128 -13.76 35.57 -14.19
C GLY C 128 -14.87 36.57 -14.48
N HIS C 129 -14.55 37.87 -14.39
CA HIS C 129 -15.53 38.94 -14.62
C HIS C 129 -15.53 39.35 -16.07
N LEU C 130 -16.61 40.02 -16.49
CA LEU C 130 -16.71 40.62 -17.82
C LEU C 130 -15.55 41.58 -18.05
N THR C 131 -15.21 42.39 -17.03
CA THR C 131 -14.15 43.41 -17.14
C THR C 131 -12.71 42.85 -17.12
N HIS C 132 -12.58 41.52 -17.14
CA HIS C 132 -11.26 40.90 -17.19
C HIS C 132 -10.92 40.46 -18.61
N GLY C 133 -11.54 41.09 -19.60
CA GLY C 133 -11.19 40.86 -21.00
C GLY C 133 -12.16 40.01 -21.80
N PHE C 134 -13.33 39.77 -21.25
CA PHE C 134 -14.27 38.81 -21.84
C PHE C 134 -14.72 39.08 -23.28
N PHE C 135 -14.72 37.99 -24.07
CA PHE C 135 -15.32 38.01 -25.41
C PHE C 135 -15.81 36.62 -25.82
N ASP C 136 -16.50 36.59 -26.97
CA ASP C 136 -17.08 35.39 -27.59
C ASP C 136 -16.62 35.36 -29.06
N GLU C 137 -16.69 34.19 -29.71
CA GLU C 137 -16.39 34.06 -31.15
C GLU C 137 -17.07 35.14 -32.02
N LYS C 138 -18.35 35.38 -31.73
CA LYS C 138 -19.17 36.41 -32.38
C LYS C 138 -18.74 37.85 -32.09
N LYS C 139 -18.52 38.19 -30.82
CA LYS C 139 -18.44 39.58 -30.40
C LYS C 139 -17.43 39.89 -29.29
N LYS C 140 -16.84 41.08 -29.36
CA LYS C 140 -16.08 41.65 -28.26
C LYS C 140 -17.03 42.23 -27.19
N VAL C 141 -17.47 41.35 -26.30
CA VAL C 141 -18.55 41.59 -25.35
C VAL C 141 -18.24 42.72 -24.35
N SER C 142 -17.05 42.70 -23.76
CA SER C 142 -16.61 43.78 -22.89
C SER C 142 -15.69 44.72 -23.64
N ILE C 143 -15.70 46.00 -23.24
CA ILE C 143 -14.74 46.99 -23.74
C ILE C 143 -13.32 46.51 -23.45
N THR C 144 -13.16 45.72 -22.38
CA THR C 144 -11.86 45.17 -22.04
C THR C 144 -11.30 44.20 -23.08
N SER C 145 -12.16 43.74 -23.99
CA SER C 145 -11.70 42.90 -25.11
C SER C 145 -11.63 43.71 -26.39
N ASP C 146 -12.09 44.97 -26.35
CA ASP C 146 -12.10 45.80 -27.54
C ASP C 146 -11.06 46.91 -27.50
N MET C 147 -11.09 47.73 -26.44
CA MET C 147 -10.11 48.80 -26.29
C MET C 147 -8.72 48.24 -25.91
N PHE C 148 -8.71 47.00 -25.43
CA PHE C 148 -7.52 46.24 -25.08
C PHE C 148 -7.49 44.98 -25.94
N GLU C 149 -6.30 44.40 -26.11
CA GLU C 149 -6.16 43.09 -26.76
C GLU C 149 -6.11 42.09 -25.62
N SER C 150 -7.14 41.27 -25.51
CA SER C 150 -7.24 40.35 -24.39
C SER C 150 -7.09 38.91 -24.83
N LYS C 151 -6.64 38.08 -23.89
CA LYS C 151 -6.63 36.65 -24.07
C LYS C 151 -7.10 36.04 -22.75
N LEU C 152 -7.78 34.91 -22.83
CA LEU C 152 -8.51 34.38 -21.66
C LEU C 152 -8.07 32.97 -21.26
N TYR C 153 -7.65 32.84 -20.00
CA TYR C 153 -7.28 31.52 -19.47
C TYR C 153 -8.43 30.85 -18.78
N LYS C 154 -8.56 29.56 -19.07
CA LYS C 154 -9.59 28.72 -18.46
C LYS C 154 -8.94 27.89 -17.38
N CYS C 155 -9.72 27.65 -16.32
CA CYS C 155 -9.36 26.71 -15.27
C CYS C 155 -9.54 25.27 -15.75
N ASN C 156 -8.94 24.33 -15.04
CA ASN C 156 -9.08 22.89 -15.34
C ASN C 156 -10.50 22.33 -15.11
N SER C 157 -10.71 21.09 -15.56
CA SER C 157 -12.00 20.38 -15.42
C SER C 157 -12.48 20.22 -13.95
N GLN C 158 -11.54 20.16 -13.01
CA GLN C 158 -11.88 20.09 -11.58
C GLN C 158 -12.35 21.46 -11.04
N GLY C 159 -12.17 22.50 -11.85
CA GLY C 159 -12.60 23.87 -11.52
C GLY C 159 -11.55 24.82 -10.96
N TYR C 160 -10.33 24.32 -10.76
CA TYR C 160 -9.23 25.11 -10.16
C TYR C 160 -8.46 25.89 -11.21
N VAL C 161 -7.90 27.04 -10.83
CA VAL C 161 -6.98 27.77 -11.72
C VAL C 161 -5.83 26.84 -12.17
N ASP C 162 -5.58 26.80 -13.48
CA ASP C 162 -4.47 26.02 -14.00
C ASP C 162 -3.30 26.95 -14.25
N LEU C 163 -2.43 27.04 -13.26
CA LEU C 163 -1.27 27.94 -13.30
C LEU C 163 -0.33 27.63 -14.47
N ASP C 164 -0.25 26.35 -14.84
CA ASP C 164 0.55 25.90 -16.00
C ASP C 164 0.07 26.58 -17.27
N ALA C 165 -1.24 26.59 -17.47
CA ALA C 165 -1.87 27.23 -18.61
C ALA C 165 -1.62 28.75 -18.61
N VAL C 166 -1.66 29.36 -17.43
CA VAL C 166 -1.37 30.80 -17.27
C VAL C 166 0.04 31.15 -17.76
N ARG C 167 1.05 30.41 -17.30
CA ARG C 167 2.43 30.55 -17.78
C ARG C 167 2.55 30.33 -19.30
N GLU C 168 2.12 29.15 -19.79
CA GLU C 168 2.09 28.86 -21.23
C GLU C 168 1.49 30.03 -22.04
N MET C 169 0.40 30.60 -21.54
CA MET C 169 -0.28 31.71 -22.23
C MET C 169 0.53 33.00 -22.15
N ALA C 170 0.94 33.37 -20.94
CA ALA C 170 1.78 34.56 -20.73
C ALA C 170 3.07 34.62 -21.56
N LEU C 171 3.77 33.49 -21.70
CA LEU C 171 5.06 33.44 -22.41
C LEU C 171 4.94 33.62 -23.93
N SER C 172 3.91 33.04 -24.53
CA SER C 172 3.66 33.24 -25.96
C SER C 172 2.91 34.55 -26.27
N PHE C 173 1.85 34.85 -25.51
CA PHE C 173 1.03 36.03 -25.76
C PHE C 173 1.68 37.36 -25.34
N LYS C 174 2.48 37.32 -24.26
CA LYS C 174 3.29 38.45 -23.77
C LYS C 174 2.44 39.67 -23.32
N PRO C 175 1.57 39.48 -22.29
CA PRO C 175 0.68 40.56 -21.87
C PRO C 175 1.41 41.60 -21.04
N LYS C 176 0.81 42.77 -20.88
CA LYS C 176 1.37 43.78 -19.98
C LYS C 176 0.71 43.73 -18.59
N VAL C 177 -0.46 43.08 -18.51
CA VAL C 177 -1.20 42.92 -17.26
C VAL C 177 -1.77 41.50 -17.19
N ILE C 178 -1.67 40.89 -16.01
CA ILE C 178 -2.37 39.65 -15.75
C ILE C 178 -3.33 39.88 -14.59
N ILE C 179 -4.61 39.58 -14.83
CA ILE C 179 -5.65 39.77 -13.85
C ILE C 179 -5.94 38.46 -13.12
N CYS C 180 -5.93 38.51 -11.79
CA CYS C 180 -6.42 37.42 -10.99
C CYS C 180 -7.39 37.97 -9.95
N GLY C 181 -8.15 37.08 -9.29
CA GLY C 181 -9.20 37.52 -8.34
C GLY C 181 -10.49 37.69 -9.12
N TYR C 182 -11.56 37.05 -8.65
CA TYR C 182 -12.62 36.61 -9.58
C TYR C 182 -14.05 36.83 -9.08
N THR C 183 -15.02 36.57 -9.96
CA THR C 183 -16.42 36.79 -9.58
C THR C 183 -17.14 35.57 -9.03
N SER C 184 -16.81 34.40 -9.56
CA SER C 184 -17.48 33.18 -9.11
C SER C 184 -16.51 32.02 -8.97
N TYR C 185 -15.41 32.32 -8.30
CA TYR C 185 -14.37 31.34 -7.99
C TYR C 185 -14.42 31.04 -6.49
N PRO C 186 -14.62 29.76 -6.12
CA PRO C 186 -14.80 29.33 -4.73
C PRO C 186 -13.49 29.03 -3.96
N ARG C 187 -12.35 29.15 -4.62
CA ARG C 187 -11.09 28.94 -3.93
C ARG C 187 -10.24 30.20 -3.78
N ASP C 188 -9.28 30.16 -2.83
CA ASP C 188 -8.27 31.22 -2.66
C ASP C 188 -7.29 31.22 -3.84
N ILE C 189 -6.39 32.22 -3.87
CA ILE C 189 -5.51 32.48 -5.01
C ILE C 189 -4.02 32.47 -4.61
N ASP C 190 -3.22 31.81 -5.43
CA ASP C 190 -1.78 31.84 -5.28
C ASP C 190 -1.25 33.06 -6.00
N TYR C 191 -1.32 34.20 -5.32
CA TYR C 191 -0.85 35.47 -5.84
C TYR C 191 0.65 35.43 -6.02
N GLN C 192 1.36 34.82 -5.06
CA GLN C 192 2.82 34.63 -5.15
C GLN C 192 3.21 33.98 -6.49
N GLN C 193 2.45 32.98 -6.90
CA GLN C 193 2.67 32.31 -8.18
C GLN C 193 2.33 33.22 -9.35
N PHE C 194 1.25 34.00 -9.21
CA PHE C 194 0.92 34.97 -10.24
C PHE C 194 2.05 35.96 -10.45
N ARG C 195 2.58 36.46 -9.33
CA ARG C 195 3.71 37.38 -9.28
C ARG C 195 4.96 36.83 -10.01
N GLN C 196 5.31 35.58 -9.71
CA GLN C 196 6.35 34.83 -10.39
C GLN C 196 6.16 34.77 -11.93
N ILE C 197 4.91 34.62 -12.38
CA ILE C 197 4.63 34.55 -13.83
C ILE C 197 4.72 35.94 -14.48
N CYS C 198 4.30 36.96 -13.75
CA CYS C 198 4.34 38.35 -14.22
C CYS C 198 5.78 38.88 -14.30
N ASP C 199 6.57 38.63 -13.24
CA ASP C 199 8.03 38.87 -13.20
C ASP C 199 8.78 38.27 -14.40
N GLU C 200 8.32 37.09 -14.83
CA GLU C 200 8.97 36.37 -15.93
C GLU C 200 8.76 37.04 -17.28
N VAL C 201 7.65 37.76 -17.44
CA VAL C 201 7.31 38.37 -18.73
C VAL C 201 7.22 39.90 -18.69
N ASN C 202 7.59 40.46 -17.53
CA ASN C 202 7.55 41.92 -17.24
C ASN C 202 6.12 42.52 -17.34
N ALA C 203 5.17 41.78 -16.75
CA ALA C 203 3.77 42.20 -16.68
C ALA C 203 3.42 42.73 -15.30
N TYR C 204 2.47 43.66 -15.25
CA TYR C 204 1.85 44.10 -14.02
C TYR C 204 0.96 42.99 -13.44
N LEU C 205 0.91 42.90 -12.11
CA LEU C 205 0.04 41.99 -11.40
C LEU C 205 -1.17 42.71 -10.86
N PHE C 206 -2.31 42.39 -11.48
CA PHE C 206 -3.61 42.97 -11.18
C PHE C 206 -4.43 41.94 -10.40
N ALA C 207 -4.75 42.28 -9.15
CA ALA C 207 -5.68 41.50 -8.36
C ALA C 207 -6.99 42.25 -8.13
N ASP C 208 -8.10 41.62 -8.50
CA ASP C 208 -9.41 42.20 -8.31
C ASP C 208 -10.04 41.37 -7.22
N ILE C 209 -10.24 41.97 -6.06
CA ILE C 209 -10.63 41.26 -4.85
C ILE C 209 -12.03 41.64 -4.36
N SER C 210 -12.86 42.20 -5.26
CA SER C 210 -14.22 42.66 -4.94
C SER C 210 -15.05 41.64 -4.17
N HIS C 211 -15.06 40.40 -4.66
CA HIS C 211 -15.79 39.31 -3.99
C HIS C 211 -15.23 38.84 -2.66
N ILE C 212 -13.93 39.03 -2.46
CA ILE C 212 -13.25 38.43 -1.32
C ILE C 212 -12.56 39.45 -0.43
N SER C 213 -12.92 40.72 -0.64
CA SER C 213 -12.20 41.88 -0.05
C SER C 213 -12.10 41.84 1.46
N SER C 214 -13.21 41.51 2.12
CA SER C 214 -13.28 41.40 3.57
C SER C 214 -12.35 40.35 4.14
N PHE C 215 -12.15 39.25 3.42
CA PHE C 215 -11.20 38.21 3.81
C PHE C 215 -9.76 38.72 3.76
N VAL C 216 -9.42 39.47 2.72
CA VAL C 216 -8.11 40.04 2.57
C VAL C 216 -7.89 41.07 3.68
N ALA C 217 -8.89 41.91 3.90
CA ALA C 217 -8.90 42.91 4.98
C ALA C 217 -8.64 42.34 6.37
N CYS C 218 -9.26 41.21 6.67
CA CYS C 218 -9.24 40.64 8.02
C CYS C 218 -8.18 39.54 8.23
N ASN C 219 -7.25 39.43 7.28
CA ASN C 219 -6.19 38.41 7.29
C ASN C 219 -6.65 36.96 7.42
N ILE C 220 -7.77 36.65 6.76
CA ILE C 220 -8.37 35.31 6.74
C ILE C 220 -8.01 34.54 5.46
N LEU C 221 -7.78 35.26 4.37
CA LEU C 221 -7.30 34.62 3.14
C LEU C 221 -5.98 35.22 2.66
N ASN C 222 -5.40 34.65 1.60
CA ASN C 222 -4.20 35.24 1.00
C ASN C 222 -4.31 36.74 0.81
N ASN C 223 -3.20 37.44 1.10
CA ASN C 223 -3.13 38.89 0.93
C ASN C 223 -2.44 39.23 -0.39
N PRO C 224 -3.21 39.72 -1.38
CA PRO C 224 -2.58 40.06 -2.66
C PRO C 224 -1.70 41.33 -2.61
N PHE C 225 -1.85 42.14 -1.55
CA PHE C 225 -1.10 43.40 -1.43
C PHE C 225 0.39 43.17 -1.31
N LEU C 226 0.76 42.00 -0.81
CA LEU C 226 2.15 41.63 -0.68
C LEU C 226 2.81 41.48 -2.05
N HIS C 227 2.02 41.15 -3.07
CA HIS C 227 2.58 40.81 -4.39
C HIS C 227 2.10 41.69 -5.53
N ALA C 228 0.85 42.16 -5.43
CA ALA C 228 0.19 42.86 -6.52
C ALA C 228 0.73 44.28 -6.77
N ASP C 229 0.60 44.72 -8.01
CA ASP C 229 0.88 46.09 -8.39
C ASP C 229 -0.39 46.95 -8.25
N VAL C 230 -1.52 46.37 -8.68
CA VAL C 230 -2.81 47.02 -8.58
C VAL C 230 -3.80 46.06 -7.92
N VAL C 231 -4.57 46.60 -6.99
CA VAL C 231 -5.65 45.88 -6.38
C VAL C 231 -6.92 46.70 -6.55
N THR C 232 -7.93 46.12 -7.19
CA THR C 232 -9.26 46.79 -7.28
C THR C 232 -10.26 46.04 -6.43
N THR C 233 -11.25 46.78 -5.97
CA THR C 233 -12.34 46.18 -5.23
C THR C 233 -13.53 47.10 -5.25
N THR C 234 -14.68 46.48 -5.38
CA THR C 234 -15.95 47.13 -5.14
C THR C 234 -16.11 47.27 -3.65
N THR C 235 -17.03 48.12 -3.24
CA THR C 235 -17.26 48.36 -1.83
C THR C 235 -18.59 47.75 -1.31
N HIS C 236 -19.41 47.23 -2.22
CA HIS C 236 -20.80 46.82 -1.91
C HIS C 236 -21.03 45.33 -1.66
N LYS C 237 -20.00 44.51 -1.87
CA LYS C 237 -20.21 43.08 -1.74
C LYS C 237 -19.93 42.63 -0.32
N ILE C 238 -18.94 41.76 -0.14
CA ILE C 238 -18.60 41.25 1.19
C ILE C 238 -18.15 42.35 2.15
N LEU C 239 -17.56 43.43 1.60
CA LEU C 239 -17.16 44.61 2.37
C LEU C 239 -18.35 45.33 3.00
N ARG C 240 -19.53 45.17 2.39
CA ARG C 240 -20.79 45.69 2.95
C ARG C 240 -20.81 47.22 2.99
N GLY C 241 -20.20 47.83 1.97
CA GLY C 241 -20.24 49.27 1.80
C GLY C 241 -21.34 49.71 0.86
N PRO C 242 -21.29 50.96 0.38
CA PRO C 242 -22.22 51.43 -0.65
C PRO C 242 -21.79 50.86 -1.98
N ARG C 243 -22.49 51.22 -3.06
CA ARG C 243 -22.04 50.77 -4.37
C ARG C 243 -21.03 51.77 -4.92
N SER C 244 -19.77 51.37 -4.86
CA SER C 244 -18.64 52.19 -5.25
C SER C 244 -17.44 51.29 -5.41
N ALA C 245 -16.33 51.86 -5.86
CA ALA C 245 -15.10 51.09 -6.07
C ALA C 245 -13.81 51.82 -5.65
N LEU C 246 -12.77 51.03 -5.39
CA LEU C 246 -11.45 51.49 -4.98
C LEU C 246 -10.37 50.93 -5.89
N ILE C 247 -9.38 51.75 -6.22
CA ILE C 247 -8.15 51.28 -6.88
C ILE C 247 -6.96 51.54 -5.96
N PHE C 248 -6.26 50.44 -5.62
CA PHE C 248 -5.00 50.44 -4.91
C PHE C 248 -3.81 50.25 -5.84
N PHE C 249 -2.79 51.09 -5.68
CA PHE C 249 -1.59 51.02 -6.52
C PHE C 249 -0.31 50.97 -5.69
N ASN C 250 0.61 50.07 -6.06
CA ASN C 250 1.90 49.99 -5.37
C ASN C 250 2.91 51.03 -5.87
N LYS C 251 3.03 52.12 -5.12
CA LYS C 251 3.99 53.21 -5.38
C LYS C 251 5.45 52.77 -5.30
N LYS C 252 5.76 51.92 -4.32
CA LYS C 252 7.12 51.42 -4.09
C LYS C 252 7.64 50.57 -5.24
N ARG C 253 6.78 49.71 -5.78
CA ARG C 253 7.14 48.83 -6.87
C ARG C 253 7.16 49.62 -8.18
N ASN C 254 6.29 50.63 -8.29
CA ASN C 254 6.14 51.43 -9.50
C ASN C 254 5.99 52.91 -9.15
N PRO C 255 7.10 53.67 -9.14
CA PRO C 255 6.92 55.09 -8.92
C PRO C 255 6.27 55.73 -10.16
N GLY C 256 5.45 56.74 -9.93
CA GLY C 256 4.74 57.39 -11.04
C GLY C 256 3.45 56.70 -11.47
N ILE C 257 3.10 55.61 -10.79
CA ILE C 257 1.84 54.90 -11.03
C ILE C 257 0.68 55.71 -10.44
N GLU C 258 0.98 56.45 -9.35
CA GLU C 258 0.02 57.32 -8.69
C GLU C 258 -0.65 58.29 -9.67
N GLN C 259 0.18 58.93 -10.50
CA GLN C 259 -0.29 59.89 -11.50
C GLN C 259 -1.08 59.15 -12.58
N LYS C 260 -0.54 58.05 -13.09
CA LYS C 260 -1.21 57.20 -14.08
C LYS C 260 -2.66 56.79 -13.68
N ILE C 261 -2.82 56.22 -12.47
CA ILE C 261 -4.12 55.79 -11.98
C ILE C 261 -5.01 57.01 -11.84
N ASN C 262 -4.51 58.04 -11.19
CA ASN C 262 -5.31 59.21 -10.89
C ASN C 262 -5.82 59.97 -12.13
N SER C 263 -5.00 60.02 -13.18
CA SER C 263 -5.38 60.72 -14.40
C SER C 263 -6.32 59.83 -15.23
N ALA C 264 -6.12 58.50 -15.16
CA ALA C 264 -7.06 57.53 -15.76
C ALA C 264 -8.47 57.70 -15.20
N VAL C 265 -8.58 57.85 -13.88
CA VAL C 265 -9.88 58.05 -13.26
C VAL C 265 -10.43 59.42 -13.67
N PHE C 266 -9.64 60.47 -13.43
CA PHE C 266 -9.98 61.81 -13.92
C PHE C 266 -8.70 62.48 -14.38
N PRO C 267 -8.66 63.04 -15.60
CA PRO C 267 -9.83 63.29 -16.42
C PRO C 267 -10.09 62.30 -17.57
N SER C 268 -9.38 61.19 -17.61
CA SER C 268 -9.53 60.24 -18.71
C SER C 268 -10.96 59.70 -18.86
N PHE C 269 -11.56 59.29 -17.74
CA PHE C 269 -12.85 58.58 -17.74
C PHE C 269 -14.02 59.29 -17.05
N GLN C 270 -13.82 59.78 -15.84
CA GLN C 270 -14.91 60.38 -15.07
C GLN C 270 -14.83 61.91 -15.03
N GLY C 271 -15.96 62.54 -14.70
CA GLY C 271 -16.09 63.94 -14.38
C GLY C 271 -16.20 64.06 -12.87
N GLY C 272 -17.26 64.69 -12.38
CA GLY C 272 -17.39 64.93 -10.94
C GLY C 272 -17.59 63.67 -10.09
N PRO C 273 -16.81 63.53 -9.00
CA PRO C 273 -16.96 62.40 -8.04
C PRO C 273 -18.35 62.39 -7.41
N HIS C 274 -18.83 61.20 -7.06
CA HIS C 274 -20.08 61.11 -6.30
C HIS C 274 -19.75 61.12 -4.79
N ASN C 275 -19.86 62.30 -4.20
CA ASN C 275 -19.41 62.52 -2.83
C ASN C 275 -20.16 61.78 -1.74
N ASN C 276 -21.44 61.55 -1.96
CA ASN C 276 -22.26 60.69 -1.08
C ASN C 276 -21.72 59.27 -1.00
N LYS C 277 -21.26 58.77 -2.14
CA LYS C 277 -20.61 57.47 -2.23
C LYS C 277 -19.39 57.46 -1.37
N ILE C 278 -18.52 58.47 -1.57
CA ILE C 278 -17.22 58.57 -0.88
C ILE C 278 -17.44 58.63 0.62
N ALA C 279 -18.37 59.49 1.03
CA ALA C 279 -18.75 59.61 2.41
C ALA C 279 -19.23 58.26 2.97
N ALA C 280 -20.04 57.52 2.19
CA ALA C 280 -20.55 56.22 2.66
C ALA C 280 -19.46 55.18 2.78
N VAL C 281 -18.56 55.17 1.80
CA VAL C 281 -17.37 54.32 1.80
C VAL C 281 -16.60 54.59 3.08
N ALA C 282 -16.37 55.87 3.39
CA ALA C 282 -15.59 56.28 4.56
C ALA C 282 -16.12 55.65 5.84
N CYS C 283 -17.42 55.84 6.05
CA CYS C 283 -18.18 55.26 7.15
C CYS C 283 -18.05 53.73 7.25
N GLN C 284 -18.13 53.04 6.11
CA GLN C 284 -18.07 51.58 6.18
C GLN C 284 -16.64 51.11 6.47
N LEU C 285 -15.66 51.83 5.94
CA LEU C 285 -14.26 51.46 6.14
C LEU C 285 -13.82 51.52 7.60
N LYS C 286 -14.41 52.44 8.37
CA LYS C 286 -14.25 52.47 9.83
C LYS C 286 -14.68 51.16 10.48
N GLU C 287 -15.88 50.70 10.11
CA GLU C 287 -16.40 49.40 10.54
C GLU C 287 -15.52 48.22 10.08
N VAL C 288 -14.92 48.31 8.89
CA VAL C 288 -14.12 47.21 8.32
C VAL C 288 -12.86 46.87 9.13
N HIS C 289 -12.23 47.87 9.72
CA HIS C 289 -10.95 47.69 10.43
C HIS C 289 -11.08 47.13 11.86
N SER C 290 -12.21 47.40 12.50
CA SER C 290 -12.52 46.92 13.85
C SER C 290 -12.52 45.37 13.96
N PRO C 291 -12.16 44.82 15.15
CA PRO C 291 -12.23 43.36 15.38
C PRO C 291 -13.65 42.76 15.22
N ALA C 292 -14.68 43.60 15.42
CA ALA C 292 -16.09 43.23 15.26
C ALA C 292 -16.46 42.76 13.84
N PHE C 293 -15.87 43.40 12.83
CA PHE C 293 -16.11 43.06 11.44
C PHE C 293 -15.38 41.77 11.05
N LYS C 294 -14.21 41.58 11.66
CA LYS C 294 -13.47 40.34 11.51
C LYS C 294 -14.32 39.17 12.01
N GLU C 295 -15.11 39.43 13.06
CA GLU C 295 -16.04 38.43 13.58
C GLU C 295 -17.06 38.05 12.50
N TYR C 296 -17.68 39.08 11.90
CA TYR C 296 -18.67 38.91 10.83
C TYR C 296 -18.07 38.10 9.66
N THR C 297 -16.88 38.49 9.21
CA THR C 297 -16.22 37.88 8.06
C THR C 297 -15.90 36.42 8.33
N GLN C 298 -15.49 36.13 9.56
CA GLN C 298 -15.22 34.77 10.02
C GLN C 298 -16.48 33.95 10.00
N GLN C 299 -17.58 34.55 10.46
CA GLN C 299 -18.87 33.88 10.41
C GLN C 299 -19.29 33.57 8.97
N VAL C 300 -18.93 34.46 8.03
CA VAL C 300 -19.22 34.27 6.61
C VAL C 300 -18.59 32.97 6.14
N LEU C 301 -17.28 32.81 6.40
CA LEU C 301 -16.57 31.59 6.03
C LEU C 301 -17.16 30.38 6.74
N LEU C 302 -17.48 30.52 8.03
CA LEU C 302 -17.98 29.42 8.85
C LEU C 302 -19.32 28.94 8.31
N ASN C 303 -20.16 29.88 7.89
CA ASN C 303 -21.46 29.58 7.25
C ASN C 303 -21.30 28.97 5.87
N SER C 304 -20.26 29.42 5.16
CA SER C 304 -19.96 28.94 3.82
C SER C 304 -19.45 27.50 3.82
N LYS C 305 -18.61 27.19 4.80
CA LYS C 305 -18.03 25.85 4.99
C LYS C 305 -19.15 24.90 5.36
N ALA C 306 -20.00 25.34 6.30
CA ALA C 306 -21.13 24.57 6.79
C ALA C 306 -22.18 24.37 5.72
N LEU C 307 -22.40 25.38 4.87
CA LEU C 307 -23.41 25.31 3.82
C LEU C 307 -22.99 24.33 2.75
N ALA C 308 -21.72 24.37 2.41
CA ALA C 308 -21.15 23.43 1.46
C ALA C 308 -21.29 22.00 1.97
N LYS C 309 -20.92 21.80 3.24
CA LYS C 309 -20.95 20.48 3.88
C LYS C 309 -22.38 19.91 3.91
N ALA C 310 -23.36 20.75 4.27
CA ALA C 310 -24.76 20.36 4.29
C ALA C 310 -25.31 20.00 2.90
N LEU C 311 -24.82 20.66 1.85
CA LEU C 311 -25.29 20.35 0.50
C LEU C 311 -24.74 19.02 -0.02
N ILE C 312 -23.45 18.79 0.24
CA ILE C 312 -22.81 17.49 -0.05
C ILE C 312 -23.52 16.31 0.66
N SER C 313 -23.83 16.50 1.95
CA SER C 313 -24.56 15.50 2.75
C SER C 313 -25.95 15.14 2.17
N LYS C 314 -26.47 16.05 1.32
CA LYS C 314 -27.73 15.87 0.58
C LYS C 314 -27.45 15.53 -0.89
N GLN C 315 -26.25 15.04 -1.18
CA GLN C 315 -25.90 14.53 -2.52
C GLN C 315 -25.91 15.57 -3.65
N ILE C 316 -25.56 16.80 -3.31
CA ILE C 316 -25.45 17.89 -4.27
C ILE C 316 -23.96 18.13 -4.54
N ASP C 317 -23.60 18.12 -5.83
CA ASP C 317 -22.24 18.39 -6.31
C ASP C 317 -21.85 19.87 -6.40
N LEU C 318 -20.65 20.17 -5.88
CA LEU C 318 -20.08 21.49 -5.83
C LEU C 318 -18.81 21.54 -6.69
N VAL C 319 -18.60 22.67 -7.34
CA VAL C 319 -17.43 22.89 -8.17
C VAL C 319 -16.26 23.02 -7.22
N THR C 320 -15.19 22.30 -7.54
CA THR C 320 -14.02 22.11 -6.65
C THR C 320 -14.38 21.35 -5.36
N ASN C 321 -15.63 20.85 -5.26
CA ASN C 321 -16.18 20.09 -4.11
C ASN C 321 -16.18 20.76 -2.76
N GLY C 322 -16.20 22.08 -2.77
CA GLY C 322 -16.15 22.86 -1.55
C GLY C 322 -15.80 24.28 -1.84
N THR C 323 -15.35 24.97 -0.79
CA THR C 323 -15.11 26.40 -0.87
C THR C 323 -14.10 26.87 0.19
N ASP C 324 -13.22 27.79 -0.21
CA ASP C 324 -12.38 28.49 0.76
C ASP C 324 -12.92 29.83 1.20
N ASN C 325 -14.01 30.29 0.59
CA ASN C 325 -14.49 31.64 0.84
C ASN C 325 -15.98 31.65 1.09
N HIS C 326 -16.62 32.78 0.77
CA HIS C 326 -18.06 33.03 0.95
C HIS C 326 -19.00 32.38 -0.08
N LEU C 327 -18.45 31.83 -1.16
CA LEU C 327 -19.28 31.41 -2.29
C LEU C 327 -19.15 29.94 -2.66
N ILE C 328 -20.23 29.37 -3.18
CA ILE C 328 -20.26 27.99 -3.66
C ILE C 328 -20.89 28.01 -5.04
N VAL C 329 -20.41 27.16 -5.94
CA VAL C 329 -21.11 26.94 -7.21
C VAL C 329 -21.68 25.51 -7.22
N VAL C 330 -23.01 25.39 -7.33
CA VAL C 330 -23.69 24.09 -7.37
C VAL C 330 -23.78 23.62 -8.81
N ASP C 331 -23.22 22.43 -9.08
CA ASP C 331 -23.31 21.78 -10.39
C ASP C 331 -24.62 21.00 -10.44
N LEU C 332 -25.49 21.34 -11.37
CA LEU C 332 -26.83 20.77 -11.44
C LEU C 332 -26.98 19.66 -12.51
N ARG C 333 -25.86 19.19 -13.05
CA ARG C 333 -25.89 18.20 -14.12
C ARG C 333 -26.57 16.87 -13.76
N LYS C 334 -26.32 16.37 -12.56
CA LYS C 334 -26.89 15.08 -12.13
C LYS C 334 -28.42 15.12 -12.03
N PHE C 335 -28.97 16.32 -11.97
CA PHE C 335 -30.39 16.51 -11.87
C PHE C 335 -31.01 16.82 -13.23
N SER C 336 -30.15 16.99 -14.24
CA SER C 336 -30.53 17.37 -15.61
C SER C 336 -31.42 18.64 -15.72
N ILE C 337 -31.22 19.58 -14.78
CA ILE C 337 -31.87 20.88 -14.79
C ILE C 337 -30.87 22.03 -15.02
N THR C 338 -31.37 23.17 -15.49
CA THR C 338 -30.56 24.39 -15.67
C THR C 338 -30.53 25.26 -14.41
N GLY C 339 -29.54 26.15 -14.37
CA GLY C 339 -29.48 27.22 -13.38
C GLY C 339 -30.64 28.18 -13.57
N SER C 340 -30.94 28.49 -14.83
CA SER C 340 -32.08 29.40 -15.16
C SER C 340 -33.42 28.92 -14.58
N LYS C 341 -33.71 27.63 -14.76
CA LYS C 341 -34.88 27.00 -14.14
C LYS C 341 -34.84 27.06 -12.63
N LEU C 342 -33.69 26.76 -12.03
CA LEU C 342 -33.54 26.78 -10.56
C LEU C 342 -33.66 28.20 -9.99
N GLN C 343 -33.19 29.17 -10.76
CA GLN C 343 -33.37 30.59 -10.41
C GLN C 343 -34.86 30.98 -10.27
N GLU C 344 -35.68 30.54 -11.22
CA GLU C 344 -37.12 30.83 -11.22
C GLU C 344 -37.80 30.21 -10.02
N THR C 345 -37.49 28.94 -9.76
CA THR C 345 -38.05 28.22 -8.63
C THR C 345 -37.69 28.90 -7.30
N CYS C 346 -36.43 29.32 -7.18
CA CYS C 346 -35.97 29.98 -5.96
C CYS C 346 -36.63 31.36 -5.78
N ASN C 347 -36.85 32.06 -6.90
CA ASN C 347 -37.54 33.34 -6.86
C ASN C 347 -39.02 33.18 -6.44
N ALA C 348 -39.67 32.10 -6.89
CA ALA C 348 -41.07 31.77 -6.52
C ALA C 348 -41.24 31.48 -5.01
N ILE C 349 -40.13 31.05 -4.38
CA ILE C 349 -40.11 30.78 -2.95
C ILE C 349 -39.37 31.81 -2.08
N ASN C 350 -39.02 32.97 -2.64
CA ASN C 350 -38.22 33.99 -1.94
C ASN C 350 -36.76 33.62 -1.56
N VAL C 351 -36.13 32.79 -2.40
CA VAL C 351 -34.70 32.52 -2.25
C VAL C 351 -34.00 33.25 -3.40
N SER C 352 -33.07 34.13 -3.06
CA SER C 352 -32.33 34.87 -4.08
C SER C 352 -31.00 34.22 -4.41
N LEU C 353 -30.82 33.92 -5.69
CA LEU C 353 -29.57 33.39 -6.15
C LEU C 353 -29.45 33.71 -7.63
N ASN C 354 -28.34 33.32 -8.24
CA ASN C 354 -28.19 33.49 -9.67
C ASN C 354 -27.70 32.24 -10.35
N LYS C 355 -28.12 32.07 -11.59
CA LYS C 355 -27.56 31.05 -12.46
C LYS C 355 -26.07 31.34 -12.63
N ASN C 356 -25.30 30.29 -12.82
CA ASN C 356 -23.87 30.39 -13.03
C ASN C 356 -23.42 29.28 -13.96
N THR C 357 -22.37 29.57 -14.73
CA THR C 357 -21.73 28.55 -15.56
C THR C 357 -20.96 27.61 -14.65
N ILE C 358 -20.57 26.47 -15.23
CA ILE C 358 -19.63 25.52 -14.61
C ILE C 358 -18.53 25.24 -15.68
N PRO C 359 -17.44 24.50 -15.33
CA PRO C 359 -16.36 24.29 -16.31
C PRO C 359 -16.78 23.56 -17.58
N SER C 360 -17.60 22.53 -17.46
CA SER C 360 -18.09 21.77 -18.62
C SER C 360 -19.05 22.54 -19.57
N ASP C 361 -19.47 23.76 -19.20
CA ASP C 361 -20.36 24.57 -20.03
C ASP C 361 -19.64 25.19 -21.23
N VAL C 362 -20.25 25.05 -22.41
CA VAL C 362 -19.72 25.57 -23.68
C VAL C 362 -20.49 26.84 -24.08
N ASP C 363 -21.78 26.87 -23.75
CA ASP C 363 -22.67 27.96 -24.11
C ASP C 363 -23.28 28.57 -22.84
N CYS C 364 -23.18 29.90 -22.75
CA CYS C 364 -23.74 30.69 -21.63
C CYS C 364 -25.26 30.55 -21.50
N VAL C 365 -25.95 30.44 -22.64
CA VAL C 365 -27.36 30.01 -22.66
C VAL C 365 -27.37 28.51 -22.31
N SER C 366 -28.28 28.16 -21.39
CA SER C 366 -28.28 26.85 -20.69
C SER C 366 -26.99 26.66 -19.83
N PRO C 367 -26.83 27.46 -18.75
CA PRO C 367 -25.73 27.19 -17.81
C PRO C 367 -26.10 26.06 -16.84
N SER C 368 -25.09 25.33 -16.36
CA SER C 368 -25.36 24.15 -15.58
C SER C 368 -25.35 24.34 -14.06
N GLY C 369 -25.28 25.59 -13.60
CA GLY C 369 -25.23 25.83 -12.17
C GLY C 369 -25.95 27.03 -11.60
N VAL C 370 -25.99 27.06 -10.28
CA VAL C 370 -26.34 28.25 -9.54
C VAL C 370 -25.16 28.60 -8.65
N ARG C 371 -24.93 29.90 -8.44
CA ARG C 371 -23.97 30.34 -7.46
C ARG C 371 -24.69 30.83 -6.21
N ILE C 372 -24.14 30.53 -5.05
CA ILE C 372 -24.68 31.01 -3.79
C ILE C 372 -23.57 31.57 -2.87
N GLY C 373 -23.98 32.31 -1.85
CA GLY C 373 -23.01 32.89 -0.93
C GLY C 373 -23.63 33.29 0.38
N THR C 374 -22.77 33.36 1.40
CA THR C 374 -23.24 33.61 2.76
C THR C 374 -23.23 35.06 3.31
N PRO C 375 -22.64 36.05 2.59
CA PRO C 375 -22.53 37.39 3.23
C PRO C 375 -23.82 38.06 3.68
N ALA C 376 -24.85 38.06 2.83
CA ALA C 376 -26.12 38.66 3.21
C ALA C 376 -26.70 38.02 4.50
N MET C 377 -26.82 36.69 4.48
CA MET C 377 -27.46 35.94 5.55
C MET C 377 -26.66 36.01 6.84
N THR C 378 -25.33 36.01 6.70
CA THR C 378 -24.42 36.14 7.81
C THR C 378 -24.63 37.50 8.47
N THR C 379 -24.85 38.52 7.64
CA THR C 379 -25.20 39.87 8.12
C THR C 379 -26.52 39.85 8.93
N ARG C 380 -27.47 39.04 8.46
CA ARG C 380 -28.78 38.95 9.12
C ARG C 380 -28.85 38.01 10.34
N GLY C 381 -27.69 37.63 10.88
CA GLY C 381 -27.62 36.86 12.12
C GLY C 381 -27.73 35.34 12.01
N ALA C 382 -27.58 34.79 10.80
CA ALA C 382 -27.65 33.34 10.61
C ALA C 382 -26.32 32.68 10.92
N LYS C 383 -26.40 31.55 11.63
CA LYS C 383 -25.23 30.82 12.10
C LYS C 383 -25.10 29.46 11.38
N GLU C 384 -24.13 28.64 11.80
CA GLU C 384 -23.86 27.36 11.12
C GLU C 384 -25.05 26.40 11.10
N LYS C 385 -25.75 26.30 12.23
CA LYS C 385 -26.98 25.51 12.38
C LYS C 385 -28.11 25.91 11.43
N ASP C 386 -28.10 27.18 11.03
CA ASP C 386 -29.07 27.70 10.07
C ASP C 386 -28.80 27.22 8.65
N MET C 387 -27.56 26.78 8.40
CA MET C 387 -27.11 26.44 7.05
C MET C 387 -27.74 25.16 6.54
N GLU C 388 -28.05 24.24 7.46
CA GLU C 388 -28.73 22.98 7.15
C GLU C 388 -30.12 23.28 6.59
N PHE C 389 -30.80 24.23 7.22
CA PHE C 389 -32.10 24.69 6.76
C PHE C 389 -32.06 25.26 5.32
N ILE C 390 -31.07 26.11 5.02
CA ILE C 390 -30.95 26.73 3.69
C ILE C 390 -30.65 25.62 2.67
N ALA C 391 -29.69 24.78 3.04
CA ALA C 391 -29.41 23.54 2.34
C ALA C 391 -30.68 22.69 2.08
N ASP C 392 -31.53 22.56 3.12
CA ASP C 392 -32.80 21.83 2.98
C ASP C 392 -33.74 22.48 1.92
N VAL C 393 -33.85 23.81 1.96
CA VAL C 393 -34.72 24.55 1.04
C VAL C 393 -34.23 24.41 -0.40
N LEU C 394 -32.91 24.50 -0.61
CA LEU C 394 -32.34 24.37 -1.96
C LEU C 394 -32.54 22.98 -2.56
N ALA C 395 -32.34 21.98 -1.70
CA ALA C 395 -32.62 20.58 -2.02
C ALA C 395 -34.09 20.42 -2.50
N ARG C 396 -35.01 20.96 -1.71
CA ARG C 396 -36.45 20.84 -2.01
C ARG C 396 -36.77 21.62 -3.29
N ALA C 397 -36.16 22.80 -3.44
CA ALA C 397 -36.29 23.58 -4.68
C ALA C 397 -35.74 22.84 -5.89
N ILE C 398 -34.63 22.13 -5.72
CA ILE C 398 -34.06 21.34 -6.82
C ILE C 398 -35.08 20.27 -7.22
N LYS C 399 -35.57 19.53 -6.23
CA LYS C 399 -36.55 18.47 -6.46
C LYS C 399 -37.81 18.99 -7.17
N ILE C 400 -38.38 20.10 -6.67
CA ILE C 400 -39.57 20.70 -7.31
C ILE C 400 -39.28 21.06 -8.77
N THR C 401 -38.10 21.62 -9.04
CA THR C 401 -37.65 21.93 -10.40
C THR C 401 -37.60 20.69 -11.29
N VAL C 402 -37.17 19.57 -10.72
CA VAL C 402 -37.09 18.30 -11.45
C VAL C 402 -38.50 17.84 -11.86
N ASP C 403 -39.42 17.87 -10.90
CA ASP C 403 -40.84 17.52 -11.07
C ASP C 403 -41.52 18.42 -12.10
N LEU C 404 -41.39 19.73 -11.94
CA LEU C 404 -42.00 20.70 -12.85
C LEU C 404 -41.47 20.60 -14.28
N GLN C 405 -40.22 20.18 -14.42
CA GLN C 405 -39.63 19.96 -15.73
C GLN C 405 -40.25 18.73 -16.40
N GLU C 406 -40.46 17.67 -15.60
CA GLU C 406 -41.08 16.44 -16.04
C GLU C 406 -42.52 16.67 -16.53
N GLN C 407 -43.26 17.49 -15.78
CA GLN C 407 -44.65 17.84 -16.11
C GLN C 407 -44.83 18.75 -17.32
N TYR C 408 -43.96 19.75 -17.44
CA TYR C 408 -44.14 20.81 -18.40
C TYR C 408 -43.12 20.88 -19.54
N GLY C 409 -42.02 20.14 -19.43
CA GLY C 409 -40.99 20.11 -20.46
C GLY C 409 -39.75 20.96 -20.19
N LYS C 410 -38.79 20.87 -21.10
CA LYS C 410 -37.48 21.52 -20.96
C LYS C 410 -37.48 23.03 -21.30
N LYS C 411 -38.52 23.50 -21.99
CA LYS C 411 -38.59 24.94 -22.35
C LYS C 411 -38.97 25.80 -21.14
N LEU C 412 -38.29 26.94 -21.00
CA LEU C 412 -38.41 27.80 -19.81
C LEU C 412 -39.78 28.45 -19.66
N VAL C 413 -40.33 28.94 -20.78
CA VAL C 413 -41.71 29.47 -20.81
C VAL C 413 -42.68 28.39 -20.31
N ASP C 414 -42.54 27.18 -20.84
CA ASP C 414 -43.34 26.04 -20.41
C ASP C 414 -43.13 25.76 -18.92
N PHE C 415 -41.86 25.73 -18.50
CA PHE C 415 -41.51 25.48 -17.12
C PHE C 415 -42.22 26.42 -16.15
N LYS C 416 -42.30 27.70 -16.49
CA LYS C 416 -42.84 28.75 -15.60
C LYS C 416 -44.34 28.64 -15.35
N LYS C 417 -45.06 28.00 -16.28
CA LYS C 417 -46.50 27.72 -16.14
C LYS C 417 -46.76 26.91 -14.86
N GLY C 418 -45.82 26.02 -14.53
CA GLY C 418 -45.88 25.18 -13.33
C GLY C 418 -45.78 25.89 -11.98
N LEU C 419 -45.06 27.03 -11.96
CA LEU C 419 -44.76 27.72 -10.68
C LEU C 419 -45.98 28.31 -9.94
N PRO C 420 -46.86 29.06 -10.66
CA PRO C 420 -47.94 29.70 -9.89
C PRO C 420 -48.97 28.70 -9.35
N GLY C 421 -49.36 28.91 -8.10
CA GLY C 421 -50.32 28.04 -7.41
C GLY C 421 -49.89 26.62 -7.01
N ASN C 422 -48.63 26.25 -7.28
CA ASN C 422 -48.05 24.96 -6.88
C ASN C 422 -48.07 24.82 -5.35
N ALA C 423 -48.70 23.75 -4.88
CA ALA C 423 -48.93 23.53 -3.44
C ALA C 423 -47.63 23.51 -2.62
N GLN C 424 -46.61 22.82 -3.14
CA GLN C 424 -45.31 22.69 -2.48
C GLN C 424 -44.55 24.01 -2.48
N LEU C 425 -44.53 24.70 -3.63
CA LEU C 425 -43.89 26.02 -3.72
C LEU C 425 -44.50 27.02 -2.73
N GLN C 426 -45.83 27.00 -2.62
CA GLN C 426 -46.53 27.86 -1.65
C GLN C 426 -46.12 27.52 -0.22
N GLN C 427 -46.16 26.24 0.13
CA GLN C 427 -45.73 25.75 1.44
C GLN C 427 -44.26 26.08 1.71
N LEU C 428 -43.42 25.86 0.70
CA LEU C 428 -42.00 26.18 0.80
C LEU C 428 -41.77 27.68 0.99
N LYS C 429 -42.38 28.52 0.15
CA LYS C 429 -42.30 29.98 0.27
C LYS C 429 -42.63 30.45 1.70
N GLN C 430 -43.73 29.90 2.22
CA GLN C 430 -44.21 30.19 3.56
C GLN C 430 -43.12 29.90 4.59
N GLU C 431 -42.49 28.74 4.49
CA GLU C 431 -41.31 28.39 5.32
C GLU C 431 -40.17 29.43 5.19
N VAL C 432 -39.85 29.82 3.96
CA VAL C 432 -38.80 30.80 3.72
C VAL C 432 -39.14 32.15 4.36
N VAL C 433 -40.35 32.65 4.06
CA VAL C 433 -40.87 33.92 4.57
C VAL C 433 -40.86 33.93 6.09
N THR C 434 -41.42 32.87 6.68
CA THR C 434 -41.61 32.77 8.13
C THR C 434 -40.29 32.91 8.85
N TRP C 435 -39.25 32.24 8.34
CA TRP C 435 -37.95 32.33 8.97
C TRP C 435 -37.19 33.60 8.62
N ALA C 436 -37.10 33.92 7.32
CA ALA C 436 -36.35 35.11 6.82
C ALA C 436 -36.89 36.40 7.42
N GLY C 437 -38.22 36.52 7.44
CA GLY C 437 -38.95 37.69 7.96
C GLY C 437 -38.64 38.04 9.41
N ALA C 438 -38.22 37.04 10.18
CA ALA C 438 -37.96 37.17 11.62
C ALA C 438 -36.54 37.64 11.99
N LEU C 439 -35.62 37.52 11.05
CA LEU C 439 -34.20 37.78 11.30
C LEU C 439 -33.87 39.26 11.41
N PRO C 440 -32.81 39.62 12.19
CA PRO C 440 -32.36 41.01 12.21
C PRO C 440 -32.19 41.57 10.77
N PHE C 441 -32.66 42.80 10.58
CA PHE C 441 -32.69 43.44 9.28
C PHE C 441 -32.24 44.90 9.41
N PRO C 442 -31.07 45.24 8.84
CA PRO C 442 -30.74 46.66 8.84
C PRO C 442 -31.59 47.38 7.80
#